data_6V1D
# 
_entry.id   6V1D 
# 
_audit_conform.dict_name       mmcif_pdbx.dic 
_audit_conform.dict_version    5.399 
_audit_conform.dict_location   http://mmcif.pdb.org/dictionaries/ascii/mmcif_pdbx.dic 
# 
loop_
_database_2.database_id 
_database_2.database_code 
_database_2.pdbx_database_accession 
_database_2.pdbx_DOI 
PDB   6V1D         pdb_00006v1d 10.2210/pdb6v1d/pdb 
WWPDB D_1000245281 ?            ?                   
# 
loop_
_pdbx_audit_revision_history.ordinal 
_pdbx_audit_revision_history.data_content_type 
_pdbx_audit_revision_history.major_revision 
_pdbx_audit_revision_history.minor_revision 
_pdbx_audit_revision_history.revision_date 
1 'Structure model' 1 0 2019-12-11 
2 'Structure model' 1 1 2020-05-27 
3 'Structure model' 1 2 2023-10-11 
4 'Structure model' 1 3 2024-11-20 
# 
_pdbx_audit_revision_details.ordinal             1 
_pdbx_audit_revision_details.revision_ordinal    1 
_pdbx_audit_revision_details.data_content_type   'Structure model' 
_pdbx_audit_revision_details.provider            repository 
_pdbx_audit_revision_details.type                'Initial release' 
_pdbx_audit_revision_details.description         ? 
_pdbx_audit_revision_details.details             ? 
# 
loop_
_pdbx_audit_revision_group.ordinal 
_pdbx_audit_revision_group.revision_ordinal 
_pdbx_audit_revision_group.data_content_type 
_pdbx_audit_revision_group.group 
1 2 'Structure model' 'Database references'    
2 3 'Structure model' 'Data collection'        
3 3 'Structure model' 'Database references'    
4 3 'Structure model' 'Refinement description' 
5 4 'Structure model' 'Structure summary'      
# 
loop_
_pdbx_audit_revision_category.ordinal 
_pdbx_audit_revision_category.revision_ordinal 
_pdbx_audit_revision_category.data_content_type 
_pdbx_audit_revision_category.category 
1 2 'Structure model' citation                      
2 2 'Structure model' citation_author               
3 3 'Structure model' chem_comp_atom                
4 3 'Structure model' chem_comp_bond                
5 3 'Structure model' database_2                    
6 3 'Structure model' pdbx_initial_refinement_model 
7 4 'Structure model' pdbx_entry_details            
8 4 'Structure model' pdbx_modification_feature     
# 
loop_
_pdbx_audit_revision_item.ordinal 
_pdbx_audit_revision_item.revision_ordinal 
_pdbx_audit_revision_item.data_content_type 
_pdbx_audit_revision_item.item 
1  2 'Structure model' '_citation.country'                            
2  2 'Structure model' '_citation.journal_abbrev'                     
3  2 'Structure model' '_citation.journal_id_ISSN'                    
4  2 'Structure model' '_citation.journal_volume'                     
5  2 'Structure model' '_citation.page_first'                         
6  2 'Structure model' '_citation.page_last'                          
7  2 'Structure model' '_citation.pdbx_database_id_DOI'               
8  2 'Structure model' '_citation.pdbx_database_id_PubMed'            
9  2 'Structure model' '_citation.title'                              
10 2 'Structure model' '_citation.year'                               
11 3 'Structure model' '_database_2.pdbx_DOI'                         
12 3 'Structure model' '_database_2.pdbx_database_accession'          
13 4 'Structure model' '_pdbx_entry_details.has_protein_modification' 
# 
_pdbx_database_status.status_code                     REL 
_pdbx_database_status.status_code_sf                  REL 
_pdbx_database_status.status_code_mr                  ? 
_pdbx_database_status.entry_id                        6V1D 
_pdbx_database_status.recvd_initial_deposition_date   2019-11-20 
_pdbx_database_status.SG_entry                        N 
_pdbx_database_status.deposit_site                    RCSB 
_pdbx_database_status.process_site                    RCSB 
_pdbx_database_status.status_code_cs                  ? 
_pdbx_database_status.methods_development_category    ? 
_pdbx_database_status.pdb_format_compatible           Y 
_pdbx_database_status.status_code_nmr_data            ? 
# 
loop_
_audit_author.name 
_audit_author.pdbx_ordinal 
_audit_author.identifier_ORCID 
'Jarva, M.A.'          1 0000-0002-8519-5622 
'Lingford, J.P.'       2 0000-0003-1980-3949 
'John, A.'             3 0000-0002-6855-5470 
'Scott, N.E.'          4 0000-0003-2556-8316 
'Goddard-Borger, E.D.' 5 0000-0002-8181-9733 
# 
_citation.abstract                  ? 
_citation.abstract_id_CAS           ? 
_citation.book_id_ISBN              ? 
_citation.book_publisher            ? 
_citation.book_publisher_city       ? 
_citation.book_title                ? 
_citation.coordinate_linkage        ? 
_citation.country                   UK 
_citation.database_id_Medline       ? 
_citation.details                   ? 
_citation.id                        primary 
_citation.journal_abbrev            'Nat Commun' 
_citation.journal_id_ASTM           ? 
_citation.journal_id_CSD            ? 
_citation.journal_id_ISSN           2041-1723 
_citation.journal_full              ? 
_citation.journal_issue             ? 
_citation.journal_volume            11 
_citation.language                  ? 
_citation.page_first                2265 
_citation.page_last                 2265 
_citation.title                     'Trefoil factors share a lectin activity that defines their role in mucus.' 
_citation.year                      2020 
_citation.database_id_CSD           ? 
_citation.pdbx_database_id_DOI      10.1038/s41467-020-16223-7 
_citation.pdbx_database_id_PubMed   32404934 
_citation.unpublished_flag          ? 
# 
loop_
_citation_author.citation_id 
_citation_author.name 
_citation_author.ordinal 
_citation_author.identifier_ORCID 
primary 'Jarva, M.A.'          1 0000-0002-8519-5622 
primary 'Lingford, J.P.'       2 ?                   
primary 'John, A.'             3 ?                   
primary 'Soler, N.M.'          4 ?                   
primary 'Scott, N.E.'          5 0000-0003-2556-8316 
primary 'Goddard-Borger, E.D.' 6 0000-0002-8181-9733 
# 
loop_
_entity.id 
_entity.type 
_entity.src_method 
_entity.pdbx_description 
_entity.formula_weight 
_entity.pdbx_number_of_molecules 
_entity.pdbx_ec 
_entity.pdbx_mutation 
_entity.pdbx_fragment 
_entity.details 
1 polymer man 'Trefoil factor 1' 5657.375 3  ? ? ? ? 
2 water   nat water              18.015   96 ? ? ? ? 
# 
_entity_name_com.entity_id   1 
_entity_name_com.name        'Breast cancer estrogen-inducible protein,PNR-2,Polypeptide P1.A,hP1.A,Protein pS2' 
# 
_entity_poly.entity_id                      1 
_entity_poly.type                           'polypeptide(L)' 
_entity_poly.nstd_linkage                   no 
_entity_poly.nstd_monomer                   yes 
_entity_poly.pdbx_seq_one_letter_code       '(PCA)TETCTVAPRERQNCGFPGVTPSQCANKGCCFDDTVRGVPWCFYPNTILEK' 
_entity_poly.pdbx_seq_one_letter_code_can   QTETCTVAPRERQNCGFPGVTPSQCANKGCCFDDTVRGVPWCFYPNTILEK 
_entity_poly.pdbx_strand_id                 A,B,C 
_entity_poly.pdbx_target_identifier         ? 
# 
_pdbx_entity_nonpoly.entity_id   2 
_pdbx_entity_nonpoly.name        water 
_pdbx_entity_nonpoly.comp_id     HOH 
# 
loop_
_entity_poly_seq.entity_id 
_entity_poly_seq.num 
_entity_poly_seq.mon_id 
_entity_poly_seq.hetero 
1 1  PCA n 
1 2  THR n 
1 3  GLU n 
1 4  THR n 
1 5  CYS n 
1 6  THR n 
1 7  VAL n 
1 8  ALA n 
1 9  PRO n 
1 10 ARG n 
1 11 GLU n 
1 12 ARG n 
1 13 GLN n 
1 14 ASN n 
1 15 CYS n 
1 16 GLY n 
1 17 PHE n 
1 18 PRO n 
1 19 GLY n 
1 20 VAL n 
1 21 THR n 
1 22 PRO n 
1 23 SER n 
1 24 GLN n 
1 25 CYS n 
1 26 ALA n 
1 27 ASN n 
1 28 LYS n 
1 29 GLY n 
1 30 CYS n 
1 31 CYS n 
1 32 PHE n 
1 33 ASP n 
1 34 ASP n 
1 35 THR n 
1 36 VAL n 
1 37 ARG n 
1 38 GLY n 
1 39 VAL n 
1 40 PRO n 
1 41 TRP n 
1 42 CYS n 
1 43 PHE n 
1 44 TYR n 
1 45 PRO n 
1 46 ASN n 
1 47 THR n 
1 48 ILE n 
1 49 LEU n 
1 50 GLU n 
1 51 LYS n 
# 
_entity_src_gen.entity_id                          1 
_entity_src_gen.pdbx_src_id                        1 
_entity_src_gen.pdbx_alt_source_flag               sample 
_entity_src_gen.pdbx_seq_type                      'Biological sequence' 
_entity_src_gen.pdbx_beg_seq_num                   1 
_entity_src_gen.pdbx_end_seq_num                   51 
_entity_src_gen.gene_src_common_name               Human 
_entity_src_gen.gene_src_genus                     ? 
_entity_src_gen.pdbx_gene_src_gene                 'TFF1, BCEI, PS2' 
_entity_src_gen.gene_src_species                   ? 
_entity_src_gen.gene_src_strain                    ? 
_entity_src_gen.gene_src_tissue                    ? 
_entity_src_gen.gene_src_tissue_fraction           ? 
_entity_src_gen.gene_src_details                   ? 
_entity_src_gen.pdbx_gene_src_fragment             ? 
_entity_src_gen.pdbx_gene_src_scientific_name      'Homo sapiens' 
_entity_src_gen.pdbx_gene_src_ncbi_taxonomy_id     9606 
_entity_src_gen.pdbx_gene_src_variant              ? 
_entity_src_gen.pdbx_gene_src_cell_line            ? 
_entity_src_gen.pdbx_gene_src_atcc                 ? 
_entity_src_gen.pdbx_gene_src_organ                ? 
_entity_src_gen.pdbx_gene_src_organelle            ? 
_entity_src_gen.pdbx_gene_src_cell                 ? 
_entity_src_gen.pdbx_gene_src_cellular_location    ? 
_entity_src_gen.host_org_common_name               ? 
_entity_src_gen.pdbx_host_org_scientific_name      'Escherichia coli' 
_entity_src_gen.pdbx_host_org_ncbi_taxonomy_id     562 
_entity_src_gen.host_org_genus                     ? 
_entity_src_gen.pdbx_host_org_gene                 ? 
_entity_src_gen.pdbx_host_org_organ                ? 
_entity_src_gen.host_org_species                   ? 
_entity_src_gen.pdbx_host_org_tissue               ? 
_entity_src_gen.pdbx_host_org_tissue_fraction      ? 
_entity_src_gen.pdbx_host_org_strain               ? 
_entity_src_gen.pdbx_host_org_variant              ? 
_entity_src_gen.pdbx_host_org_cell_line            ? 
_entity_src_gen.pdbx_host_org_atcc                 ? 
_entity_src_gen.pdbx_host_org_culture_collection   ? 
_entity_src_gen.pdbx_host_org_cell                 ? 
_entity_src_gen.pdbx_host_org_organelle            ? 
_entity_src_gen.pdbx_host_org_cellular_location    ? 
_entity_src_gen.pdbx_host_org_vector_type          ? 
_entity_src_gen.pdbx_host_org_vector               ? 
_entity_src_gen.host_org_details                   ? 
_entity_src_gen.expression_system_id               ? 
_entity_src_gen.plasmid_name                       ? 
_entity_src_gen.plasmid_details                    ? 
_entity_src_gen.pdbx_description                   ? 
# 
loop_
_chem_comp.id 
_chem_comp.type 
_chem_comp.mon_nstd_flag 
_chem_comp.name 
_chem_comp.pdbx_synonyms 
_chem_comp.formula 
_chem_comp.formula_weight 
ALA 'L-peptide linking' y ALANINE             ? 'C3 H7 N O2'     89.093  
ARG 'L-peptide linking' y ARGININE            ? 'C6 H15 N4 O2 1' 175.209 
ASN 'L-peptide linking' y ASPARAGINE          ? 'C4 H8 N2 O3'    132.118 
ASP 'L-peptide linking' y 'ASPARTIC ACID'     ? 'C4 H7 N O4'     133.103 
CYS 'L-peptide linking' y CYSTEINE            ? 'C3 H7 N O2 S'   121.158 
GLN 'L-peptide linking' y GLUTAMINE           ? 'C5 H10 N2 O3'   146.144 
GLU 'L-peptide linking' y 'GLUTAMIC ACID'     ? 'C5 H9 N O4'     147.129 
GLY 'peptide linking'   y GLYCINE             ? 'C2 H5 N O2'     75.067  
HOH non-polymer         . WATER               ? 'H2 O'           18.015  
ILE 'L-peptide linking' y ISOLEUCINE          ? 'C6 H13 N O2'    131.173 
LEU 'L-peptide linking' y LEUCINE             ? 'C6 H13 N O2'    131.173 
LYS 'L-peptide linking' y LYSINE              ? 'C6 H15 N2 O2 1' 147.195 
PCA 'L-peptide linking' n 'PYROGLUTAMIC ACID' ? 'C5 H7 N O3'     129.114 
PHE 'L-peptide linking' y PHENYLALANINE       ? 'C9 H11 N O2'    165.189 
PRO 'L-peptide linking' y PROLINE             ? 'C5 H9 N O2'     115.130 
SER 'L-peptide linking' y SERINE              ? 'C3 H7 N O3'     105.093 
THR 'L-peptide linking' y THREONINE           ? 'C4 H9 N O3'     119.119 
TRP 'L-peptide linking' y TRYPTOPHAN          ? 'C11 H12 N2 O2'  204.225 
TYR 'L-peptide linking' y TYROSINE            ? 'C9 H11 N O3'    181.189 
VAL 'L-peptide linking' y VALINE              ? 'C5 H11 N O2'    117.146 
# 
loop_
_pdbx_poly_seq_scheme.asym_id 
_pdbx_poly_seq_scheme.entity_id 
_pdbx_poly_seq_scheme.seq_id 
_pdbx_poly_seq_scheme.mon_id 
_pdbx_poly_seq_scheme.ndb_seq_num 
_pdbx_poly_seq_scheme.pdb_seq_num 
_pdbx_poly_seq_scheme.auth_seq_num 
_pdbx_poly_seq_scheme.pdb_mon_id 
_pdbx_poly_seq_scheme.auth_mon_id 
_pdbx_poly_seq_scheme.pdb_strand_id 
_pdbx_poly_seq_scheme.pdb_ins_code 
_pdbx_poly_seq_scheme.hetero 
A 1 1  PCA 1  1  1  PCA PCA A . n 
A 1 2  THR 2  2  2  THR THR A . n 
A 1 3  GLU 3  3  3  GLU GLU A . n 
A 1 4  THR 4  4  4  THR THR A . n 
A 1 5  CYS 5  5  5  CYS CYS A . n 
A 1 6  THR 6  6  6  THR THR A . n 
A 1 7  VAL 7  7  7  VAL VAL A . n 
A 1 8  ALA 8  8  8  ALA ALA A . n 
A 1 9  PRO 9  9  9  PRO PRO A . n 
A 1 10 ARG 10 10 10 ARG ARG A . n 
A 1 11 GLU 11 11 11 GLU GLU A . n 
A 1 12 ARG 12 12 12 ARG ARG A . n 
A 1 13 GLN 13 13 13 GLN GLN A . n 
A 1 14 ASN 14 14 14 ASN ASN A . n 
A 1 15 CYS 15 15 15 CYS CYS A . n 
A 1 16 GLY 16 16 16 GLY GLY A . n 
A 1 17 PHE 17 17 17 PHE PHE A . n 
A 1 18 PRO 18 18 18 PRO PRO A . n 
A 1 19 GLY 19 19 19 GLY GLY A . n 
A 1 20 VAL 20 20 20 VAL VAL A . n 
A 1 21 THR 21 21 21 THR THR A . n 
A 1 22 PRO 22 22 22 PRO PRO A . n 
A 1 23 SER 23 23 23 SER SER A . n 
A 1 24 GLN 24 24 24 GLN GLN A . n 
A 1 25 CYS 25 25 25 CYS CYS A . n 
A 1 26 ALA 26 26 26 ALA ALA A . n 
A 1 27 ASN 27 27 27 ASN ASN A . n 
A 1 28 LYS 28 28 28 LYS LYS A . n 
A 1 29 GLY 29 29 29 GLY GLY A . n 
A 1 30 CYS 30 30 30 CYS CYS A . n 
A 1 31 CYS 31 31 31 CYS CYS A . n 
A 1 32 PHE 32 32 32 PHE PHE A . n 
A 1 33 ASP 33 33 33 ASP ASP A . n 
A 1 34 ASP 34 34 34 ASP ASP A . n 
A 1 35 THR 35 35 35 THR THR A . n 
A 1 36 VAL 36 36 36 VAL VAL A . n 
A 1 37 ARG 37 37 37 ARG ARG A . n 
A 1 38 GLY 38 38 38 GLY GLY A . n 
A 1 39 VAL 39 39 39 VAL VAL A . n 
A 1 40 PRO 40 40 40 PRO PRO A . n 
A 1 41 TRP 41 41 41 TRP TRP A . n 
A 1 42 CYS 42 42 42 CYS CYS A . n 
A 1 43 PHE 43 43 43 PHE PHE A . n 
A 1 44 TYR 44 44 44 TYR TYR A . n 
A 1 45 PRO 45 45 45 PRO PRO A . n 
A 1 46 ASN 46 46 46 ASN ASN A . n 
A 1 47 THR 47 47 47 THR THR A . n 
A 1 48 ILE 48 48 48 ILE ILE A . n 
A 1 49 LEU 49 49 49 LEU LEU A . n 
A 1 50 GLU 50 50 ?  ?   ?   A . n 
A 1 51 LYS 51 51 ?  ?   ?   A . n 
B 1 1  PCA 1  1  1  PCA PCA B . n 
B 1 2  THR 2  2  2  THR THR B . n 
B 1 3  GLU 3  3  3  GLU GLU B . n 
B 1 4  THR 4  4  4  THR THR B . n 
B 1 5  CYS 5  5  5  CYS CYS B . n 
B 1 6  THR 6  6  6  THR THR B . n 
B 1 7  VAL 7  7  7  VAL VAL B . n 
B 1 8  ALA 8  8  8  ALA ALA B . n 
B 1 9  PRO 9  9  9  PRO PRO B . n 
B 1 10 ARG 10 10 10 ARG ARG B . n 
B 1 11 GLU 11 11 11 GLU GLU B . n 
B 1 12 ARG 12 12 12 ARG ARG B . n 
B 1 13 GLN 13 13 13 GLN GLN B . n 
B 1 14 ASN 14 14 14 ASN ASN B . n 
B 1 15 CYS 15 15 15 CYS CYS B . n 
B 1 16 GLY 16 16 16 GLY GLY B . n 
B 1 17 PHE 17 17 17 PHE PHE B . n 
B 1 18 PRO 18 18 18 PRO PRO B . n 
B 1 19 GLY 19 19 19 GLY GLY B . n 
B 1 20 VAL 20 20 20 VAL VAL B . n 
B 1 21 THR 21 21 21 THR THR B . n 
B 1 22 PRO 22 22 22 PRO PRO B . n 
B 1 23 SER 23 23 23 SER SER B . n 
B 1 24 GLN 24 24 24 GLN GLN B . n 
B 1 25 CYS 25 25 25 CYS CYS B . n 
B 1 26 ALA 26 26 26 ALA ALA B . n 
B 1 27 ASN 27 27 27 ASN ASN B . n 
B 1 28 LYS 28 28 28 LYS LYS B . n 
B 1 29 GLY 29 29 29 GLY GLY B . n 
B 1 30 CYS 30 30 30 CYS CYS B . n 
B 1 31 CYS 31 31 31 CYS CYS B . n 
B 1 32 PHE 32 32 32 PHE PHE B . n 
B 1 33 ASP 33 33 33 ASP ASP B . n 
B 1 34 ASP 34 34 34 ASP ASP B . n 
B 1 35 THR 35 35 35 THR THR B . n 
B 1 36 VAL 36 36 36 VAL VAL B . n 
B 1 37 ARG 37 37 37 ARG ARG B . n 
B 1 38 GLY 38 38 38 GLY GLY B . n 
B 1 39 VAL 39 39 39 VAL VAL B . n 
B 1 40 PRO 40 40 40 PRO PRO B . n 
B 1 41 TRP 41 41 41 TRP TRP B . n 
B 1 42 CYS 42 42 42 CYS CYS B . n 
B 1 43 PHE 43 43 43 PHE PHE B . n 
B 1 44 TYR 44 44 44 TYR TYR B . n 
B 1 45 PRO 45 45 45 PRO PRO B . n 
B 1 46 ASN 46 46 46 ASN ASN B . n 
B 1 47 THR 47 47 47 THR THR B . n 
B 1 48 ILE 48 48 48 ILE ILE B . n 
B 1 49 LEU 49 49 49 LEU LEU B . n 
B 1 50 GLU 50 50 ?  ?   ?   B . n 
B 1 51 LYS 51 51 ?  ?   ?   B . n 
C 1 1  PCA 1  1  1  PCA PCA C . n 
C 1 2  THR 2  2  2  THR THR C . n 
C 1 3  GLU 3  3  3  GLU GLU C . n 
C 1 4  THR 4  4  4  THR THR C . n 
C 1 5  CYS 5  5  5  CYS CYS C . n 
C 1 6  THR 6  6  6  THR THR C . n 
C 1 7  VAL 7  7  7  VAL VAL C . n 
C 1 8  ALA 8  8  8  ALA ALA C . n 
C 1 9  PRO 9  9  9  PRO PRO C . n 
C 1 10 ARG 10 10 10 ARG ARG C . n 
C 1 11 GLU 11 11 11 GLU GLU C . n 
C 1 12 ARG 12 12 12 ARG ARG C . n 
C 1 13 GLN 13 13 13 GLN GLN C . n 
C 1 14 ASN 14 14 14 ASN ASN C . n 
C 1 15 CYS 15 15 15 CYS CYS C . n 
C 1 16 GLY 16 16 16 GLY GLY C . n 
C 1 17 PHE 17 17 17 PHE PHE C . n 
C 1 18 PRO 18 18 18 PRO PRO C . n 
C 1 19 GLY 19 19 19 GLY GLY C . n 
C 1 20 VAL 20 20 20 VAL VAL C . n 
C 1 21 THR 21 21 21 THR THR C . n 
C 1 22 PRO 22 22 22 PRO PRO C . n 
C 1 23 SER 23 23 23 SER SER C . n 
C 1 24 GLN 24 24 24 GLN GLN C . n 
C 1 25 CYS 25 25 25 CYS CYS C . n 
C 1 26 ALA 26 26 26 ALA ALA C . n 
C 1 27 ASN 27 27 27 ASN ASN C . n 
C 1 28 LYS 28 28 28 LYS LYS C . n 
C 1 29 GLY 29 29 29 GLY GLY C . n 
C 1 30 CYS 30 30 30 CYS CYS C . n 
C 1 31 CYS 31 31 31 CYS CYS C . n 
C 1 32 PHE 32 32 32 PHE PHE C . n 
C 1 33 ASP 33 33 33 ASP ASP C . n 
C 1 34 ASP 34 34 34 ASP ASP C . n 
C 1 35 THR 35 35 35 THR THR C . n 
C 1 36 VAL 36 36 36 VAL VAL C . n 
C 1 37 ARG 37 37 37 ARG ARG C . n 
C 1 38 GLY 38 38 38 GLY GLY C . n 
C 1 39 VAL 39 39 39 VAL VAL C . n 
C 1 40 PRO 40 40 40 PRO PRO C . n 
C 1 41 TRP 41 41 41 TRP TRP C . n 
C 1 42 CYS 42 42 42 CYS CYS C . n 
C 1 43 PHE 43 43 43 PHE PHE C . n 
C 1 44 TYR 44 44 44 TYR TYR C . n 
C 1 45 PRO 45 45 45 PRO PRO C . n 
C 1 46 ASN 46 46 46 ASN ASN C . n 
C 1 47 THR 47 47 47 THR THR C . n 
C 1 48 ILE 48 48 48 ILE ILE C . n 
C 1 49 LEU 49 49 ?  ?   ?   C . n 
C 1 50 GLU 50 50 ?  ?   ?   C . n 
C 1 51 LYS 51 51 ?  ?   ?   C . n 
# 
loop_
_pdbx_nonpoly_scheme.asym_id 
_pdbx_nonpoly_scheme.entity_id 
_pdbx_nonpoly_scheme.mon_id 
_pdbx_nonpoly_scheme.ndb_seq_num 
_pdbx_nonpoly_scheme.pdb_seq_num 
_pdbx_nonpoly_scheme.auth_seq_num 
_pdbx_nonpoly_scheme.pdb_mon_id 
_pdbx_nonpoly_scheme.auth_mon_id 
_pdbx_nonpoly_scheme.pdb_strand_id 
_pdbx_nonpoly_scheme.pdb_ins_code 
D 2 HOH 1  101 94 HOH HOH A . 
D 2 HOH 2  102 32 HOH HOH A . 
D 2 HOH 3  103 65 HOH HOH A . 
D 2 HOH 4  104 95 HOH HOH A . 
D 2 HOH 5  105 24 HOH HOH A . 
D 2 HOH 6  106 61 HOH HOH A . 
D 2 HOH 7  107 49 HOH HOH A . 
D 2 HOH 8  108 44 HOH HOH A . 
D 2 HOH 9  109 63 HOH HOH A . 
D 2 HOH 10 110 68 HOH HOH A . 
D 2 HOH 11 111 60 HOH HOH A . 
D 2 HOH 12 112 56 HOH HOH A . 
D 2 HOH 13 113 96 HOH HOH A . 
D 2 HOH 14 114 71 HOH HOH A . 
D 2 HOH 15 115 11 HOH HOH A . 
D 2 HOH 16 116 3  HOH HOH A . 
D 2 HOH 17 117 2  HOH HOH A . 
D 2 HOH 18 118 41 HOH HOH A . 
D 2 HOH 19 119 54 HOH HOH A . 
D 2 HOH 20 120 9  HOH HOH A . 
D 2 HOH 21 121 45 HOH HOH A . 
D 2 HOH 22 122 76 HOH HOH A . 
D 2 HOH 23 123 47 HOH HOH A . 
D 2 HOH 24 124 17 HOH HOH A . 
D 2 HOH 25 125 50 HOH HOH A . 
D 2 HOH 26 126 53 HOH HOH A . 
D 2 HOH 27 127 82 HOH HOH A . 
D 2 HOH 28 128 34 HOH HOH A . 
D 2 HOH 29 129 37 HOH HOH A . 
D 2 HOH 30 130 83 HOH HOH A . 
D 2 HOH 31 131 66 HOH HOH A . 
D 2 HOH 32 132 70 HOH HOH A . 
D 2 HOH 33 133 15 HOH HOH A . 
D 2 HOH 34 134 77 HOH HOH A . 
E 2 HOH 1  101 64 HOH HOH B . 
E 2 HOH 2  102 33 HOH HOH B . 
E 2 HOH 3  103 12 HOH HOH B . 
E 2 HOH 4  104 46 HOH HOH B . 
E 2 HOH 5  105 62 HOH HOH B . 
E 2 HOH 6  106 10 HOH HOH B . 
E 2 HOH 7  107 21 HOH HOH B . 
E 2 HOH 8  108 23 HOH HOH B . 
E 2 HOH 9  109 51 HOH HOH B . 
E 2 HOH 10 110 1  HOH HOH B . 
E 2 HOH 11 111 8  HOH HOH B . 
E 2 HOH 12 112 22 HOH HOH B . 
E 2 HOH 13 113 43 HOH HOH B . 
E 2 HOH 14 114 93 HOH HOH B . 
E 2 HOH 15 115 72 HOH HOH B . 
E 2 HOH 16 116 26 HOH HOH B . 
E 2 HOH 17 117 35 HOH HOH B . 
E 2 HOH 18 118 59 HOH HOH B . 
E 2 HOH 19 119 42 HOH HOH B . 
E 2 HOH 20 120 16 HOH HOH B . 
E 2 HOH 21 121 84 HOH HOH B . 
E 2 HOH 22 122 29 HOH HOH B . 
E 2 HOH 23 123 18 HOH HOH B . 
E 2 HOH 24 124 55 HOH HOH B . 
E 2 HOH 25 125 79 HOH HOH B . 
E 2 HOH 26 126 73 HOH HOH B . 
E 2 HOH 27 127 74 HOH HOH B . 
E 2 HOH 28 128 85 HOH HOH B . 
E 2 HOH 29 129 58 HOH HOH B . 
E 2 HOH 30 130 78 HOH HOH B . 
E 2 HOH 31 131 38 HOH HOH B . 
E 2 HOH 32 132 87 HOH HOH B . 
E 2 HOH 33 133 30 HOH HOH B . 
E 2 HOH 34 134 67 HOH HOH B . 
F 2 HOH 1  101 27 HOH HOH C . 
F 2 HOH 2  102 19 HOH HOH C . 
F 2 HOH 3  103 6  HOH HOH C . 
F 2 HOH 4  104 39 HOH HOH C . 
F 2 HOH 5  105 28 HOH HOH C . 
F 2 HOH 6  106 4  HOH HOH C . 
F 2 HOH 7  107 36 HOH HOH C . 
F 2 HOH 8  108 5  HOH HOH C . 
F 2 HOH 9  109 25 HOH HOH C . 
F 2 HOH 10 110 20 HOH HOH C . 
F 2 HOH 11 111 40 HOH HOH C . 
F 2 HOH 12 112 13 HOH HOH C . 
F 2 HOH 13 113 52 HOH HOH C . 
F 2 HOH 14 114 90 HOH HOH C . 
F 2 HOH 15 115 89 HOH HOH C . 
F 2 HOH 16 116 31 HOH HOH C . 
F 2 HOH 17 117 75 HOH HOH C . 
F 2 HOH 18 118 81 HOH HOH C . 
F 2 HOH 19 119 86 HOH HOH C . 
F 2 HOH 20 120 92 HOH HOH C . 
F 2 HOH 21 121 7  HOH HOH C . 
F 2 HOH 22 122 48 HOH HOH C . 
F 2 HOH 23 123 14 HOH HOH C . 
F 2 HOH 24 124 88 HOH HOH C . 
F 2 HOH 25 125 57 HOH HOH C . 
F 2 HOH 26 126 69 HOH HOH C . 
F 2 HOH 27 127 91 HOH HOH C . 
F 2 HOH 28 128 80 HOH HOH C . 
# 
loop_
_software.citation_id 
_software.classification 
_software.compiler_name 
_software.compiler_version 
_software.contact_author 
_software.contact_author_email 
_software.date 
_software.description 
_software.dependencies 
_software.hardware 
_software.language 
_software.location 
_software.mods 
_software.name 
_software.os 
_software.os_version 
_software.type 
_software.version 
_software.pdbx_ordinal 
? 'data reduction'  ? ? 'Wolfgang Kabsch' Wolfgang.Kabsch@mpimf-heidelberg.mpg.de ?              ? ? ? ?   
http://www.mpimf-heidelberg.mpg.de/~kabsch/xds/     ? XDS         ? ? package .         1 
? 'data scaling'    ? ? 'Phil Evans'      ?                                       13/12/18       ? ? ? ?   
http://www.mrc-lmb.cam.ac.uk/harry/pre/aimless.html ? Aimless     ? ? program 0.7.4     2 
? phasing           ? ? 'Randy J. Read'   cimr-phaser@lists.cam.ac.uk             ?              ? ? ? ?   
http://www-structmed.cimr.cam.ac.uk/phaser/         ? PHASER      ? ? program .         3 
? refinement        ? ? 'Paul D. Adams'   PDAdams@lbl.gov                         ?              ? ? ? C++ 
http://www.phenix-online.org/                       ? PHENIX      ? ? package 1.16_3549 4 
? 'data extraction' ? ? PDB               deposit@deposit.rcsb.org                'Apr. 1, 2019' ? ? ? C++ 
http://sw-tools.pdb.org/apps/PDB_EXTRACT/           ? PDB_EXTRACT ? ? package 3.25      5 
# 
_cell.angle_alpha                  90.000 
_cell.angle_alpha_esd              ? 
_cell.angle_beta                   115.570 
_cell.angle_beta_esd               ? 
_cell.angle_gamma                  90.000 
_cell.angle_gamma_esd              ? 
_cell.entry_id                     6V1D 
_cell.details                      ? 
_cell.formula_units_Z              ? 
_cell.length_a                     44.928 
_cell.length_a_esd                 ? 
_cell.length_b                     41.905 
_cell.length_b_esd                 ? 
_cell.length_c                     45.831 
_cell.length_c_esd                 ? 
_cell.volume                       ? 
_cell.volume_esd                   ? 
_cell.Z_PDB                        6 
_cell.reciprocal_angle_alpha       ? 
_cell.reciprocal_angle_beta        ? 
_cell.reciprocal_angle_gamma       ? 
_cell.reciprocal_angle_alpha_esd   ? 
_cell.reciprocal_angle_beta_esd    ? 
_cell.reciprocal_angle_gamma_esd   ? 
_cell.reciprocal_length_a          ? 
_cell.reciprocal_length_b          ? 
_cell.reciprocal_length_c          ? 
_cell.reciprocal_length_a_esd      ? 
_cell.reciprocal_length_b_esd      ? 
_cell.reciprocal_length_c_esd      ? 
_cell.pdbx_unique_axis             ? 
# 
_symmetry.entry_id                         6V1D 
_symmetry.cell_setting                     ? 
_symmetry.Int_Tables_number                4 
_symmetry.space_group_name_Hall            ? 
_symmetry.space_group_name_H-M             'P 1 21 1' 
_symmetry.pdbx_full_space_group_name_H-M   ? 
# 
_exptl.absorpt_coefficient_mu     ? 
_exptl.absorpt_correction_T_max   ? 
_exptl.absorpt_correction_T_min   ? 
_exptl.absorpt_correction_type    ? 
_exptl.absorpt_process_details    ? 
_exptl.entry_id                   6V1D 
_exptl.crystals_number            1 
_exptl.details                    ? 
_exptl.method                     'X-RAY DIFFRACTION' 
_exptl.method_details             ? 
# 
_exptl_crystal.colour                      ? 
_exptl_crystal.density_diffrn              ? 
_exptl_crystal.density_Matthews            2.29 
_exptl_crystal.density_method              ? 
_exptl_crystal.density_percent_sol         46.36 
_exptl_crystal.description                 ? 
_exptl_crystal.F_000                       ? 
_exptl_crystal.id                          1 
_exptl_crystal.preparation                 ? 
_exptl_crystal.size_max                    ? 
_exptl_crystal.size_mid                    ? 
_exptl_crystal.size_min                    ? 
_exptl_crystal.size_rad                    ? 
_exptl_crystal.colour_lustre               ? 
_exptl_crystal.colour_modifier             ? 
_exptl_crystal.colour_primary              ? 
_exptl_crystal.density_meas                ? 
_exptl_crystal.density_meas_esd            ? 
_exptl_crystal.density_meas_gt             ? 
_exptl_crystal.density_meas_lt             ? 
_exptl_crystal.density_meas_temp           ? 
_exptl_crystal.density_meas_temp_esd       ? 
_exptl_crystal.density_meas_temp_gt        ? 
_exptl_crystal.density_meas_temp_lt        ? 
_exptl_crystal.pdbx_crystal_image_url      ? 
_exptl_crystal.pdbx_crystal_image_format   ? 
_exptl_crystal.pdbx_mosaicity              ? 
_exptl_crystal.pdbx_mosaicity_esd          ? 
# 
_exptl_crystal_grow.apparatus       ? 
_exptl_crystal_grow.atmosphere      ? 
_exptl_crystal_grow.crystal_id      1 
_exptl_crystal_grow.details         ? 
_exptl_crystal_grow.method          'VAPOR DIFFUSION, SITTING DROP' 
_exptl_crystal_grow.method_ref      ? 
_exptl_crystal_grow.pH              8.5 
_exptl_crystal_grow.pressure        ? 
_exptl_crystal_grow.pressure_esd    ? 
_exptl_crystal_grow.seeding         ? 
_exptl_crystal_grow.seeding_ref     ? 
_exptl_crystal_grow.temp            298 
_exptl_crystal_grow.temp_details    ? 
_exptl_crystal_grow.temp_esd        ? 
_exptl_crystal_grow.time            ? 
_exptl_crystal_grow.pdbx_details    '1 M ammonium sulfate, 0.1 M Tris-HCl, pH 8.5' 
_exptl_crystal_grow.pdbx_pH_range   ? 
# 
_diffrn.ambient_environment              ? 
_diffrn.ambient_temp                     100 
_diffrn.ambient_temp_details             ? 
_diffrn.ambient_temp_esd                 ? 
_diffrn.crystal_id                       1 
_diffrn.crystal_support                  ? 
_diffrn.crystal_treatment                ? 
_diffrn.details                          ? 
_diffrn.id                               1 
_diffrn.ambient_pressure                 ? 
_diffrn.ambient_pressure_esd             ? 
_diffrn.ambient_pressure_gt              ? 
_diffrn.ambient_pressure_lt              ? 
_diffrn.ambient_temp_gt                  ? 
_diffrn.ambient_temp_lt                  ? 
_diffrn.pdbx_serial_crystal_experiment   N 
# 
_diffrn_detector.details                      ? 
_diffrn_detector.detector                     PIXEL 
_diffrn_detector.diffrn_id                    1 
_diffrn_detector.type                         'DECTRIS EIGER X 16M' 
_diffrn_detector.area_resol_mean              ? 
_diffrn_detector.dtime                        ? 
_diffrn_detector.pdbx_frames_total            ? 
_diffrn_detector.pdbx_collection_time_total   ? 
_diffrn_detector.pdbx_collection_date         2019-02-22 
_diffrn_detector.pdbx_frequency               ? 
# 
_diffrn_radiation.collimation                      ? 
_diffrn_radiation.diffrn_id                        1 
_diffrn_radiation.filter_edge                      ? 
_diffrn_radiation.inhomogeneity                    ? 
_diffrn_radiation.monochromator                    ? 
_diffrn_radiation.polarisn_norm                    ? 
_diffrn_radiation.polarisn_ratio                   ? 
_diffrn_radiation.probe                            ? 
_diffrn_radiation.type                             ? 
_diffrn_radiation.xray_symbol                      ? 
_diffrn_radiation.wavelength_id                    1 
_diffrn_radiation.pdbx_monochromatic_or_laue_m_l   M 
_diffrn_radiation.pdbx_wavelength_list             ? 
_diffrn_radiation.pdbx_wavelength                  ? 
_diffrn_radiation.pdbx_diffrn_protocol             'SINGLE WAVELENGTH' 
_diffrn_radiation.pdbx_analyzer                    ? 
_diffrn_radiation.pdbx_scattering_type             x-ray 
# 
_diffrn_radiation_wavelength.id           1 
_diffrn_radiation_wavelength.wavelength   0.9536 
_diffrn_radiation_wavelength.wt           1.0 
# 
_diffrn_source.current                     ? 
_diffrn_source.details                     ? 
_diffrn_source.diffrn_id                   1 
_diffrn_source.power                       ? 
_diffrn_source.size                        ? 
_diffrn_source.source                      SYNCHROTRON 
_diffrn_source.target                      ? 
_diffrn_source.type                        'AUSTRALIAN SYNCHROTRON BEAMLINE MX2' 
_diffrn_source.voltage                     ? 
_diffrn_source.take-off_angle              ? 
_diffrn_source.pdbx_wavelength_list        0.9536 
_diffrn_source.pdbx_wavelength             ? 
_diffrn_source.pdbx_synchrotron_beamline   MX2 
_diffrn_source.pdbx_synchrotron_site       'Australian Synchrotron' 
# 
_reflns.B_iso_Wilson_estimate            ? 
_reflns.entry_id                         6V1D 
_reflns.data_reduction_details           ? 
_reflns.data_reduction_method            ? 
_reflns.d_resolution_high                2.400 
_reflns.d_resolution_low                 41.344 
_reflns.details                          ? 
_reflns.limit_h_max                      ? 
_reflns.limit_h_min                      ? 
_reflns.limit_k_max                      ? 
_reflns.limit_k_min                      ? 
_reflns.limit_l_max                      ? 
_reflns.limit_l_min                      ? 
_reflns.number_all                       ? 
_reflns.number_obs                       6054 
_reflns.observed_criterion               ? 
_reflns.observed_criterion_F_max         ? 
_reflns.observed_criterion_F_min         ? 
_reflns.observed_criterion_I_max         ? 
_reflns.observed_criterion_I_min         ? 
_reflns.observed_criterion_sigma_F       ? 
_reflns.observed_criterion_sigma_I       ? 
_reflns.percent_possible_obs             98.600 
_reflns.R_free_details                   ? 
_reflns.Rmerge_F_all                     ? 
_reflns.Rmerge_F_obs                     ? 
_reflns.Friedel_coverage                 ? 
_reflns.number_gt                        ? 
_reflns.threshold_expression             ? 
_reflns.pdbx_redundancy                  3.300 
_reflns.pdbx_Rmerge_I_obs                0.266 
_reflns.pdbx_Rmerge_I_all                ? 
_reflns.pdbx_Rsym_value                  ? 
_reflns.pdbx_netI_over_av_sigmaI         ? 
_reflns.pdbx_netI_over_sigmaI            2.700 
_reflns.pdbx_res_netI_over_av_sigmaI_2   ? 
_reflns.pdbx_res_netI_over_sigmaI_2      ? 
_reflns.pdbx_chi_squared                 ? 
_reflns.pdbx_scaling_rejects             ? 
_reflns.pdbx_d_res_high_opt              ? 
_reflns.pdbx_d_res_low_opt               ? 
_reflns.pdbx_d_res_opt_method            ? 
_reflns.phase_calculation_details        ? 
_reflns.pdbx_Rrim_I_all                  0.317 
_reflns.pdbx_Rpim_I_all                  0.171 
_reflns.pdbx_d_opt                       ? 
_reflns.pdbx_number_measured_all         ? 
_reflns.pdbx_diffrn_id                   1 
_reflns.pdbx_ordinal                     1 
_reflns.pdbx_CC_half                     0.958 
_reflns.pdbx_CC_star                     ? 
_reflns.pdbx_R_split                     ? 
# 
loop_
_reflns_shell.d_res_high 
_reflns_shell.d_res_low 
_reflns_shell.meanI_over_sigI_all 
_reflns_shell.meanI_over_sigI_obs 
_reflns_shell.number_measured_all 
_reflns_shell.number_measured_obs 
_reflns_shell.number_possible 
_reflns_shell.number_unique_all 
_reflns_shell.number_unique_obs 
_reflns_shell.percent_possible_all 
_reflns_shell.percent_possible_obs 
_reflns_shell.Rmerge_F_all 
_reflns_shell.Rmerge_F_obs 
_reflns_shell.Rmerge_I_all 
_reflns_shell.Rmerge_I_obs 
_reflns_shell.meanI_over_sigI_gt 
_reflns_shell.meanI_over_uI_all 
_reflns_shell.meanI_over_uI_gt 
_reflns_shell.number_measured_gt 
_reflns_shell.number_unique_gt 
_reflns_shell.percent_possible_gt 
_reflns_shell.Rmerge_F_gt 
_reflns_shell.Rmerge_I_gt 
_reflns_shell.pdbx_redundancy 
_reflns_shell.pdbx_Rsym_value 
_reflns_shell.pdbx_chi_squared 
_reflns_shell.pdbx_netI_over_sigmaI_all 
_reflns_shell.pdbx_netI_over_sigmaI_obs 
_reflns_shell.pdbx_Rrim_I_all 
_reflns_shell.pdbx_Rpim_I_all 
_reflns_shell.pdbx_rejects 
_reflns_shell.pdbx_ordinal 
_reflns_shell.pdbx_diffrn_id 
_reflns_shell.pdbx_CC_half 
_reflns_shell.pdbx_CC_star 
_reflns_shell.pdbx_R_split 
2.400 2.490  ? ? 2067 ? ? ? 611 97.300 ? ? ? ? 0.983 ? ? ? ? ? ? ? ? 3.400 ? ? ? 1.000 1.167 0.623 ? 1 1 0.570 ? ? 
8.980 41.340 ? ? 362  ? ? ? 126 98.200 ? ? ? ? 0.099 ? ? ? ? ? ? ? ? 2.900 ? ? ? 4.600 0.118 0.063 ? 2 1 0.991 ? ? 
# 
_refine.aniso_B[1][1]                            ? 
_refine.aniso_B[1][2]                            ? 
_refine.aniso_B[1][3]                            ? 
_refine.aniso_B[2][2]                            ? 
_refine.aniso_B[2][3]                            ? 
_refine.aniso_B[3][3]                            ? 
_refine.B_iso_max                                67.800 
_refine.B_iso_mean                               19.8524 
_refine.B_iso_min                                8.600 
_refine.correlation_coeff_Fo_to_Fc               ? 
_refine.correlation_coeff_Fo_to_Fc_free          ? 
_refine.details                                  ? 
_refine.diff_density_max                         ? 
_refine.diff_density_max_esd                     ? 
_refine.diff_density_min                         ? 
_refine.diff_density_min_esd                     ? 
_refine.diff_density_rms                         ? 
_refine.diff_density_rms_esd                     ? 
_refine.entry_id                                 6V1D 
_refine.pdbx_refine_id                           'X-RAY DIFFRACTION' 
_refine.ls_abs_structure_details                 ? 
_refine.ls_abs_structure_Flack                   ? 
_refine.ls_abs_structure_Flack_esd               ? 
_refine.ls_abs_structure_Rogers                  ? 
_refine.ls_abs_structure_Rogers_esd              ? 
_refine.ls_d_res_high                            2.4000 
_refine.ls_d_res_low                             41.3440 
_refine.ls_extinction_coef                       ? 
_refine.ls_extinction_coef_esd                   ? 
_refine.ls_extinction_expression                 ? 
_refine.ls_extinction_method                     ? 
_refine.ls_goodness_of_fit_all                   ? 
_refine.ls_goodness_of_fit_all_esd               ? 
_refine.ls_goodness_of_fit_obs                   ? 
_refine.ls_goodness_of_fit_obs_esd               ? 
_refine.ls_hydrogen_treatment                    ? 
_refine.ls_matrix_type                           ? 
_refine.ls_number_constraints                    ? 
_refine.ls_number_parameters                     ? 
_refine.ls_number_reflns_all                     ? 
_refine.ls_number_reflns_obs                     6044 
_refine.ls_number_reflns_R_free                  338 
_refine.ls_number_reflns_R_work                  ? 
_refine.ls_number_restraints                     ? 
_refine.ls_percent_reflns_obs                    98.2600 
_refine.ls_percent_reflns_R_free                 5.5900 
_refine.ls_R_factor_all                          ? 
_refine.ls_R_factor_obs                          0.1957 
_refine.ls_R_factor_R_free                       0.2259 
_refine.ls_R_factor_R_free_error                 ? 
_refine.ls_R_factor_R_free_error_details         ? 
_refine.ls_R_factor_R_work                       0.1939 
_refine.ls_R_Fsqd_factor_obs                     ? 
_refine.ls_R_I_factor_obs                        ? 
_refine.ls_redundancy_reflns_all                 ? 
_refine.ls_redundancy_reflns_obs                 ? 
_refine.ls_restrained_S_all                      ? 
_refine.ls_restrained_S_obs                      ? 
_refine.ls_shift_over_esd_max                    ? 
_refine.ls_shift_over_esd_mean                   ? 
_refine.ls_structure_factor_coef                 ? 
_refine.ls_weighting_details                     ? 
_refine.ls_weighting_scheme                      ? 
_refine.ls_wR_factor_all                         ? 
_refine.ls_wR_factor_obs                         ? 
_refine.ls_wR_factor_R_free                      ? 
_refine.ls_wR_factor_R_work                      ? 
_refine.occupancy_max                            ? 
_refine.occupancy_min                            ? 
_refine.solvent_model_details                    ? 
_refine.solvent_model_param_bsol                 ? 
_refine.solvent_model_param_ksol                 ? 
_refine.pdbx_R_complete                          ? 
_refine.ls_R_factor_gt                           ? 
_refine.ls_goodness_of_fit_gt                    ? 
_refine.ls_goodness_of_fit_ref                   ? 
_refine.ls_shift_over_su_max                     ? 
_refine.ls_shift_over_su_max_lt                  ? 
_refine.ls_shift_over_su_mean                    ? 
_refine.ls_shift_over_su_mean_lt                 ? 
_refine.pdbx_ls_sigma_I                          ? 
_refine.pdbx_ls_sigma_F                          1.350 
_refine.pdbx_ls_sigma_Fsqd                       ? 
_refine.pdbx_data_cutoff_high_absF               ? 
_refine.pdbx_data_cutoff_high_rms_absF           ? 
_refine.pdbx_data_cutoff_low_absF                ? 
_refine.pdbx_isotropic_thermal_model             ? 
_refine.pdbx_ls_cross_valid_method               THROUGHOUT 
_refine.pdbx_method_to_determine_struct          'MOLECULAR REPLACEMENT' 
_refine.pdbx_starting_model                      2PSP 
_refine.pdbx_stereochemistry_target_values       ? 
_refine.pdbx_R_Free_selection_details            ? 
_refine.pdbx_stereochem_target_val_spec_case     ? 
_refine.pdbx_overall_ESU_R                       ? 
_refine.pdbx_overall_ESU_R_Free                  ? 
_refine.pdbx_solvent_vdw_probe_radii             1.1100 
_refine.pdbx_solvent_ion_probe_radii             ? 
_refine.pdbx_solvent_shrinkage_radii             0.9000 
_refine.pdbx_real_space_R                        ? 
_refine.pdbx_density_correlation                 ? 
_refine.pdbx_pd_number_of_powder_patterns        ? 
_refine.pdbx_pd_number_of_points                 ? 
_refine.pdbx_pd_meas_number_of_points            ? 
_refine.pdbx_pd_proc_ls_prof_R_factor            ? 
_refine.pdbx_pd_proc_ls_prof_wR_factor           ? 
_refine.pdbx_pd_Marquardt_correlation_coeff      ? 
_refine.pdbx_pd_Fsqrd_R_factor                   ? 
_refine.pdbx_pd_ls_matrix_band_width             ? 
_refine.pdbx_overall_phase_error                 21.6600 
_refine.pdbx_overall_SU_R_free_Cruickshank_DPI   ? 
_refine.pdbx_overall_SU_R_free_Blow_DPI          ? 
_refine.pdbx_overall_SU_R_Blow_DPI               ? 
_refine.pdbx_TLS_residual_ADP_flag               ? 
_refine.pdbx_diffrn_id                           1 
_refine.overall_SU_B                             ? 
_refine.overall_SU_ML                            0.1800 
_refine.overall_SU_R_Cruickshank_DPI             ? 
_refine.overall_SU_R_free                        ? 
_refine.overall_FOM_free_R_set                   ? 
_refine.overall_FOM_work_R_set                   ? 
_refine.pdbx_average_fsc_overall                 ? 
_refine.pdbx_average_fsc_work                    ? 
_refine.pdbx_average_fsc_free                    ? 
# 
_refine_hist.pdbx_refine_id                   'X-RAY DIFFRACTION' 
_refine_hist.cycle_id                         final 
_refine_hist.details                          ? 
_refine_hist.d_res_high                       2.4000 
_refine_hist.d_res_low                        41.3440 
_refine_hist.number_atoms_solvent             96 
_refine_hist.number_atoms_total               1210 
_refine_hist.number_reflns_all                ? 
_refine_hist.number_reflns_obs                ? 
_refine_hist.number_reflns_R_free             ? 
_refine_hist.number_reflns_R_work             ? 
_refine_hist.R_factor_all                     ? 
_refine_hist.R_factor_obs                     ? 
_refine_hist.R_factor_R_free                  ? 
_refine_hist.R_factor_R_work                  ? 
_refine_hist.pdbx_number_residues_total       146 
_refine_hist.pdbx_B_iso_mean_ligand           ? 
_refine_hist.pdbx_B_iso_mean_solvent          21.46 
_refine_hist.pdbx_number_atoms_protein        1114 
_refine_hist.pdbx_number_atoms_nucleic_acid   0 
_refine_hist.pdbx_number_atoms_ligand         0 
_refine_hist.pdbx_number_atoms_lipid          ? 
_refine_hist.pdbx_number_atoms_carb           ? 
_refine_hist.pdbx_pseudo_atom_details         ? 
# 
loop_
_refine_ls_shell.pdbx_refine_id 
_refine_ls_shell.d_res_high 
_refine_ls_shell.d_res_low 
_refine_ls_shell.number_reflns_all 
_refine_ls_shell.number_reflns_obs 
_refine_ls_shell.number_reflns_R_free 
_refine_ls_shell.number_reflns_R_work 
_refine_ls_shell.percent_reflns_obs 
_refine_ls_shell.percent_reflns_R_free 
_refine_ls_shell.R_factor_all 
_refine_ls_shell.R_factor_obs 
_refine_ls_shell.R_factor_R_free 
_refine_ls_shell.R_factor_R_free_error 
_refine_ls_shell.R_factor_R_work 
_refine_ls_shell.redundancy_reflns_all 
_refine_ls_shell.redundancy_reflns_obs 
_refine_ls_shell.wR_factor_all 
_refine_ls_shell.wR_factor_obs 
_refine_ls_shell.wR_factor_R_free 
_refine_ls_shell.wR_factor_R_work 
_refine_ls_shell.pdbx_R_complete 
_refine_ls_shell.pdbx_total_number_of_bins_used 
_refine_ls_shell.pdbx_phase_error 
_refine_ls_shell.pdbx_fsc_work 
_refine_ls_shell.pdbx_fsc_free 
'X-RAY DIFFRACTION' 2.4000 3.0236  . . 161 2825 98.0000 . . . 0.2576 0.0000 0.2186 . . . . . . . . . . . 
'X-RAY DIFFRACTION' 3.0236 41.3440 . . 177 2881 98.0000 . . . 0.2089 0.0000 0.1804 . . . . . . . . . . . 
# 
_struct.entry_id                     6V1D 
_struct.title                        'Crystal structure of human trefoil factor 1' 
_struct.pdbx_model_details           ? 
_struct.pdbx_formula_weight          ? 
_struct.pdbx_formula_weight_method   ? 
_struct.pdbx_model_type_details      ? 
_struct.pdbx_CASP_flag               N 
# 
_struct_keywords.entry_id        6V1D 
_struct_keywords.text            'Trefoil factor, lectin, mucin binding protein, SUGAR BINDING PROTEIN' 
_struct_keywords.pdbx_keywords   'SUGAR BINDING PROTEIN' 
# 
loop_
_struct_asym.id 
_struct_asym.pdbx_blank_PDB_chainid_flag 
_struct_asym.pdbx_modified 
_struct_asym.entity_id 
_struct_asym.details 
A N N 1 ? 
B N N 1 ? 
C N N 1 ? 
D N N 2 ? 
E N N 2 ? 
F N N 2 ? 
# 
_struct_ref.id                         1 
_struct_ref.db_name                    UNP 
_struct_ref.db_code                    TFF1_HUMAN 
_struct_ref.pdbx_db_accession          P04155 
_struct_ref.pdbx_db_isoform            ? 
_struct_ref.entity_id                  1 
_struct_ref.pdbx_seq_one_letter_code   QTETCTVAPRERQNCGFPGVTPSQCANKGCCFDDTVRGVPWCFYPNTI 
_struct_ref.pdbx_align_begin           27 
# 
loop_
_struct_ref_seq.align_id 
_struct_ref_seq.ref_id 
_struct_ref_seq.pdbx_PDB_id_code 
_struct_ref_seq.pdbx_strand_id 
_struct_ref_seq.seq_align_beg 
_struct_ref_seq.pdbx_seq_align_beg_ins_code 
_struct_ref_seq.seq_align_end 
_struct_ref_seq.pdbx_seq_align_end_ins_code 
_struct_ref_seq.pdbx_db_accession 
_struct_ref_seq.db_align_beg 
_struct_ref_seq.pdbx_db_align_beg_ins_code 
_struct_ref_seq.db_align_end 
_struct_ref_seq.pdbx_db_align_end_ins_code 
_struct_ref_seq.pdbx_auth_seq_align_beg 
_struct_ref_seq.pdbx_auth_seq_align_end 
1 1 6V1D A 1 ? 48 ? P04155 27 ? 74 ? 1 48 
2 1 6V1D B 1 ? 48 ? P04155 27 ? 74 ? 1 48 
3 1 6V1D C 1 ? 48 ? P04155 27 ? 74 ? 1 48 
# 
loop_
_struct_ref_seq_dif.align_id 
_struct_ref_seq_dif.pdbx_pdb_id_code 
_struct_ref_seq_dif.mon_id 
_struct_ref_seq_dif.pdbx_pdb_strand_id 
_struct_ref_seq_dif.seq_num 
_struct_ref_seq_dif.pdbx_pdb_ins_code 
_struct_ref_seq_dif.pdbx_seq_db_name 
_struct_ref_seq_dif.pdbx_seq_db_accession_code 
_struct_ref_seq_dif.db_mon_id 
_struct_ref_seq_dif.pdbx_seq_db_seq_num 
_struct_ref_seq_dif.details 
_struct_ref_seq_dif.pdbx_auth_seq_num 
_struct_ref_seq_dif.pdbx_ordinal 
1 6V1D LEU A 49 ? UNP P04155 ? ? 'expression tag' 49 1 
1 6V1D GLU A 50 ? UNP P04155 ? ? 'expression tag' 50 2 
1 6V1D LYS A 51 ? UNP P04155 ? ? 'expression tag' 51 3 
2 6V1D LEU B 49 ? UNP P04155 ? ? 'expression tag' 49 4 
2 6V1D GLU B 50 ? UNP P04155 ? ? 'expression tag' 50 5 
2 6V1D LYS B 51 ? UNP P04155 ? ? 'expression tag' 51 6 
3 6V1D LEU C 49 ? UNP P04155 ? ? 'expression tag' 49 7 
3 6V1D GLU C 50 ? UNP P04155 ? ? 'expression tag' 50 8 
3 6V1D LYS C 51 ? UNP P04155 ? ? 'expression tag' 51 9 
# 
loop_
_pdbx_struct_assembly.id 
_pdbx_struct_assembly.details 
_pdbx_struct_assembly.method_details 
_pdbx_struct_assembly.oligomeric_details 
_pdbx_struct_assembly.oligomeric_count 
1 author_and_software_defined_assembly PISA monomeric 1 
2 author_and_software_defined_assembly PISA monomeric 1 
3 author_and_software_defined_assembly PISA monomeric 1 
# 
loop_
_pdbx_struct_assembly_gen.assembly_id 
_pdbx_struct_assembly_gen.oper_expression 
_pdbx_struct_assembly_gen.asym_id_list 
1 1 A,D 
2 1 B,E 
3 1 C,F 
# 
_pdbx_struct_assembly_auth_evidence.id                     1 
_pdbx_struct_assembly_auth_evidence.assembly_id            1 
_pdbx_struct_assembly_auth_evidence.experimental_support   none 
_pdbx_struct_assembly_auth_evidence.details                ? 
# 
_pdbx_struct_oper_list.id                   1 
_pdbx_struct_oper_list.type                 'identity operation' 
_pdbx_struct_oper_list.name                 1_555 
_pdbx_struct_oper_list.symmetry_operation   x,y,z 
_pdbx_struct_oper_list.matrix[1][1]         1.0000000000 
_pdbx_struct_oper_list.matrix[1][2]         0.0000000000 
_pdbx_struct_oper_list.matrix[1][3]         0.0000000000 
_pdbx_struct_oper_list.vector[1]            0.0000000000 
_pdbx_struct_oper_list.matrix[2][1]         0.0000000000 
_pdbx_struct_oper_list.matrix[2][2]         1.0000000000 
_pdbx_struct_oper_list.matrix[2][3]         0.0000000000 
_pdbx_struct_oper_list.vector[2]            0.0000000000 
_pdbx_struct_oper_list.matrix[3][1]         0.0000000000 
_pdbx_struct_oper_list.matrix[3][2]         0.0000000000 
_pdbx_struct_oper_list.matrix[3][3]         1.0000000000 
_pdbx_struct_oper_list.vector[3]            0.0000000000 
# 
loop_
_struct_conf.conf_type_id 
_struct_conf.id 
_struct_conf.pdbx_PDB_helix_id 
_struct_conf.beg_label_comp_id 
_struct_conf.beg_label_asym_id 
_struct_conf.beg_label_seq_id 
_struct_conf.pdbx_beg_PDB_ins_code 
_struct_conf.end_label_comp_id 
_struct_conf.end_label_asym_id 
_struct_conf.end_label_seq_id 
_struct_conf.pdbx_end_PDB_ins_code 
_struct_conf.beg_auth_comp_id 
_struct_conf.beg_auth_asym_id 
_struct_conf.beg_auth_seq_id 
_struct_conf.end_auth_comp_id 
_struct_conf.end_auth_asym_id 
_struct_conf.end_auth_seq_id 
_struct_conf.pdbx_PDB_helix_class 
_struct_conf.details 
_struct_conf.pdbx_PDB_helix_length 
HELX_P HELX_P1 AA1 ALA A 8  ? ARG A 12 ? ALA A 8  ARG A 12 5 ? 5 
HELX_P HELX_P2 AA2 THR A 21 ? LYS A 28 ? THR A 21 LYS A 28 1 ? 8 
HELX_P HELX_P3 AA3 ALA B 8  ? ARG B 12 ? ALA B 8  ARG B 12 5 ? 5 
HELX_P HELX_P4 AA4 THR B 21 ? LYS B 28 ? THR B 21 LYS B 28 1 ? 8 
HELX_P HELX_P5 AA5 ALA C 8  ? ARG C 12 ? ALA C 8  ARG C 12 5 ? 5 
HELX_P HELX_P6 AA6 THR C 21 ? LYS C 28 ? THR C 21 LYS C 28 1 ? 8 
# 
_struct_conf_type.id          HELX_P 
_struct_conf_type.criteria    ? 
_struct_conf_type.reference   ? 
# 
loop_
_struct_conn.id 
_struct_conn.conn_type_id 
_struct_conn.pdbx_leaving_atom_flag 
_struct_conn.pdbx_PDB_id 
_struct_conn.ptnr1_label_asym_id 
_struct_conn.ptnr1_label_comp_id 
_struct_conn.ptnr1_label_seq_id 
_struct_conn.ptnr1_label_atom_id 
_struct_conn.pdbx_ptnr1_label_alt_id 
_struct_conn.pdbx_ptnr1_PDB_ins_code 
_struct_conn.pdbx_ptnr1_standard_comp_id 
_struct_conn.ptnr1_symmetry 
_struct_conn.ptnr2_label_asym_id 
_struct_conn.ptnr2_label_comp_id 
_struct_conn.ptnr2_label_seq_id 
_struct_conn.ptnr2_label_atom_id 
_struct_conn.pdbx_ptnr2_label_alt_id 
_struct_conn.pdbx_ptnr2_PDB_ins_code 
_struct_conn.ptnr1_auth_asym_id 
_struct_conn.ptnr1_auth_comp_id 
_struct_conn.ptnr1_auth_seq_id 
_struct_conn.ptnr2_auth_asym_id 
_struct_conn.ptnr2_auth_comp_id 
_struct_conn.ptnr2_auth_seq_id 
_struct_conn.ptnr2_symmetry 
_struct_conn.pdbx_ptnr3_label_atom_id 
_struct_conn.pdbx_ptnr3_label_seq_id 
_struct_conn.pdbx_ptnr3_label_comp_id 
_struct_conn.pdbx_ptnr3_label_asym_id 
_struct_conn.pdbx_ptnr3_label_alt_id 
_struct_conn.pdbx_ptnr3_PDB_ins_code 
_struct_conn.details 
_struct_conn.pdbx_dist_value 
_struct_conn.pdbx_value_order 
_struct_conn.pdbx_role 
disulf1 disulf ?    ? A CYS 5  SG ? ? ? 1_555 A CYS 31 SG ? ? A CYS 5  A CYS 31 1_555 ? ? ? ? ? ? ? 2.031 ? ? 
disulf2 disulf ?    ? A CYS 15 SG ? ? ? 1_555 A CYS 30 SG ? ? A CYS 15 A CYS 30 1_555 ? ? ? ? ? ? ? 2.032 ? ? 
disulf3 disulf ?    ? A CYS 25 SG ? ? ? 1_555 A CYS 42 SG ? ? A CYS 25 A CYS 42 1_555 ? ? ? ? ? ? ? 2.034 ? ? 
disulf4 disulf ?    ? B CYS 5  SG ? ? ? 1_555 B CYS 31 SG ? ? B CYS 5  B CYS 31 1_555 ? ? ? ? ? ? ? 2.032 ? ? 
disulf5 disulf ?    ? B CYS 15 SG ? ? ? 1_555 B CYS 30 SG ? ? B CYS 15 B CYS 30 1_555 ? ? ? ? ? ? ? 2.030 ? ? 
disulf6 disulf ?    ? B CYS 25 SG ? ? ? 1_555 B CYS 42 SG ? ? B CYS 25 B CYS 42 1_555 ? ? ? ? ? ? ? 2.033 ? ? 
disulf7 disulf ?    ? C CYS 5  SG ? ? ? 1_555 C CYS 31 SG ? ? C CYS 5  C CYS 31 1_555 ? ? ? ? ? ? ? 2.029 ? ? 
disulf8 disulf ?    ? C CYS 15 SG ? ? ? 1_555 C CYS 30 SG ? ? C CYS 15 C CYS 30 1_555 ? ? ? ? ? ? ? 2.030 ? ? 
disulf9 disulf ?    ? C CYS 25 SG ? ? ? 1_555 C CYS 42 SG ? ? C CYS 25 C CYS 42 1_555 ? ? ? ? ? ? ? 2.032 ? ? 
covale1 covale both ? A PCA 1  C  ? ? ? 1_555 A THR 2  N  ? ? A PCA 1  A THR 2  1_555 ? ? ? ? ? ? ? 1.330 ? ? 
covale2 covale both ? B PCA 1  C  ? ? ? 1_555 B THR 2  N  ? ? B PCA 1  B THR 2  1_555 ? ? ? ? ? ? ? 1.329 ? ? 
covale3 covale both ? C PCA 1  C  ? ? ? 1_555 C THR 2  N  ? ? C PCA 1  C THR 2  1_555 ? ? ? ? ? ? ? 1.330 ? ? 
# 
loop_
_struct_conn_type.id 
_struct_conn_type.criteria 
_struct_conn_type.reference 
disulf ? ? 
covale ? ? 
# 
loop_
_pdbx_modification_feature.ordinal 
_pdbx_modification_feature.label_comp_id 
_pdbx_modification_feature.label_asym_id 
_pdbx_modification_feature.label_seq_id 
_pdbx_modification_feature.label_alt_id 
_pdbx_modification_feature.modified_residue_label_comp_id 
_pdbx_modification_feature.modified_residue_label_asym_id 
_pdbx_modification_feature.modified_residue_label_seq_id 
_pdbx_modification_feature.modified_residue_label_alt_id 
_pdbx_modification_feature.auth_comp_id 
_pdbx_modification_feature.auth_asym_id 
_pdbx_modification_feature.auth_seq_id 
_pdbx_modification_feature.PDB_ins_code 
_pdbx_modification_feature.symmetry 
_pdbx_modification_feature.modified_residue_auth_comp_id 
_pdbx_modification_feature.modified_residue_auth_asym_id 
_pdbx_modification_feature.modified_residue_auth_seq_id 
_pdbx_modification_feature.modified_residue_PDB_ins_code 
_pdbx_modification_feature.modified_residue_symmetry 
_pdbx_modification_feature.comp_id_linking_atom 
_pdbx_modification_feature.modified_residue_id_linking_atom 
_pdbx_modification_feature.modified_residue_id 
_pdbx_modification_feature.ref_pcm_id 
_pdbx_modification_feature.ref_comp_id 
_pdbx_modification_feature.type 
_pdbx_modification_feature.category 
1  PCA A 1  ? .   . .  . PCA A 1  ? 1_555 .   . .  . .     .  .  GLN 1 PCA 'Pyrrolidone carboxylic acid' 
'Named protein modification' 
2  PCA B 1  ? .   . .  . PCA B 1  ? 1_555 .   . .  . .     .  .  GLN 1 PCA 'Pyrrolidone carboxylic acid' 
'Named protein modification' 
3  PCA C 1  ? .   . .  . PCA C 1  ? 1_555 .   . .  . .     .  .  GLN 1 PCA 'Pyrrolidone carboxylic acid' 
'Named protein modification' 
4  CYS A 5  ? CYS A 31 ? CYS A 5  ? 1_555 CYS A 31 ? 1_555 SG SG .   . .   None                          'Disulfide bridge' 
5  CYS A 15 ? CYS A 30 ? CYS A 15 ? 1_555 CYS A 30 ? 1_555 SG SG .   . .   None                          'Disulfide bridge' 
6  CYS A 25 ? CYS A 42 ? CYS A 25 ? 1_555 CYS A 42 ? 1_555 SG SG .   . .   None                          'Disulfide bridge' 
7  CYS B 5  ? CYS B 31 ? CYS B 5  ? 1_555 CYS B 31 ? 1_555 SG SG .   . .   None                          'Disulfide bridge' 
8  CYS B 15 ? CYS B 30 ? CYS B 15 ? 1_555 CYS B 30 ? 1_555 SG SG .   . .   None                          'Disulfide bridge' 
9  CYS B 25 ? CYS B 42 ? CYS B 25 ? 1_555 CYS B 42 ? 1_555 SG SG .   . .   None                          'Disulfide bridge' 
10 CYS C 5  ? CYS C 31 ? CYS C 5  ? 1_555 CYS C 31 ? 1_555 SG SG .   . .   None                          'Disulfide bridge' 
11 CYS C 15 ? CYS C 30 ? CYS C 15 ? 1_555 CYS C 30 ? 1_555 SG SG .   . .   None                          'Disulfide bridge' 
12 CYS C 25 ? CYS C 42 ? CYS C 25 ? 1_555 CYS C 42 ? 1_555 SG SG .   . .   None                          'Disulfide bridge' 
# 
loop_
_struct_sheet.id 
_struct_sheet.type 
_struct_sheet.number_strands 
_struct_sheet.details 
AA1 ? 2 ? 
AA2 ? 2 ? 
AA3 ? 2 ? 
AA4 ? 2 ? 
AA5 ? 2 ? 
AA6 ? 2 ? 
# 
loop_
_struct_sheet_order.sheet_id 
_struct_sheet_order.range_id_1 
_struct_sheet_order.range_id_2 
_struct_sheet_order.offset 
_struct_sheet_order.sense 
AA1 1 2 ? anti-parallel 
AA2 1 2 ? anti-parallel 
AA3 1 2 ? anti-parallel 
AA4 1 2 ? anti-parallel 
AA5 1 2 ? anti-parallel 
AA6 1 2 ? anti-parallel 
# 
loop_
_struct_sheet_range.sheet_id 
_struct_sheet_range.id 
_struct_sheet_range.beg_label_comp_id 
_struct_sheet_range.beg_label_asym_id 
_struct_sheet_range.beg_label_seq_id 
_struct_sheet_range.pdbx_beg_PDB_ins_code 
_struct_sheet_range.end_label_comp_id 
_struct_sheet_range.end_label_asym_id 
_struct_sheet_range.end_label_seq_id 
_struct_sheet_range.pdbx_end_PDB_ins_code 
_struct_sheet_range.beg_auth_comp_id 
_struct_sheet_range.beg_auth_asym_id 
_struct_sheet_range.beg_auth_seq_id 
_struct_sheet_range.end_auth_comp_id 
_struct_sheet_range.end_auth_asym_id 
_struct_sheet_range.end_auth_seq_id 
AA1 1 GLU A 3  ? THR A 4  ? GLU A 3  THR A 4  
AA1 2 ASN A 46 ? THR A 47 ? ASN A 46 THR A 47 
AA2 1 CYS A 31 ? PHE A 32 ? CYS A 31 PHE A 32 
AA2 2 CYS A 42 ? PHE A 43 ? CYS A 42 PHE A 43 
AA3 1 GLU B 3  ? THR B 4  ? GLU B 3  THR B 4  
AA3 2 ASN B 46 ? THR B 47 ? ASN B 46 THR B 47 
AA4 1 CYS B 31 ? PHE B 32 ? CYS B 31 PHE B 32 
AA4 2 CYS B 42 ? PHE B 43 ? CYS B 42 PHE B 43 
AA5 1 GLU C 3  ? THR C 4  ? GLU C 3  THR C 4  
AA5 2 ASN C 46 ? THR C 47 ? ASN C 46 THR C 47 
AA6 1 CYS C 31 ? PHE C 32 ? CYS C 31 PHE C 32 
AA6 2 CYS C 42 ? PHE C 43 ? CYS C 42 PHE C 43 
# 
loop_
_pdbx_struct_sheet_hbond.sheet_id 
_pdbx_struct_sheet_hbond.range_id_1 
_pdbx_struct_sheet_hbond.range_id_2 
_pdbx_struct_sheet_hbond.range_1_label_atom_id 
_pdbx_struct_sheet_hbond.range_1_label_comp_id 
_pdbx_struct_sheet_hbond.range_1_label_asym_id 
_pdbx_struct_sheet_hbond.range_1_label_seq_id 
_pdbx_struct_sheet_hbond.range_1_PDB_ins_code 
_pdbx_struct_sheet_hbond.range_1_auth_atom_id 
_pdbx_struct_sheet_hbond.range_1_auth_comp_id 
_pdbx_struct_sheet_hbond.range_1_auth_asym_id 
_pdbx_struct_sheet_hbond.range_1_auth_seq_id 
_pdbx_struct_sheet_hbond.range_2_label_atom_id 
_pdbx_struct_sheet_hbond.range_2_label_comp_id 
_pdbx_struct_sheet_hbond.range_2_label_asym_id 
_pdbx_struct_sheet_hbond.range_2_label_seq_id 
_pdbx_struct_sheet_hbond.range_2_PDB_ins_code 
_pdbx_struct_sheet_hbond.range_2_auth_atom_id 
_pdbx_struct_sheet_hbond.range_2_auth_comp_id 
_pdbx_struct_sheet_hbond.range_2_auth_asym_id 
_pdbx_struct_sheet_hbond.range_2_auth_seq_id 
AA1 1 2 N THR A 4  ? N THR A 4  O ASN A 46 ? O ASN A 46 
AA2 1 2 N CYS A 31 ? N CYS A 31 O PHE A 43 ? O PHE A 43 
AA3 1 2 N THR B 4  ? N THR B 4  O ASN B 46 ? O ASN B 46 
AA4 1 2 N CYS B 31 ? N CYS B 31 O PHE B 43 ? O PHE B 43 
AA5 1 2 N THR C 4  ? N THR C 4  O ASN C 46 ? O ASN C 46 
AA6 1 2 N CYS C 31 ? N CYS C 31 O PHE C 43 ? O PHE C 43 
# 
_pdbx_entry_details.entry_id                   6V1D 
_pdbx_entry_details.has_ligand_of_interest     N 
_pdbx_entry_details.compound_details           ? 
_pdbx_entry_details.source_details             ? 
_pdbx_entry_details.nonpolymer_details         ? 
_pdbx_entry_details.sequence_details           ? 
_pdbx_entry_details.has_protein_modification   Y 
# 
loop_
_pdbx_validate_torsion.id 
_pdbx_validate_torsion.PDB_model_num 
_pdbx_validate_torsion.auth_comp_id 
_pdbx_validate_torsion.auth_asym_id 
_pdbx_validate_torsion.auth_seq_id 
_pdbx_validate_torsion.PDB_ins_code 
_pdbx_validate_torsion.label_alt_id 
_pdbx_validate_torsion.phi 
_pdbx_validate_torsion.psi 
1 1 ASP A 33 ? ? -162.03 113.21 
2 1 ASP B 33 ? ? -167.49 108.67 
3 1 ASP C 33 ? ? -166.34 102.42 
# 
loop_
_pdbx_struct_mod_residue.id 
_pdbx_struct_mod_residue.label_asym_id 
_pdbx_struct_mod_residue.label_comp_id 
_pdbx_struct_mod_residue.label_seq_id 
_pdbx_struct_mod_residue.auth_asym_id 
_pdbx_struct_mod_residue.auth_comp_id 
_pdbx_struct_mod_residue.auth_seq_id 
_pdbx_struct_mod_residue.PDB_ins_code 
_pdbx_struct_mod_residue.parent_comp_id 
_pdbx_struct_mod_residue.details 
1 A PCA 1 A PCA 1 ? GLN 'modified residue' 
2 B PCA 1 B PCA 1 ? GLN 'modified residue' 
3 C PCA 1 C PCA 1 ? GLN 'modified residue' 
# 
_phasing.method   MR 
# 
_pdbx_distant_solvent_atoms.id                                1 
_pdbx_distant_solvent_atoms.PDB_model_num                     1 
_pdbx_distant_solvent_atoms.auth_atom_id                      O 
_pdbx_distant_solvent_atoms.label_alt_id                      ? 
_pdbx_distant_solvent_atoms.auth_asym_id                      A 
_pdbx_distant_solvent_atoms.auth_comp_id                      HOH 
_pdbx_distant_solvent_atoms.auth_seq_id                       134 
_pdbx_distant_solvent_atoms.PDB_ins_code                      ? 
_pdbx_distant_solvent_atoms.neighbor_macromolecule_distance   6.28 
_pdbx_distant_solvent_atoms.neighbor_ligand_distance          . 
# 
loop_
_pdbx_unobs_or_zero_occ_residues.id 
_pdbx_unobs_or_zero_occ_residues.PDB_model_num 
_pdbx_unobs_or_zero_occ_residues.polymer_flag 
_pdbx_unobs_or_zero_occ_residues.occupancy_flag 
_pdbx_unobs_or_zero_occ_residues.auth_asym_id 
_pdbx_unobs_or_zero_occ_residues.auth_comp_id 
_pdbx_unobs_or_zero_occ_residues.auth_seq_id 
_pdbx_unobs_or_zero_occ_residues.PDB_ins_code 
_pdbx_unobs_or_zero_occ_residues.label_asym_id 
_pdbx_unobs_or_zero_occ_residues.label_comp_id 
_pdbx_unobs_or_zero_occ_residues.label_seq_id 
1 1 Y 1 A GLU 50 ? A GLU 50 
2 1 Y 1 A LYS 51 ? A LYS 51 
3 1 Y 1 B GLU 50 ? B GLU 50 
4 1 Y 1 B LYS 51 ? B LYS 51 
5 1 Y 1 C LEU 49 ? C LEU 49 
6 1 Y 1 C GLU 50 ? C GLU 50 
7 1 Y 1 C LYS 51 ? C LYS 51 
# 
loop_
_chem_comp_atom.comp_id 
_chem_comp_atom.atom_id 
_chem_comp_atom.type_symbol 
_chem_comp_atom.pdbx_aromatic_flag 
_chem_comp_atom.pdbx_stereo_config 
_chem_comp_atom.pdbx_ordinal 
ALA N    N N N 1   
ALA CA   C N S 2   
ALA C    C N N 3   
ALA O    O N N 4   
ALA CB   C N N 5   
ALA OXT  O N N 6   
ALA H    H N N 7   
ALA H2   H N N 8   
ALA HA   H N N 9   
ALA HB1  H N N 10  
ALA HB2  H N N 11  
ALA HB3  H N N 12  
ALA HXT  H N N 13  
ARG N    N N N 14  
ARG CA   C N S 15  
ARG C    C N N 16  
ARG O    O N N 17  
ARG CB   C N N 18  
ARG CG   C N N 19  
ARG CD   C N N 20  
ARG NE   N N N 21  
ARG CZ   C N N 22  
ARG NH1  N N N 23  
ARG NH2  N N N 24  
ARG OXT  O N N 25  
ARG H    H N N 26  
ARG H2   H N N 27  
ARG HA   H N N 28  
ARG HB2  H N N 29  
ARG HB3  H N N 30  
ARG HG2  H N N 31  
ARG HG3  H N N 32  
ARG HD2  H N N 33  
ARG HD3  H N N 34  
ARG HE   H N N 35  
ARG HH11 H N N 36  
ARG HH12 H N N 37  
ARG HH21 H N N 38  
ARG HH22 H N N 39  
ARG HXT  H N N 40  
ASN N    N N N 41  
ASN CA   C N S 42  
ASN C    C N N 43  
ASN O    O N N 44  
ASN CB   C N N 45  
ASN CG   C N N 46  
ASN OD1  O N N 47  
ASN ND2  N N N 48  
ASN OXT  O N N 49  
ASN H    H N N 50  
ASN H2   H N N 51  
ASN HA   H N N 52  
ASN HB2  H N N 53  
ASN HB3  H N N 54  
ASN HD21 H N N 55  
ASN HD22 H N N 56  
ASN HXT  H N N 57  
ASP N    N N N 58  
ASP CA   C N S 59  
ASP C    C N N 60  
ASP O    O N N 61  
ASP CB   C N N 62  
ASP CG   C N N 63  
ASP OD1  O N N 64  
ASP OD2  O N N 65  
ASP OXT  O N N 66  
ASP H    H N N 67  
ASP H2   H N N 68  
ASP HA   H N N 69  
ASP HB2  H N N 70  
ASP HB3  H N N 71  
ASP HD2  H N N 72  
ASP HXT  H N N 73  
CYS N    N N N 74  
CYS CA   C N R 75  
CYS C    C N N 76  
CYS O    O N N 77  
CYS CB   C N N 78  
CYS SG   S N N 79  
CYS OXT  O N N 80  
CYS H    H N N 81  
CYS H2   H N N 82  
CYS HA   H N N 83  
CYS HB2  H N N 84  
CYS HB3  H N N 85  
CYS HG   H N N 86  
CYS HXT  H N N 87  
GLN N    N N N 88  
GLN CA   C N S 89  
GLN C    C N N 90  
GLN O    O N N 91  
GLN CB   C N N 92  
GLN CG   C N N 93  
GLN CD   C N N 94  
GLN OE1  O N N 95  
GLN NE2  N N N 96  
GLN OXT  O N N 97  
GLN H    H N N 98  
GLN H2   H N N 99  
GLN HA   H N N 100 
GLN HB2  H N N 101 
GLN HB3  H N N 102 
GLN HG2  H N N 103 
GLN HG3  H N N 104 
GLN HE21 H N N 105 
GLN HE22 H N N 106 
GLN HXT  H N N 107 
GLU N    N N N 108 
GLU CA   C N S 109 
GLU C    C N N 110 
GLU O    O N N 111 
GLU CB   C N N 112 
GLU CG   C N N 113 
GLU CD   C N N 114 
GLU OE1  O N N 115 
GLU OE2  O N N 116 
GLU OXT  O N N 117 
GLU H    H N N 118 
GLU H2   H N N 119 
GLU HA   H N N 120 
GLU HB2  H N N 121 
GLU HB3  H N N 122 
GLU HG2  H N N 123 
GLU HG3  H N N 124 
GLU HE2  H N N 125 
GLU HXT  H N N 126 
GLY N    N N N 127 
GLY CA   C N N 128 
GLY C    C N N 129 
GLY O    O N N 130 
GLY OXT  O N N 131 
GLY H    H N N 132 
GLY H2   H N N 133 
GLY HA2  H N N 134 
GLY HA3  H N N 135 
GLY HXT  H N N 136 
HOH O    O N N 137 
HOH H1   H N N 138 
HOH H2   H N N 139 
ILE N    N N N 140 
ILE CA   C N S 141 
ILE C    C N N 142 
ILE O    O N N 143 
ILE CB   C N S 144 
ILE CG1  C N N 145 
ILE CG2  C N N 146 
ILE CD1  C N N 147 
ILE OXT  O N N 148 
ILE H    H N N 149 
ILE H2   H N N 150 
ILE HA   H N N 151 
ILE HB   H N N 152 
ILE HG12 H N N 153 
ILE HG13 H N N 154 
ILE HG21 H N N 155 
ILE HG22 H N N 156 
ILE HG23 H N N 157 
ILE HD11 H N N 158 
ILE HD12 H N N 159 
ILE HD13 H N N 160 
ILE HXT  H N N 161 
LEU N    N N N 162 
LEU CA   C N S 163 
LEU C    C N N 164 
LEU O    O N N 165 
LEU CB   C N N 166 
LEU CG   C N N 167 
LEU CD1  C N N 168 
LEU CD2  C N N 169 
LEU OXT  O N N 170 
LEU H    H N N 171 
LEU H2   H N N 172 
LEU HA   H N N 173 
LEU HB2  H N N 174 
LEU HB3  H N N 175 
LEU HG   H N N 176 
LEU HD11 H N N 177 
LEU HD12 H N N 178 
LEU HD13 H N N 179 
LEU HD21 H N N 180 
LEU HD22 H N N 181 
LEU HD23 H N N 182 
LEU HXT  H N N 183 
LYS N    N N N 184 
LYS CA   C N S 185 
LYS C    C N N 186 
LYS O    O N N 187 
LYS CB   C N N 188 
LYS CG   C N N 189 
LYS CD   C N N 190 
LYS CE   C N N 191 
LYS NZ   N N N 192 
LYS OXT  O N N 193 
LYS H    H N N 194 
LYS H2   H N N 195 
LYS HA   H N N 196 
LYS HB2  H N N 197 
LYS HB3  H N N 198 
LYS HG2  H N N 199 
LYS HG3  H N N 200 
LYS HD2  H N N 201 
LYS HD3  H N N 202 
LYS HE2  H N N 203 
LYS HE3  H N N 204 
LYS HZ1  H N N 205 
LYS HZ2  H N N 206 
LYS HZ3  H N N 207 
LYS HXT  H N N 208 
PCA N    N N N 209 
PCA CA   C N S 210 
PCA CB   C N N 211 
PCA CG   C N N 212 
PCA CD   C N N 213 
PCA OE   O N N 214 
PCA C    C N N 215 
PCA O    O N N 216 
PCA OXT  O N N 217 
PCA H    H N N 218 
PCA HA   H N N 219 
PCA HB2  H N N 220 
PCA HB3  H N N 221 
PCA HG2  H N N 222 
PCA HG3  H N N 223 
PCA HXT  H N N 224 
PHE N    N N N 225 
PHE CA   C N S 226 
PHE C    C N N 227 
PHE O    O N N 228 
PHE CB   C N N 229 
PHE CG   C Y N 230 
PHE CD1  C Y N 231 
PHE CD2  C Y N 232 
PHE CE1  C Y N 233 
PHE CE2  C Y N 234 
PHE CZ   C Y N 235 
PHE OXT  O N N 236 
PHE H    H N N 237 
PHE H2   H N N 238 
PHE HA   H N N 239 
PHE HB2  H N N 240 
PHE HB3  H N N 241 
PHE HD1  H N N 242 
PHE HD2  H N N 243 
PHE HE1  H N N 244 
PHE HE2  H N N 245 
PHE HZ   H N N 246 
PHE HXT  H N N 247 
PRO N    N N N 248 
PRO CA   C N S 249 
PRO C    C N N 250 
PRO O    O N N 251 
PRO CB   C N N 252 
PRO CG   C N N 253 
PRO CD   C N N 254 
PRO OXT  O N N 255 
PRO H    H N N 256 
PRO HA   H N N 257 
PRO HB2  H N N 258 
PRO HB3  H N N 259 
PRO HG2  H N N 260 
PRO HG3  H N N 261 
PRO HD2  H N N 262 
PRO HD3  H N N 263 
PRO HXT  H N N 264 
SER N    N N N 265 
SER CA   C N S 266 
SER C    C N N 267 
SER O    O N N 268 
SER CB   C N N 269 
SER OG   O N N 270 
SER OXT  O N N 271 
SER H    H N N 272 
SER H2   H N N 273 
SER HA   H N N 274 
SER HB2  H N N 275 
SER HB3  H N N 276 
SER HG   H N N 277 
SER HXT  H N N 278 
THR N    N N N 279 
THR CA   C N S 280 
THR C    C N N 281 
THR O    O N N 282 
THR CB   C N R 283 
THR OG1  O N N 284 
THR CG2  C N N 285 
THR OXT  O N N 286 
THR H    H N N 287 
THR H2   H N N 288 
THR HA   H N N 289 
THR HB   H N N 290 
THR HG1  H N N 291 
THR HG21 H N N 292 
THR HG22 H N N 293 
THR HG23 H N N 294 
THR HXT  H N N 295 
TRP N    N N N 296 
TRP CA   C N S 297 
TRP C    C N N 298 
TRP O    O N N 299 
TRP CB   C N N 300 
TRP CG   C Y N 301 
TRP CD1  C Y N 302 
TRP CD2  C Y N 303 
TRP NE1  N Y N 304 
TRP CE2  C Y N 305 
TRP CE3  C Y N 306 
TRP CZ2  C Y N 307 
TRP CZ3  C Y N 308 
TRP CH2  C Y N 309 
TRP OXT  O N N 310 
TRP H    H N N 311 
TRP H2   H N N 312 
TRP HA   H N N 313 
TRP HB2  H N N 314 
TRP HB3  H N N 315 
TRP HD1  H N N 316 
TRP HE1  H N N 317 
TRP HE3  H N N 318 
TRP HZ2  H N N 319 
TRP HZ3  H N N 320 
TRP HH2  H N N 321 
TRP HXT  H N N 322 
TYR N    N N N 323 
TYR CA   C N S 324 
TYR C    C N N 325 
TYR O    O N N 326 
TYR CB   C N N 327 
TYR CG   C Y N 328 
TYR CD1  C Y N 329 
TYR CD2  C Y N 330 
TYR CE1  C Y N 331 
TYR CE2  C Y N 332 
TYR CZ   C Y N 333 
TYR OH   O N N 334 
TYR OXT  O N N 335 
TYR H    H N N 336 
TYR H2   H N N 337 
TYR HA   H N N 338 
TYR HB2  H N N 339 
TYR HB3  H N N 340 
TYR HD1  H N N 341 
TYR HD2  H N N 342 
TYR HE1  H N N 343 
TYR HE2  H N N 344 
TYR HH   H N N 345 
TYR HXT  H N N 346 
VAL N    N N N 347 
VAL CA   C N S 348 
VAL C    C N N 349 
VAL O    O N N 350 
VAL CB   C N N 351 
VAL CG1  C N N 352 
VAL CG2  C N N 353 
VAL OXT  O N N 354 
VAL H    H N N 355 
VAL H2   H N N 356 
VAL HA   H N N 357 
VAL HB   H N N 358 
VAL HG11 H N N 359 
VAL HG12 H N N 360 
VAL HG13 H N N 361 
VAL HG21 H N N 362 
VAL HG22 H N N 363 
VAL HG23 H N N 364 
VAL HXT  H N N 365 
# 
loop_
_chem_comp_bond.comp_id 
_chem_comp_bond.atom_id_1 
_chem_comp_bond.atom_id_2 
_chem_comp_bond.value_order 
_chem_comp_bond.pdbx_aromatic_flag 
_chem_comp_bond.pdbx_stereo_config 
_chem_comp_bond.pdbx_ordinal 
ALA N   CA   sing N N 1   
ALA N   H    sing N N 2   
ALA N   H2   sing N N 3   
ALA CA  C    sing N N 4   
ALA CA  CB   sing N N 5   
ALA CA  HA   sing N N 6   
ALA C   O    doub N N 7   
ALA C   OXT  sing N N 8   
ALA CB  HB1  sing N N 9   
ALA CB  HB2  sing N N 10  
ALA CB  HB3  sing N N 11  
ALA OXT HXT  sing N N 12  
ARG N   CA   sing N N 13  
ARG N   H    sing N N 14  
ARG N   H2   sing N N 15  
ARG CA  C    sing N N 16  
ARG CA  CB   sing N N 17  
ARG CA  HA   sing N N 18  
ARG C   O    doub N N 19  
ARG C   OXT  sing N N 20  
ARG CB  CG   sing N N 21  
ARG CB  HB2  sing N N 22  
ARG CB  HB3  sing N N 23  
ARG CG  CD   sing N N 24  
ARG CG  HG2  sing N N 25  
ARG CG  HG3  sing N N 26  
ARG CD  NE   sing N N 27  
ARG CD  HD2  sing N N 28  
ARG CD  HD3  sing N N 29  
ARG NE  CZ   sing N N 30  
ARG NE  HE   sing N N 31  
ARG CZ  NH1  sing N N 32  
ARG CZ  NH2  doub N N 33  
ARG NH1 HH11 sing N N 34  
ARG NH1 HH12 sing N N 35  
ARG NH2 HH21 sing N N 36  
ARG NH2 HH22 sing N N 37  
ARG OXT HXT  sing N N 38  
ASN N   CA   sing N N 39  
ASN N   H    sing N N 40  
ASN N   H2   sing N N 41  
ASN CA  C    sing N N 42  
ASN CA  CB   sing N N 43  
ASN CA  HA   sing N N 44  
ASN C   O    doub N N 45  
ASN C   OXT  sing N N 46  
ASN CB  CG   sing N N 47  
ASN CB  HB2  sing N N 48  
ASN CB  HB3  sing N N 49  
ASN CG  OD1  doub N N 50  
ASN CG  ND2  sing N N 51  
ASN ND2 HD21 sing N N 52  
ASN ND2 HD22 sing N N 53  
ASN OXT HXT  sing N N 54  
ASP N   CA   sing N N 55  
ASP N   H    sing N N 56  
ASP N   H2   sing N N 57  
ASP CA  C    sing N N 58  
ASP CA  CB   sing N N 59  
ASP CA  HA   sing N N 60  
ASP C   O    doub N N 61  
ASP C   OXT  sing N N 62  
ASP CB  CG   sing N N 63  
ASP CB  HB2  sing N N 64  
ASP CB  HB3  sing N N 65  
ASP CG  OD1  doub N N 66  
ASP CG  OD2  sing N N 67  
ASP OD2 HD2  sing N N 68  
ASP OXT HXT  sing N N 69  
CYS N   CA   sing N N 70  
CYS N   H    sing N N 71  
CYS N   H2   sing N N 72  
CYS CA  C    sing N N 73  
CYS CA  CB   sing N N 74  
CYS CA  HA   sing N N 75  
CYS C   O    doub N N 76  
CYS C   OXT  sing N N 77  
CYS CB  SG   sing N N 78  
CYS CB  HB2  sing N N 79  
CYS CB  HB3  sing N N 80  
CYS SG  HG   sing N N 81  
CYS OXT HXT  sing N N 82  
GLN N   CA   sing N N 83  
GLN N   H    sing N N 84  
GLN N   H2   sing N N 85  
GLN CA  C    sing N N 86  
GLN CA  CB   sing N N 87  
GLN CA  HA   sing N N 88  
GLN C   O    doub N N 89  
GLN C   OXT  sing N N 90  
GLN CB  CG   sing N N 91  
GLN CB  HB2  sing N N 92  
GLN CB  HB3  sing N N 93  
GLN CG  CD   sing N N 94  
GLN CG  HG2  sing N N 95  
GLN CG  HG3  sing N N 96  
GLN CD  OE1  doub N N 97  
GLN CD  NE2  sing N N 98  
GLN NE2 HE21 sing N N 99  
GLN NE2 HE22 sing N N 100 
GLN OXT HXT  sing N N 101 
GLU N   CA   sing N N 102 
GLU N   H    sing N N 103 
GLU N   H2   sing N N 104 
GLU CA  C    sing N N 105 
GLU CA  CB   sing N N 106 
GLU CA  HA   sing N N 107 
GLU C   O    doub N N 108 
GLU C   OXT  sing N N 109 
GLU CB  CG   sing N N 110 
GLU CB  HB2  sing N N 111 
GLU CB  HB3  sing N N 112 
GLU CG  CD   sing N N 113 
GLU CG  HG2  sing N N 114 
GLU CG  HG3  sing N N 115 
GLU CD  OE1  doub N N 116 
GLU CD  OE2  sing N N 117 
GLU OE2 HE2  sing N N 118 
GLU OXT HXT  sing N N 119 
GLY N   CA   sing N N 120 
GLY N   H    sing N N 121 
GLY N   H2   sing N N 122 
GLY CA  C    sing N N 123 
GLY CA  HA2  sing N N 124 
GLY CA  HA3  sing N N 125 
GLY C   O    doub N N 126 
GLY C   OXT  sing N N 127 
GLY OXT HXT  sing N N 128 
HOH O   H1   sing N N 129 
HOH O   H2   sing N N 130 
ILE N   CA   sing N N 131 
ILE N   H    sing N N 132 
ILE N   H2   sing N N 133 
ILE CA  C    sing N N 134 
ILE CA  CB   sing N N 135 
ILE CA  HA   sing N N 136 
ILE C   O    doub N N 137 
ILE C   OXT  sing N N 138 
ILE CB  CG1  sing N N 139 
ILE CB  CG2  sing N N 140 
ILE CB  HB   sing N N 141 
ILE CG1 CD1  sing N N 142 
ILE CG1 HG12 sing N N 143 
ILE CG1 HG13 sing N N 144 
ILE CG2 HG21 sing N N 145 
ILE CG2 HG22 sing N N 146 
ILE CG2 HG23 sing N N 147 
ILE CD1 HD11 sing N N 148 
ILE CD1 HD12 sing N N 149 
ILE CD1 HD13 sing N N 150 
ILE OXT HXT  sing N N 151 
LEU N   CA   sing N N 152 
LEU N   H    sing N N 153 
LEU N   H2   sing N N 154 
LEU CA  C    sing N N 155 
LEU CA  CB   sing N N 156 
LEU CA  HA   sing N N 157 
LEU C   O    doub N N 158 
LEU C   OXT  sing N N 159 
LEU CB  CG   sing N N 160 
LEU CB  HB2  sing N N 161 
LEU CB  HB3  sing N N 162 
LEU CG  CD1  sing N N 163 
LEU CG  CD2  sing N N 164 
LEU CG  HG   sing N N 165 
LEU CD1 HD11 sing N N 166 
LEU CD1 HD12 sing N N 167 
LEU CD1 HD13 sing N N 168 
LEU CD2 HD21 sing N N 169 
LEU CD2 HD22 sing N N 170 
LEU CD2 HD23 sing N N 171 
LEU OXT HXT  sing N N 172 
LYS N   CA   sing N N 173 
LYS N   H    sing N N 174 
LYS N   H2   sing N N 175 
LYS CA  C    sing N N 176 
LYS CA  CB   sing N N 177 
LYS CA  HA   sing N N 178 
LYS C   O    doub N N 179 
LYS C   OXT  sing N N 180 
LYS CB  CG   sing N N 181 
LYS CB  HB2  sing N N 182 
LYS CB  HB3  sing N N 183 
LYS CG  CD   sing N N 184 
LYS CG  HG2  sing N N 185 
LYS CG  HG3  sing N N 186 
LYS CD  CE   sing N N 187 
LYS CD  HD2  sing N N 188 
LYS CD  HD3  sing N N 189 
LYS CE  NZ   sing N N 190 
LYS CE  HE2  sing N N 191 
LYS CE  HE3  sing N N 192 
LYS NZ  HZ1  sing N N 193 
LYS NZ  HZ2  sing N N 194 
LYS NZ  HZ3  sing N N 195 
LYS OXT HXT  sing N N 196 
PCA N   CA   sing N N 197 
PCA N   CD   sing N N 198 
PCA N   H    sing N N 199 
PCA CA  CB   sing N N 200 
PCA CA  C    sing N N 201 
PCA CA  HA   sing N N 202 
PCA CB  CG   sing N N 203 
PCA CB  HB2  sing N N 204 
PCA CB  HB3  sing N N 205 
PCA CG  CD   sing N N 206 
PCA CG  HG2  sing N N 207 
PCA CG  HG3  sing N N 208 
PCA CD  OE   doub N N 209 
PCA C   O    doub N N 210 
PCA C   OXT  sing N N 211 
PCA OXT HXT  sing N N 212 
PHE N   CA   sing N N 213 
PHE N   H    sing N N 214 
PHE N   H2   sing N N 215 
PHE CA  C    sing N N 216 
PHE CA  CB   sing N N 217 
PHE CA  HA   sing N N 218 
PHE C   O    doub N N 219 
PHE C   OXT  sing N N 220 
PHE CB  CG   sing N N 221 
PHE CB  HB2  sing N N 222 
PHE CB  HB3  sing N N 223 
PHE CG  CD1  doub Y N 224 
PHE CG  CD2  sing Y N 225 
PHE CD1 CE1  sing Y N 226 
PHE CD1 HD1  sing N N 227 
PHE CD2 CE2  doub Y N 228 
PHE CD2 HD2  sing N N 229 
PHE CE1 CZ   doub Y N 230 
PHE CE1 HE1  sing N N 231 
PHE CE2 CZ   sing Y N 232 
PHE CE2 HE2  sing N N 233 
PHE CZ  HZ   sing N N 234 
PHE OXT HXT  sing N N 235 
PRO N   CA   sing N N 236 
PRO N   CD   sing N N 237 
PRO N   H    sing N N 238 
PRO CA  C    sing N N 239 
PRO CA  CB   sing N N 240 
PRO CA  HA   sing N N 241 
PRO C   O    doub N N 242 
PRO C   OXT  sing N N 243 
PRO CB  CG   sing N N 244 
PRO CB  HB2  sing N N 245 
PRO CB  HB3  sing N N 246 
PRO CG  CD   sing N N 247 
PRO CG  HG2  sing N N 248 
PRO CG  HG3  sing N N 249 
PRO CD  HD2  sing N N 250 
PRO CD  HD3  sing N N 251 
PRO OXT HXT  sing N N 252 
SER N   CA   sing N N 253 
SER N   H    sing N N 254 
SER N   H2   sing N N 255 
SER CA  C    sing N N 256 
SER CA  CB   sing N N 257 
SER CA  HA   sing N N 258 
SER C   O    doub N N 259 
SER C   OXT  sing N N 260 
SER CB  OG   sing N N 261 
SER CB  HB2  sing N N 262 
SER CB  HB3  sing N N 263 
SER OG  HG   sing N N 264 
SER OXT HXT  sing N N 265 
THR N   CA   sing N N 266 
THR N   H    sing N N 267 
THR N   H2   sing N N 268 
THR CA  C    sing N N 269 
THR CA  CB   sing N N 270 
THR CA  HA   sing N N 271 
THR C   O    doub N N 272 
THR C   OXT  sing N N 273 
THR CB  OG1  sing N N 274 
THR CB  CG2  sing N N 275 
THR CB  HB   sing N N 276 
THR OG1 HG1  sing N N 277 
THR CG2 HG21 sing N N 278 
THR CG2 HG22 sing N N 279 
THR CG2 HG23 sing N N 280 
THR OXT HXT  sing N N 281 
TRP N   CA   sing N N 282 
TRP N   H    sing N N 283 
TRP N   H2   sing N N 284 
TRP CA  C    sing N N 285 
TRP CA  CB   sing N N 286 
TRP CA  HA   sing N N 287 
TRP C   O    doub N N 288 
TRP C   OXT  sing N N 289 
TRP CB  CG   sing N N 290 
TRP CB  HB2  sing N N 291 
TRP CB  HB3  sing N N 292 
TRP CG  CD1  doub Y N 293 
TRP CG  CD2  sing Y N 294 
TRP CD1 NE1  sing Y N 295 
TRP CD1 HD1  sing N N 296 
TRP CD2 CE2  doub Y N 297 
TRP CD2 CE3  sing Y N 298 
TRP NE1 CE2  sing Y N 299 
TRP NE1 HE1  sing N N 300 
TRP CE2 CZ2  sing Y N 301 
TRP CE3 CZ3  doub Y N 302 
TRP CE3 HE3  sing N N 303 
TRP CZ2 CH2  doub Y N 304 
TRP CZ2 HZ2  sing N N 305 
TRP CZ3 CH2  sing Y N 306 
TRP CZ3 HZ3  sing N N 307 
TRP CH2 HH2  sing N N 308 
TRP OXT HXT  sing N N 309 
TYR N   CA   sing N N 310 
TYR N   H    sing N N 311 
TYR N   H2   sing N N 312 
TYR CA  C    sing N N 313 
TYR CA  CB   sing N N 314 
TYR CA  HA   sing N N 315 
TYR C   O    doub N N 316 
TYR C   OXT  sing N N 317 
TYR CB  CG   sing N N 318 
TYR CB  HB2  sing N N 319 
TYR CB  HB3  sing N N 320 
TYR CG  CD1  doub Y N 321 
TYR CG  CD2  sing Y N 322 
TYR CD1 CE1  sing Y N 323 
TYR CD1 HD1  sing N N 324 
TYR CD2 CE2  doub Y N 325 
TYR CD2 HD2  sing N N 326 
TYR CE1 CZ   doub Y N 327 
TYR CE1 HE1  sing N N 328 
TYR CE2 CZ   sing Y N 329 
TYR CE2 HE2  sing N N 330 
TYR CZ  OH   sing N N 331 
TYR OH  HH   sing N N 332 
TYR OXT HXT  sing N N 333 
VAL N   CA   sing N N 334 
VAL N   H    sing N N 335 
VAL N   H2   sing N N 336 
VAL CA  C    sing N N 337 
VAL CA  CB   sing N N 338 
VAL CA  HA   sing N N 339 
VAL C   O    doub N N 340 
VAL C   OXT  sing N N 341 
VAL CB  CG1  sing N N 342 
VAL CB  CG2  sing N N 343 
VAL CB  HB   sing N N 344 
VAL CG1 HG11 sing N N 345 
VAL CG1 HG12 sing N N 346 
VAL CG1 HG13 sing N N 347 
VAL CG2 HG21 sing N N 348 
VAL CG2 HG22 sing N N 349 
VAL CG2 HG23 sing N N 350 
VAL OXT HXT  sing N N 351 
# 
_pdbx_audit_support.funding_organization   'National Health and Medical Research Council (NHMRC, Australia)' 
_pdbx_audit_support.country                Australia 
_pdbx_audit_support.grant_number           GNT1139549 
_pdbx_audit_support.ordinal                1 
# 
_pdbx_initial_refinement_model.id               1 
_pdbx_initial_refinement_model.entity_id_list   ? 
_pdbx_initial_refinement_model.type             'experimental model' 
_pdbx_initial_refinement_model.source_name      PDB 
_pdbx_initial_refinement_model.accession_code   2PSP 
_pdbx_initial_refinement_model.details          ? 
# 
_atom_sites.entry_id                    6V1D 
_atom_sites.Cartn_transf_matrix[1][1]   ? 
_atom_sites.Cartn_transf_matrix[1][2]   ? 
_atom_sites.Cartn_transf_matrix[1][3]   ? 
_atom_sites.Cartn_transf_matrix[2][1]   ? 
_atom_sites.Cartn_transf_matrix[2][2]   ? 
_atom_sites.Cartn_transf_matrix[2][3]   ? 
_atom_sites.Cartn_transf_matrix[3][1]   ? 
_atom_sites.Cartn_transf_matrix[3][2]   ? 
_atom_sites.Cartn_transf_matrix[3][3]   ? 
_atom_sites.Cartn_transf_vector[1]      ? 
_atom_sites.Cartn_transf_vector[2]      ? 
_atom_sites.Cartn_transf_vector[3]      ? 
_atom_sites.fract_transf_matrix[1][1]   -0.01970446 
_atom_sites.fract_transf_matrix[1][2]   -0.01440275 
_atom_sites.fract_transf_matrix[1][3]   0.00361552 
_atom_sites.fract_transf_matrix[2][1]   -0.00978823 
_atom_sites.fract_transf_matrix[2][2]   0.00834547 
_atom_sites.fract_transf_matrix[2][3]   -0.02010060 
_atom_sites.fract_transf_matrix[3][1]   0.00127475 
_atom_sites.fract_transf_matrix[3][2]   -0.02208103 
_atom_sites.fract_transf_matrix[3][3]   -0.00978847 
_atom_sites.fract_transf_vector[1]      0.211844 
_atom_sites.fract_transf_vector[2]      -0.008471 
_atom_sites.fract_transf_vector[3]      0.735169 
_atom_sites.solution_primary            ? 
_atom_sites.solution_secondary          ? 
_atom_sites.solution_hydrogens          ? 
_atom_sites.special_details             ? 
# 
loop_
_atom_type.symbol 
C 
N 
O 
S 
# 
loop_
_atom_site.group_PDB 
_atom_site.id 
_atom_site.type_symbol 
_atom_site.label_atom_id 
_atom_site.label_alt_id 
_atom_site.label_comp_id 
_atom_site.label_asym_id 
_atom_site.label_entity_id 
_atom_site.label_seq_id 
_atom_site.pdbx_PDB_ins_code 
_atom_site.Cartn_x 
_atom_site.Cartn_y 
_atom_site.Cartn_z 
_atom_site.occupancy 
_atom_site.B_iso_or_equiv 
_atom_site.pdbx_formal_charge 
_atom_site.auth_seq_id 
_atom_site.auth_comp_id 
_atom_site.auth_asym_id 
_atom_site.auth_atom_id 
_atom_site.pdbx_PDB_model_num 
HETATM 1    N N   . PCA A 1 1  ? 3.251   26.337  12.104  1.00 23.18 ? 1   PCA A N   1 
HETATM 2    C CA  . PCA A 1 1  ? 2.483   25.118  11.874  1.00 22.87 ? 1   PCA A CA  1 
HETATM 3    C CB  . PCA A 1 1  ? 3.337   24.065  11.170  1.00 18.53 ? 1   PCA A CB  1 
HETATM 4    C CG  . PCA A 1 1  ? 4.754   24.598  11.113  1.00 24.00 ? 1   PCA A CG  1 
HETATM 5    C CD  . PCA A 1 1  ? 4.599   25.996  11.645  1.00 23.20 ? 1   PCA A CD  1 
HETATM 6    O OE  . PCA A 1 1  ? 5.546   26.779  11.672  1.00 36.34 ? 1   PCA A OE  1 
HETATM 7    C C   . PCA A 1 1  ? 1.925   24.521  13.158  1.00 18.81 ? 1   PCA A C   1 
HETATM 8    O O   . PCA A 1 1  ? 2.534   24.613  14.222  1.00 17.92 ? 1   PCA A O   1 
ATOM   9    N N   . THR A 1 2  ? 0.751   23.906  13.042  1.00 20.79 ? 2   THR A N   1 
ATOM   10   C CA  . THR A 1 2  ? 0.114   23.216  14.157  1.00 18.10 ? 2   THR A CA  1 
ATOM   11   C C   . THR A 1 2  ? -0.200  21.777  13.762  1.00 16.99 ? 2   THR A C   1 
ATOM   12   O O   . THR A 1 2  ? -0.638  20.973  14.584  1.00 19.81 ? 2   THR A O   1 
ATOM   13   C CB  . THR A 1 2  ? -1.183  23.920  14.597  1.00 17.12 ? 2   THR A CB  1 
ATOM   14   O OG1 . THR A 1 2  ? -2.126  23.905  13.518  1.00 20.35 ? 2   THR A OG1 1 
ATOM   15   C CG2 . THR A 1 2  ? -0.903  25.363  15.000  1.00 23.08 ? 2   THR A CG2 1 
ATOM   16   N N   . GLU A 1 3  ? 0.028   21.468  12.488  1.00 18.00 ? 3   GLU A N   1 
ATOM   17   C CA  . GLU A 1 3  ? -0.228  20.152  11.928  1.00 16.97 ? 3   GLU A CA  1 
ATOM   18   C C   . GLU A 1 3  ? 1.058   19.574  11.355  1.00 18.79 ? 3   GLU A C   1 
ATOM   19   O O   . GLU A 1 3  ? 1.915   20.304  10.849  1.00 16.84 ? 3   GLU A O   1 
ATOM   20   C CB  . GLU A 1 3  ? -1.301  20.215  10.832  1.00 13.51 ? 3   GLU A CB  1 
ATOM   21   C CG  . GLU A 1 3  ? -2.630  20.776  11.304  1.00 17.62 ? 3   GLU A CG  1 
ATOM   22   C CD  . GLU A 1 3  ? -3.320  19.871  12.303  1.00 23.89 ? 3   GLU A CD  1 
ATOM   23   O OE1 . GLU A 1 3  ? -3.154  18.638  12.202  1.00 23.69 ? 3   GLU A OE1 1 
ATOM   24   O OE2 . GLU A 1 3  ? -4.023  20.393  13.194  1.00 33.14 ? 3   GLU A OE2 1 
ATOM   25   N N   . THR A 1 4  ? 1.185   18.251  11.440  1.00 14.22 ? 4   THR A N   1 
ATOM   26   C CA  . THR A 1 4  ? 2.348   17.555  10.908  1.00 15.17 ? 4   THR A CA  1 
ATOM   27   C C   . THR A 1 4  ? 1.895   16.316  10.153  1.00 14.42 ? 4   THR A C   1 
ATOM   28   O O   . THR A 1 4  ? 0.919   15.663  10.535  1.00 15.86 ? 4   THR A O   1 
ATOM   29   C CB  . THR A 1 4  ? 3.334   17.160  12.020  1.00 12.28 ? 4   THR A CB  1 
ATOM   30   O OG1 . THR A 1 4  ? 4.433   16.434  11.453  1.00 17.60 ? 4   THR A OG1 1 
ATOM   31   C CG2 . THR A 1 4  ? 2.651   16.299  13.071  1.00 13.68 ? 4   THR A CG2 1 
ATOM   32   N N   . CYS A 1 5  ? 2.606   16.003  9.073   1.00 16.25 ? 5   CYS A N   1 
ATOM   33   C CA  . CYS A 1 5  ? 2.329   14.810  8.288   1.00 11.22 ? 5   CYS A CA  1 
ATOM   34   C C   . CYS A 1 5  ? 2.991   13.567  8.861   1.00 14.64 ? 5   CYS A C   1 
ATOM   35   O O   . CYS A 1 5  ? 2.918   12.501  8.240   1.00 16.41 ? 5   CYS A O   1 
ATOM   36   C CB  . CYS A 1 5  ? 2.768   15.026  6.839   1.00 12.75 ? 5   CYS A CB  1 
ATOM   37   S SG  . CYS A 1 5  ? 1.733   16.212  5.963   1.00 24.47 ? 5   CYS A SG  1 
ATOM   38   N N   . THR A 1 6  ? 3.634   13.682  10.021  1.00 13.72 ? 6   THR A N   1 
ATOM   39   C CA  . THR A 1 6  ? 4.245   12.537  10.690  1.00 15.75 ? 6   THR A CA  1 
ATOM   40   C C   . THR A 1 6  ? 3.146   11.764  11.407  1.00 13.46 ? 6   THR A C   1 
ATOM   41   O O   . THR A 1 6  ? 2.757   12.102  12.528  1.00 12.00 ? 6   THR A O   1 
ATOM   42   C CB  . THR A 1 6  ? 5.325   12.995  11.664  1.00 16.00 ? 6   THR A CB  1 
ATOM   43   O OG1 . THR A 1 6  ? 6.291   13.794  10.970  1.00 20.49 ? 6   THR A OG1 1 
ATOM   44   C CG2 . THR A 1 6  ? 6.021   11.794  12.286  1.00 16.50 ? 6   THR A CG2 1 
ATOM   45   N N   . VAL A 1 7  ? 2.625   10.733  10.749  1.00 17.58 ? 7   VAL A N   1 
ATOM   46   C CA  . VAL A 1 7  ? 1.578   9.885   11.305  1.00 14.16 ? 7   VAL A CA  1 
ATOM   47   C C   . VAL A 1 7  ? 1.997   8.434   11.126  1.00 16.02 ? 7   VAL A C   1 
ATOM   48   O O   . VAL A 1 7  ? 2.481   8.051   10.054  1.00 21.78 ? 7   VAL A O   1 
ATOM   49   C CB  . VAL A 1 7  ? 0.213   10.137  10.634  1.00 15.91 ? 7   VAL A CB  1 
ATOM   50   C CG1 . VAL A 1 7  ? -0.873  9.313   11.313  1.00 16.86 ? 7   VAL A CG1 1 
ATOM   51   C CG2 . VAL A 1 7  ? -0.141  11.617  10.656  1.00 15.29 ? 7   VAL A CG2 1 
ATOM   52   N N   . ALA A 1 8  ? 1.819   7.635   12.172  1.00 13.94 ? 8   ALA A N   1 
ATOM   53   C CA  . ALA A 1 8  ? 2.062   6.205   12.061  1.00 15.16 ? 8   ALA A CA  1 
ATOM   54   C C   . ALA A 1 8  ? 1.130   5.617   11.005  1.00 19.11 ? 8   ALA A C   1 
ATOM   55   O O   . ALA A 1 8  ? -0.070  5.927   11.006  1.00 18.84 ? 8   ALA A O   1 
ATOM   56   C CB  . ALA A 1 8  ? 1.842   5.515   13.406  1.00 19.12 ? 8   ALA A CB  1 
ATOM   57   N N   . PRO A 1 9  ? 1.638   4.791   10.083  1.00 18.71 ? 9   PRO A N   1 
ATOM   58   C CA  . PRO A 1 9  ? 0.773   4.269   9.007   1.00 18.42 ? 9   PRO A CA  1 
ATOM   59   C C   . PRO A 1 9  ? -0.495  3.592   9.501   1.00 17.52 ? 9   PRO A C   1 
ATOM   60   O O   . PRO A 1 9  ? -1.549  3.736   8.870   1.00 22.50 ? 9   PRO A O   1 
ATOM   61   C CB  . PRO A 1 9  ? 1.700   3.289   8.277   1.00 12.14 ? 9   PRO A CB  1 
ATOM   62   C CG  . PRO A 1 9  ? 3.068   3.847   8.500   1.00 13.67 ? 9   PRO A CG  1 
ATOM   63   C CD  . PRO A 1 9  ? 3.048   4.409   9.896   1.00 16.05 ? 9   PRO A CD  1 
ATOM   64   N N   . ARG A 1 10 ? -0.434  2.870   10.622  1.00 15.53 ? 10  ARG A N   1 
ATOM   65   C CA  . ARG A 1 10 ? -1.628  2.223   11.147  1.00 19.36 ? 10  ARG A CA  1 
ATOM   66   C C   . ARG A 1 10 ? -2.603  3.207   11.781  1.00 16.84 ? 10  ARG A C   1 
ATOM   67   O O   . ARG A 1 10 ? -3.719  2.808   12.132  1.00 17.06 ? 10  ARG A O   1 
ATOM   68   C CB  . ARG A 1 10 ? -1.241  1.144   12.162  1.00 22.62 ? 10  ARG A CB  1 
ATOM   69   C CG  . ARG A 1 10 ? -0.660  1.677   13.460  1.00 33.44 ? 10  ARG A CG  1 
ATOM   70   C CD  . ARG A 1 10 ? -0.250  0.532   14.367  1.00 42.15 ? 10  ARG A CD  1 
ATOM   71   N NE  . ARG A 1 10 ? -1.354  -0.396  14.592  1.00 62.63 ? 10  ARG A NE  1 
ATOM   72   C CZ  . ARG A 1 10 ? -1.211  -1.628  15.068  1.00 67.80 ? 10  ARG A CZ  1 
ATOM   73   N NH1 . ARG A 1 10 ? -2.276  -2.401  15.238  1.00 60.14 ? 10  ARG A NH1 1 
ATOM   74   N NH2 . ARG A 1 10 ? -0.005  -2.092  15.366  1.00 62.65 ? 10  ARG A NH2 1 
ATOM   75   N N   . GLU A 1 11 ? -2.217  4.474   11.936  1.00 15.85 ? 11  GLU A N   1 
ATOM   76   C CA  . GLU A 1 11 ? -3.096  5.500   12.480  1.00 16.84 ? 11  GLU A CA  1 
ATOM   77   C C   . GLU A 1 11 ? -3.584  6.487   11.429  1.00 15.62 ? 11  GLU A C   1 
ATOM   78   O O   . GLU A 1 11 ? -4.348  7.399   11.762  1.00 20.51 ? 11  GLU A O   1 
ATOM   79   C CB  . GLU A 1 11 ? -2.388  6.269   13.604  1.00 12.66 ? 11  GLU A CB  1 
ATOM   80   C CG  . GLU A 1 11 ? -2.045  5.436   14.827  1.00 20.57 ? 11  GLU A CG  1 
ATOM   81   C CD  . GLU A 1 11 ? -1.510  6.281   15.969  1.00 26.53 ? 11  GLU A CD  1 
ATOM   82   O OE1 . GLU A 1 11 ? -1.562  7.524   15.865  1.00 35.18 ? 11  GLU A OE1 1 
ATOM   83   O OE2 . GLU A 1 11 ? -1.039  5.702   16.970  1.00 44.45 ? 11  GLU A OE2 1 
ATOM   84   N N   . ARG A 1 12 ? -3.166  6.334   10.175  1.00 12.04 ? 12  ARG A N   1 
ATOM   85   C CA  . ARG A 1 12 ? -3.537  7.286   9.135   1.00 14.24 ? 12  ARG A CA  1 
ATOM   86   C C   . ARG A 1 12 ? -4.992  7.078   8.728   1.00 19.18 ? 12  ARG A C   1 
ATOM   87   O O   . ARG A 1 12 ? -5.371  5.990   8.282   1.00 19.69 ? 12  ARG A O   1 
ATOM   88   C CB  . ARG A 1 12 ? -2.608  7.139   7.932   1.00 15.02 ? 12  ARG A CB  1 
ATOM   89   C CG  . ARG A 1 12 ? -1.140  7.365   8.266   1.00 14.68 ? 12  ARG A CG  1 
ATOM   90   C CD  . ARG A 1 12 ? -0.245  7.254   7.042   1.00 14.25 ? 12  ARG A CD  1 
ATOM   91   N NE  . ARG A 1 12 ? 1.166   7.394   7.395   1.00 17.59 ? 12  ARG A NE  1 
ATOM   92   C CZ  . ARG A 1 12 ? 2.168   7.325   6.523   1.00 17.88 ? 12  ARG A CZ  1 
ATOM   93   N NH1 . ARG A 1 12 ? 1.920   7.120   5.236   1.00 13.43 ? 12  ARG A NH1 1 
ATOM   94   N NH2 . ARG A 1 12 ? 3.420   7.464   6.940   1.00 15.62 ? 12  ARG A NH2 1 
ATOM   95   N N   . GLN A 1 13 ? -5.805  8.119   8.889   1.00 18.66 ? 13  GLN A N   1 
ATOM   96   C CA  . GLN A 1 13 ? -7.216  8.080   8.535   1.00 17.11 ? 13  GLN A CA  1 
ATOM   97   C C   . GLN A 1 13 ? -7.407  8.613   7.121   1.00 16.85 ? 13  GLN A C   1 
ATOM   98   O O   . GLN A 1 13 ? -6.821  9.632   6.749   1.00 15.08 ? 13  GLN A O   1 
ATOM   99   C CB  . GLN A 1 13 ? -8.048  8.904   9.519   1.00 20.01 ? 13  GLN A CB  1 
ATOM   100  C CG  . GLN A 1 13 ? -7.804  8.558   10.977  1.00 26.02 ? 13  GLN A CG  1 
ATOM   101  C CD  . GLN A 1 13 ? -8.598  9.436   11.923  1.00 33.77 ? 13  GLN A CD  1 
ATOM   102  O OE1 . GLN A 1 13 ? -9.595  10.045  11.533  1.00 31.17 ? 13  GLN A OE1 1 
ATOM   103  N NE2 . GLN A 1 13 ? -8.156  9.509   13.173  1.00 34.53 ? 13  GLN A NE2 1 
ATOM   104  N N   . ASN A 1 14 ? -8.240  7.924   6.342   1.00 16.82 ? 14  ASN A N   1 
ATOM   105  C CA  . ASN A 1 14 ? -8.410  8.263   4.935   1.00 11.75 ? 14  ASN A CA  1 
ATOM   106  C C   . ASN A 1 14 ? -8.991  9.661   4.772   1.00 14.06 ? 14  ASN A C   1 
ATOM   107  O O   . ASN A 1 14 ? -10.070 9.965   5.290   1.00 16.57 ? 14  ASN A O   1 
ATOM   108  C CB  . ASN A 1 14 ? -9.311  7.236   4.252   1.00 15.33 ? 14  ASN A CB  1 
ATOM   109  C CG  . ASN A 1 14 ? -9.532  7.541   2.783   1.00 14.67 ? 14  ASN A CG  1 
ATOM   110  O OD1 . ASN A 1 14 ? -8.660  8.095   2.112   1.00 18.32 ? 14  ASN A OD1 1 
ATOM   111  N ND2 . ASN A 1 14 ? -10.707 7.186   2.275   1.00 13.98 ? 14  ASN A ND2 1 
ATOM   112  N N   . CYS A 1 15 ? -8.268  10.511  4.044   1.00 14.24 ? 15  CYS A N   1 
ATOM   113  C CA  . CYS A 1 15 ? -8.737  11.838  3.681   1.00 13.82 ? 15  CYS A CA  1 
ATOM   114  C C   . CYS A 1 15 ? -9.134  11.944  2.214   1.00 13.23 ? 15  CYS A C   1 
ATOM   115  O O   . CYS A 1 15 ? -9.870  12.869  1.852   1.00 13.82 ? 15  CYS A O   1 
ATOM   116  C CB  . CYS A 1 15 ? -7.655  12.881  4.013   1.00 13.21 ? 15  CYS A CB  1 
ATOM   117  S SG  . CYS A 1 15 ? -7.962  14.571  3.433   1.00 22.16 ? 15  CYS A SG  1 
ATOM   118  N N   . GLY A 1 16 ? -8.702  11.007  1.371   1.00 11.15 ? 16  GLY A N   1 
ATOM   119  C CA  . GLY A 1 16 ? -8.985  11.075  -0.050  1.00 15.30 ? 16  GLY A CA  1 
ATOM   120  C C   . GLY A 1 16 ? -9.893  9.985   -0.585  1.00 15.66 ? 16  GLY A C   1 
ATOM   121  O O   . GLY A 1 16 ? -10.947 9.701   -0.007  1.00 17.81 ? 16  GLY A O   1 
ATOM   122  N N   . PHE A 1 17 ? -9.489  9.372   -1.693  1.00 18.11 ? 17  PHE A N   1 
ATOM   123  C CA  . PHE A 1 17 ? -10.328 8.435   -2.431  1.00 17.47 ? 17  PHE A CA  1 
ATOM   124  C C   . PHE A 1 17 ? -9.421  7.607   -3.336  1.00 14.58 ? 17  PHE A C   1 
ATOM   125  O O   . PHE A 1 17 ? -8.226  7.903   -3.463  1.00 15.33 ? 17  PHE A O   1 
ATOM   126  C CB  . PHE A 1 17 ? -11.403 9.180   -3.244  1.00 16.77 ? 17  PHE A CB  1 
ATOM   127  C CG  . PHE A 1 17 ? -10.886 10.386  -3.972  1.00 16.78 ? 17  PHE A CG  1 
ATOM   128  C CD1 . PHE A 1 17 ? -10.296 10.262  -5.219  1.00 17.25 ? 17  PHE A CD1 1 
ATOM   129  C CD2 . PHE A 1 17 ? -11.000 11.649  -3.413  1.00 16.10 ? 17  PHE A CD2 1 
ATOM   130  C CE1 . PHE A 1 17 ? -9.823  11.372  -5.890  1.00 14.66 ? 17  PHE A CE1 1 
ATOM   131  C CE2 . PHE A 1 17 ? -10.528 12.762  -4.078  1.00 20.71 ? 17  PHE A CE2 1 
ATOM   132  C CZ  . PHE A 1 17 ? -9.940  12.624  -5.318  1.00 21.32 ? 17  PHE A CZ  1 
ATOM   133  N N   . PRO A 1 18 ? -9.947  6.544   -3.955  1.00 18.82 ? 18  PRO A N   1 
ATOM   134  C CA  . PRO A 1 18 ? -9.113  5.747   -4.871  1.00 14.22 ? 18  PRO A CA  1 
ATOM   135  C C   . PRO A 1 18 ? -8.530  6.594   -5.991  1.00 19.96 ? 18  PRO A C   1 
ATOM   136  O O   . PRO A 1 18 ? -9.253  7.256   -6.738  1.00 21.15 ? 18  PRO A O   1 
ATOM   137  C CB  . PRO A 1 18 ? -10.090 4.696   -5.407  1.00 18.93 ? 18  PRO A CB  1 
ATOM   138  C CG  . PRO A 1 18 ? -11.078 4.531   -4.326  1.00 19.57 ? 18  PRO A CG  1 
ATOM   139  C CD  . PRO A 1 18 ? -11.248 5.893   -3.710  1.00 20.67 ? 18  PRO A CD  1 
ATOM   140  N N   . GLY A 1 19 ? -7.203  6.566   -6.104  1.00 21.39 ? 19  GLY A N   1 
ATOM   141  C CA  . GLY A 1 19 ? -6.523  7.305   -7.147  1.00 13.97 ? 19  GLY A CA  1 
ATOM   142  C C   . GLY A 1 19 ? -6.326  8.775   -6.867  1.00 15.18 ? 19  GLY A C   1 
ATOM   143  O O   . GLY A 1 19 ? -6.148  9.553   -7.810  1.00 17.67 ? 19  GLY A O   1 
ATOM   144  N N   . VAL A 1 20 ? -6.344  9.184   -5.598  1.00 15.78 ? 20  VAL A N   1 
ATOM   145  C CA  . VAL A 1 20 ? -6.190  10.592  -5.260  1.00 13.44 ? 20  VAL A CA  1 
ATOM   146  C C   . VAL A 1 20 ? -4.781  11.055  -5.607  1.00 14.80 ? 20  VAL A C   1 
ATOM   147  O O   . VAL A 1 20 ? -3.804  10.306  -5.467  1.00 12.29 ? 20  VAL A O   1 
ATOM   148  C CB  . VAL A 1 20 ? -6.514  10.823  -3.773  1.00 14.75 ? 20  VAL A CB  1 
ATOM   149  C CG1 . VAL A 1 20 ? -5.550  10.050  -2.881  1.00 11.24 ? 20  VAL A CG1 1 
ATOM   150  C CG2 . VAL A 1 20 ? -6.497  12.310  -3.437  1.00 17.13 ? 20  VAL A CG2 1 
ATOM   151  N N   . THR A 1 21 ? -4.673  12.292  -6.085  1.00 17.12 ? 21  THR A N   1 
ATOM   152  C CA  . THR A 1 21 ? -3.407  12.914  -6.436  1.00 15.21 ? 21  THR A CA  1 
ATOM   153  C C   . THR A 1 21 ? -2.917  13.799  -5.301  1.00 18.91 ? 21  THR A C   1 
ATOM   154  O O   . THR A 1 21 ? -3.691  14.180  -4.418  1.00 20.56 ? 21  THR A O   1 
ATOM   155  C CB  . THR A 1 21 ? -3.562  13.751  -7.711  1.00 16.87 ? 21  THR A CB  1 
ATOM   156  O OG1 . THR A 1 21 ? -4.431  14.861  -7.453  1.00 20.98 ? 21  THR A OG1 1 
ATOM   157  C CG2 . THR A 1 21 ? -4.145  12.909  -8.833  1.00 16.79 ? 21  THR A CG2 1 
ATOM   158  N N   . PRO A 1 22 ? -1.622  14.132  -5.277  1.00 21.81 ? 22  PRO A N   1 
ATOM   159  C CA  . PRO A 1 22 ? -1.141  15.088  -4.266  1.00 15.40 ? 22  PRO A CA  1 
ATOM   160  C C   . PRO A 1 22 ? -1.836  16.436  -4.330  1.00 18.13 ? 22  PRO A C   1 
ATOM   161  O O   . PRO A 1 22 ? -2.042  17.066  -3.285  1.00 19.48 ? 22  PRO A O   1 
ATOM   162  C CB  . PRO A 1 22 ? 0.356   15.208  -4.587  1.00 16.24 ? 22  PRO A CB  1 
ATOM   163  C CG  . PRO A 1 22 ? 0.700   13.910  -5.231  1.00 14.10 ? 22  PRO A CG  1 
ATOM   164  C CD  . PRO A 1 22 ? -0.512  13.516  -6.027  1.00 15.82 ? 22  PRO A CD  1 
ATOM   165  N N   . SER A 1 23 ? -2.212  16.896  -5.526  1.00 17.05 ? 23  SER A N   1 
ATOM   166  C CA  . SER A 1 23 ? -2.899  18.178  -5.639  1.00 12.25 ? 23  SER A CA  1 
ATOM   167  C C   . SER A 1 23 ? -4.288  18.116  -5.016  1.00 17.86 ? 23  SER A C   1 
ATOM   168  O O   . SER A 1 23 ? -4.692  19.035  -4.295  1.00 23.17 ? 23  SER A O   1 
ATOM   169  C CB  . SER A 1 23 ? -2.980  18.602  -7.105  1.00 14.87 ? 23  SER A CB  1 
ATOM   170  O OG  . SER A 1 23 ? -3.533  17.573  -7.906  1.00 33.70 ? 23  SER A OG  1 
ATOM   171  N N   . GLN A 1 24 ? -5.033  17.040  -5.284  1.00 20.38 ? 24  GLN A N   1 
ATOM   172  C CA  . GLN A 1 24 ? -6.327  16.858  -4.633  1.00 19.66 ? 24  GLN A CA  1 
ATOM   173  C C   . GLN A 1 24 ? -6.174  16.692  -3.128  1.00 18.41 ? 24  GLN A C   1 
ATOM   174  O O   . GLN A 1 24 ? -7.066  17.084  -2.366  1.00 16.34 ? 24  GLN A O   1 
ATOM   175  C CB  . GLN A 1 24 ? -7.051  15.650  -5.228  1.00 18.97 ? 24  GLN A CB  1 
ATOM   176  C CG  . GLN A 1 24 ? -7.431  15.806  -6.688  1.00 14.75 ? 24  GLN A CG  1 
ATOM   177  C CD  . GLN A 1 24 ? -7.895  14.505  -7.308  1.00 18.81 ? 24  GLN A CD  1 
ATOM   178  O OE1 . GLN A 1 24 ? -7.338  13.442  -7.035  1.00 13.82 ? 24  GLN A OE1 1 
ATOM   179  N NE2 . GLN A 1 24 ? -8.925  14.581  -8.143  1.00 29.01 ? 24  GLN A NE2 1 
ATOM   180  N N   . CYS A 1 25 ? -5.057  16.113  -2.684  1.00 19.13 ? 25  CYS A N   1 
ATOM   181  C CA  . CYS A 1 25 ? -4.817  15.970  -1.253  1.00 19.27 ? 25  CYS A CA  1 
ATOM   182  C C   . CYS A 1 25 ? -4.403  17.298  -0.632  1.00 17.43 ? 25  CYS A C   1 
ATOM   183  O O   . CYS A 1 25 ? -4.769  17.596  0.511   1.00 16.61 ? 25  CYS A O   1 
ATOM   184  C CB  . CYS A 1 25 ? -3.754  14.898  -1.010  1.00 16.93 ? 25  CYS A CB  1 
ATOM   185  S SG  . CYS A 1 25 ? -3.680  14.284  0.684   1.00 20.27 ? 25  CYS A SG  1 
ATOM   186  N N   . ALA A 1 26 ? -3.646  18.112  -1.374  1.00 19.15 ? 26  ALA A N   1 
ATOM   187  C CA  . ALA A 1 26 ? -3.262  19.429  -0.875  1.00 15.43 ? 26  ALA A CA  1 
ATOM   188  C C   . ALA A 1 26 ? -4.462  20.365  -0.802  1.00 14.92 ? 26  ALA A C   1 
ATOM   189  O O   . ALA A 1 26 ? -4.539  21.209  0.098   1.00 12.74 ? 26  ALA A O   1 
ATOM   190  C CB  . ALA A 1 26 ? -2.168  20.028  -1.758  1.00 11.06 ? 26  ALA A CB  1 
ATOM   191  N N   . ASN A 1 27 ? -5.405  20.235  -1.740  1.00 14.63 ? 27  ASN A N   1 
ATOM   192  C CA  . ASN A 1 27 ? -6.606  21.065  -1.701  1.00 17.32 ? 27  ASN A CA  1 
ATOM   193  C C   . ASN A 1 27 ? -7.414  20.819  -0.433  1.00 15.78 ? 27  ASN A C   1 
ATOM   194  O O   . ASN A 1 27 ? -8.059  21.741  0.080   1.00 13.87 ? 27  ASN A O   1 
ATOM   195  C CB  . ASN A 1 27 ? -7.469  20.805  -2.937  1.00 20.97 ? 27  ASN A CB  1 
ATOM   196  C CG  . ASN A 1 27 ? -6.809  21.273  -4.220  1.00 27.26 ? 27  ASN A CG  1 
ATOM   197  O OD1 . ASN A 1 27 ? -5.654  21.696  -4.217  1.00 32.86 ? 27  ASN A OD1 1 
ATOM   198  N ND2 . ASN A 1 27 ? -7.540  21.194  -5.327  1.00 31.25 ? 27  ASN A ND2 1 
ATOM   199  N N   . LYS A 1 28 ? -7.387  19.596  0.087   1.00 20.21 ? 28  LYS A N   1 
ATOM   200  C CA  . LYS A 1 28 ? -8.086  19.250  1.316   1.00 16.59 ? 28  LYS A CA  1 
ATOM   201  C C   . LYS A 1 28 ? -7.247  19.503  2.562   1.00 15.39 ? 28  LYS A C   1 
ATOM   202  O O   . LYS A 1 28 ? -7.709  19.211  3.671   1.00 15.03 ? 28  LYS A O   1 
ATOM   203  C CB  . LYS A 1 28 ? -8.525  17.782  1.273   1.00 16.82 ? 28  LYS A CB  1 
ATOM   204  C CG  . LYS A 1 28 ? -9.383  17.434  0.066   1.00 22.41 ? 28  LYS A CG  1 
ATOM   205  C CD  . LYS A 1 28 ? -9.573  15.930  -0.084  1.00 27.60 ? 28  LYS A CD  1 
ATOM   206  C CE  . LYS A 1 28 ? -10.988 15.498  0.274   1.00 22.69 ? 28  LYS A CE  1 
ATOM   207  N NZ  . LYS A 1 28 ? -11.296 15.702  1.715   1.00 25.25 ? 28  LYS A NZ  1 
ATOM   208  N N   . GLY A 1 29 ? -6.040  20.037  2.411   1.00 11.52 ? 29  GLY A N   1 
ATOM   209  C CA  . GLY A 1 29 ? -5.173  20.279  3.551   1.00 12.42 ? 29  GLY A CA  1 
ATOM   210  C C   . GLY A 1 29 ? -4.710  19.017  4.242   1.00 14.63 ? 29  GLY A C   1 
ATOM   211  O O   . GLY A 1 29 ? -4.588  18.998  5.474   1.00 14.89 ? 29  GLY A O   1 
ATOM   212  N N   . CYS A 1 30 ? -4.445  17.963  3.482   1.00 19.09 ? 30  CYS A N   1 
ATOM   213  C CA  . CYS A 1 30 ? -4.081  16.660  4.020   1.00 17.68 ? 30  CYS A CA  1 
ATOM   214  C C   . CYS A 1 30 ? -2.682  16.271  3.549   1.00 18.50 ? 30  CYS A C   1 
ATOM   215  O O   . CYS A 1 30 ? -1.997  17.030  2.856   1.00 17.80 ? 30  CYS A O   1 
ATOM   216  C CB  . CYS A 1 30 ? -5.113  15.605  3.616   1.00 15.09 ? 30  CYS A CB  1 
ATOM   217  S SG  . CYS A 1 30 ? -6.674  15.714  4.511   1.00 17.02 ? 30  CYS A SG  1 
ATOM   218  N N   . CYS A 1 31 ? -2.262  15.070  3.934   1.00 15.88 ? 31  CYS A N   1 
ATOM   219  C CA  . CYS A 1 31 ? -0.920  14.576  3.671   1.00 13.84 ? 31  CYS A CA  1 
ATOM   220  C C   . CYS A 1 31 ? -0.962  13.402  2.703   1.00 12.42 ? 31  CYS A C   1 
ATOM   221  O O   . CYS A 1 31 ? -1.895  12.594  2.722   1.00 13.17 ? 31  CYS A O   1 
ATOM   222  C CB  . CYS A 1 31 ? -0.238  14.152  4.971   1.00 14.63 ? 31  CYS A CB  1 
ATOM   223  S SG  . CYS A 1 31 ? -0.143  15.469  6.200   1.00 20.69 ? 31  CYS A SG  1 
ATOM   224  N N   . PHE A 1 32 ? 0.068   13.305  1.864   1.00 10.82 ? 32  PHE A N   1 
ATOM   225  C CA  . PHE A 1 32 ? 0.123   12.314  0.798   1.00 11.86 ? 32  PHE A CA  1 
ATOM   226  C C   . PHE A 1 32 ? 1.347   11.426  0.967   1.00 13.10 ? 32  PHE A C   1 
ATOM   227  O O   . PHE A 1 32 ? 2.457   11.924  1.185   1.00 14.53 ? 32  PHE A O   1 
ATOM   228  C CB  . PHE A 1 32 ? 0.150   12.991  -0.575  1.00 11.39 ? 32  PHE A CB  1 
ATOM   229  C CG  . PHE A 1 32 ? -0.062  12.045  -1.723  1.00 12.53 ? 32  PHE A CG  1 
ATOM   230  C CD1 . PHE A 1 32 ? -1.332  11.819  -2.224  1.00 11.88 ? 32  PHE A CD1 1 
ATOM   231  C CD2 . PHE A 1 32 ? 1.009   11.383  -2.302  1.00 11.24 ? 32  PHE A CD2 1 
ATOM   232  C CE1 . PHE A 1 32 ? -1.533  10.951  -3.279  1.00 18.59 ? 32  PHE A CE1 1 
ATOM   233  C CE2 . PHE A 1 32 ? 0.816   10.515  -3.358  1.00 14.21 ? 32  PHE A CE2 1 
ATOM   234  C CZ  . PHE A 1 32 ? -0.458  10.297  -3.847  1.00 14.16 ? 32  PHE A CZ  1 
ATOM   235  N N   . ASP A 1 33 ? 1.141   10.113  0.854   1.00 17.13 ? 33  ASP A N   1 
ATOM   236  C CA  . ASP A 1 33 ? 2.241   9.150   0.864   1.00 14.72 ? 33  ASP A CA  1 
ATOM   237  C C   . ASP A 1 33 ? 1.718   7.846   0.278   1.00 15.32 ? 33  ASP A C   1 
ATOM   238  O O   . ASP A 1 33 ? 0.860   7.198   0.884   1.00 18.44 ? 33  ASP A O   1 
ATOM   239  C CB  . ASP A 1 33 ? 2.780   8.941   2.274   1.00 14.18 ? 33  ASP A CB  1 
ATOM   240  C CG  . ASP A 1 33 ? 3.944   7.963   2.320   1.00 18.41 ? 33  ASP A CG  1 
ATOM   241  O OD1 . ASP A 1 33 ? 4.494   7.629   1.249   1.00 18.54 ? 33  ASP A OD1 1 
ATOM   242  O OD2 . ASP A 1 33 ? 4.309   7.521   3.430   1.00 23.76 ? 33  ASP A OD2 1 
ATOM   243  N N   . ASP A 1 34 ? 2.232   7.466   -0.891  1.00 10.59 ? 34  ASP A N   1 
ATOM   244  C CA  . ASP A 1 34 ? 1.864   6.210   -1.532  1.00 17.87 ? 34  ASP A CA  1 
ATOM   245  C C   . ASP A 1 34 ? 2.996   5.190   -1.504  1.00 18.88 ? 34  ASP A C   1 
ATOM   246  O O   . ASP A 1 34 ? 2.905   4.159   -2.178  1.00 20.76 ? 34  ASP A O   1 
ATOM   247  C CB  . ASP A 1 34 ? 1.405   6.460   -2.973  1.00 20.82 ? 34  ASP A CB  1 
ATOM   248  C CG  . ASP A 1 34 ? 2.470   7.126   -3.828  1.00 17.71 ? 34  ASP A CG  1 
ATOM   249  O OD1 . ASP A 1 34 ? 3.570   7.416   -3.314  1.00 28.12 ? 34  ASP A OD1 1 
ATOM   250  O OD2 . ASP A 1 34 ? 2.203   7.360   -5.026  1.00 17.18 ? 34  ASP A OD2 1 
ATOM   251  N N   . THR A 1 35 ? 4.056   5.452   -0.743  1.00 17.78 ? 35  THR A N   1 
ATOM   252  C CA  . THR A 1 35 ? 5.183   4.538   -0.624  1.00 15.23 ? 35  THR A CA  1 
ATOM   253  C C   . THR A 1 35 ? 4.977   3.483   0.453   1.00 18.42 ? 35  THR A C   1 
ATOM   254  O O   . THR A 1 35 ? 5.825   2.596   0.600   1.00 25.50 ? 35  THR A O   1 
ATOM   255  C CB  . THR A 1 35 ? 6.470   5.320   -0.338  1.00 17.41 ? 35  THR A CB  1 
ATOM   256  O OG1 . THR A 1 35 ? 6.341   6.014   0.910   1.00 22.19 ? 35  THR A OG1 1 
ATOM   257  C CG2 . THR A 1 35 ? 6.737   6.331   -1.447  1.00 16.46 ? 35  THR A CG2 1 
ATOM   258  N N   . VAL A 1 36 ? 3.883   3.557   1.207   1.00 18.48 ? 36  VAL A N   1 
ATOM   259  C CA  . VAL A 1 36 ? 3.542   2.568   2.222   1.00 12.57 ? 36  VAL A CA  1 
ATOM   260  C C   . VAL A 1 36 ? 2.285   1.841   1.770   1.00 17.16 ? 36  VAL A C   1 
ATOM   261  O O   . VAL A 1 36 ? 1.286   2.476   1.411   1.00 21.35 ? 36  VAL A O   1 
ATOM   262  C CB  . VAL A 1 36 ? 3.337   3.219   3.601   1.00 16.91 ? 36  VAL A CB  1 
ATOM   263  C CG1 . VAL A 1 36 ? 2.901   2.177   4.621   1.00 12.06 ? 36  VAL A CG1 1 
ATOM   264  C CG2 . VAL A 1 36 ? 4.611   3.910   4.054   1.00 12.90 ? 36  VAL A CG2 1 
ATOM   265  N N   . ARG A 1 37 ? 2.335   0.512   1.781   1.00 19.94 ? 37  ARG A N   1 
ATOM   266  C CA  . ARG A 1 37 ? 1.195   -0.286  1.363   1.00 16.38 ? 37  ARG A CA  1 
ATOM   267  C C   . ARG A 1 37 ? 0.199   -0.453  2.507   1.00 20.51 ? 37  ARG A C   1 
ATOM   268  O O   . ARG A 1 37 ? 0.542   -0.355  3.689   1.00 19.24 ? 37  ARG A O   1 
ATOM   269  C CB  . ARG A 1 37 ? 1.648   -1.659  0.866   1.00 24.37 ? 37  ARG A CB  1 
ATOM   270  C CG  . ARG A 1 37 ? 2.292   -1.650  -0.512  1.00 31.46 ? 37  ARG A CG  1 
ATOM   271  C CD  . ARG A 1 37 ? 2.575   -3.067  -0.989  1.00 28.70 ? 37  ARG A CD  1 
ATOM   272  N NE  . ARG A 1 37 ? 1.405   -3.929  -0.842  1.00 38.86 ? 37  ARG A NE  1 
ATOM   273  C CZ  . ARG A 1 37 ? 1.356   -5.200  -1.229  1.00 40.92 ? 37  ARG A CZ  1 
ATOM   274  N NH1 . ARG A 1 37 ? 2.413   -5.767  -1.796  1.00 37.38 ? 37  ARG A NH1 1 
ATOM   275  N NH2 . ARG A 1 37 ? 0.247   -5.904  -1.049  1.00 28.70 ? 37  ARG A NH2 1 
ATOM   276  N N   . GLY A 1 38 ? -1.053  -0.709  2.136   1.00 20.13 ? 38  GLY A N   1 
ATOM   277  C CA  . GLY A 1 38 ? -2.100  -0.975  3.100   1.00 15.17 ? 38  GLY A CA  1 
ATOM   278  C C   . GLY A 1 38 ? -2.624  0.228   3.847   1.00 13.82 ? 38  GLY A C   1 
ATOM   279  O O   . GLY A 1 38 ? -3.389  0.055   4.803   1.00 21.18 ? 38  GLY A O   1 
ATOM   280  N N   . VAL A 1 39 ? -2.242  1.438   3.452   1.00 11.82 ? 39  VAL A N   1 
ATOM   281  C CA  . VAL A 1 39 ? -2.697  2.653   4.126   1.00 13.72 ? 39  VAL A CA  1 
ATOM   282  C C   . VAL A 1 39 ? -3.201  3.634   3.072   1.00 15.51 ? 39  VAL A C   1 
ATOM   283  O O   . VAL A 1 39 ? -2.775  3.560   1.910   1.00 15.70 ? 39  VAL A O   1 
ATOM   284  C CB  . VAL A 1 39 ? -1.575  3.273   4.975   1.00 19.36 ? 39  VAL A CB  1 
ATOM   285  C CG1 . VAL A 1 39 ? -1.122  2.299   6.053   1.00 12.05 ? 39  VAL A CG1 1 
ATOM   286  C CG2 . VAL A 1 39 ? -0.406  3.690   4.092   1.00 14.42 ? 39  VAL A CG2 1 
ATOM   287  N N   . PRO A 1 40 ? -4.102  4.555   3.415   1.00 13.67 ? 40  PRO A N   1 
ATOM   288  C CA  . PRO A 1 40 ? -4.592  5.507   2.411   1.00 15.90 ? 40  PRO A CA  1 
ATOM   289  C C   . PRO A 1 40 ? -3.494  6.453   1.954   1.00 17.80 ? 40  PRO A C   1 
ATOM   290  O O   . PRO A 1 40 ? -2.662  6.900   2.747   1.00 13.51 ? 40  PRO A O   1 
ATOM   291  C CB  . PRO A 1 40 ? -5.709  6.257   3.146   1.00 13.77 ? 40  PRO A CB  1 
ATOM   292  C CG  . PRO A 1 40 ? -5.380  6.105   4.592   1.00 11.86 ? 40  PRO A CG  1 
ATOM   293  C CD  . PRO A 1 40 ? -4.760  4.745   4.720   1.00 18.75 ? 40  PRO A CD  1 
ATOM   294  N N   . TRP A 1 41 ? -3.498  6.748   0.651   1.00 14.48 ? 41  TRP A N   1 
ATOM   295  C CA  . TRP A 1 41 ? -2.522  7.683   0.101   1.00 13.68 ? 41  TRP A CA  1 
ATOM   296  C C   . TRP A 1 41 ? -2.679  9.065   0.721   1.00 16.47 ? 41  TRP A C   1 
ATOM   297  O O   . TRP A 1 41 ? -1.690  9.696   1.112   1.00 14.27 ? 41  TRP A O   1 
ATOM   298  C CB  . TRP A 1 41 ? -2.664  7.761   -1.420  1.00 14.69 ? 41  TRP A CB  1 
ATOM   299  C CG  . TRP A 1 41 ? -2.321  6.493   -2.144  1.00 16.62 ? 41  TRP A CG  1 
ATOM   300  C CD1 . TRP A 1 41 ? -1.735  5.378   -1.618  1.00 16.28 ? 41  TRP A CD1 1 
ATOM   301  C CD2 . TRP A 1 41 ? -2.544  6.213   -3.530  1.00 17.94 ? 41  TRP A CD2 1 
ATOM   302  N NE1 . TRP A 1 41 ? -1.578  4.421   -2.592  1.00 13.25 ? 41  TRP A NE1 1 
ATOM   303  C CE2 . TRP A 1 41 ? -2.069  4.909   -3.775  1.00 16.56 ? 41  TRP A CE2 1 
ATOM   304  C CE3 . TRP A 1 41 ? -3.100  6.939   -4.589  1.00 15.31 ? 41  TRP A CE3 1 
ATOM   305  C CZ2 . TRP A 1 41 ? -2.134  4.316   -5.034  1.00 20.02 ? 41  TRP A CZ2 1 
ATOM   306  C CZ3 . TRP A 1 41 ? -3.163  6.348   -5.839  1.00 14.43 ? 41  TRP A CZ3 1 
ATOM   307  C CH2 . TRP A 1 41 ? -2.683  5.049   -6.051  1.00 16.20 ? 41  TRP A CH2 1 
ATOM   308  N N   . CYS A 1 42 ? -3.912  9.548   0.821   1.00 13.66 ? 42  CYS A N   1 
ATOM   309  C CA  . CYS A 1 42 ? -4.207  10.868  1.363   1.00 13.45 ? 42  CYS A CA  1 
ATOM   310  C C   . CYS A 1 42 ? -4.823  10.704  2.746   1.00 13.35 ? 42  CYS A C   1 
ATOM   311  O O   . CYS A 1 42 ? -5.919  10.152  2.878   1.00 15.17 ? 42  CYS A O   1 
ATOM   312  C CB  . CYS A 1 42 ? -5.147  11.639  0.438   1.00 13.23 ? 42  CYS A CB  1 
ATOM   313  S SG  . CYS A 1 42 ? -5.462  13.338  0.947   1.00 19.23 ? 42  CYS A SG  1 
ATOM   314  N N   . PHE A 1 43 ? -4.128  11.199  3.769   1.00 15.94 ? 43  PHE A N   1 
ATOM   315  C CA  . PHE A 1 43 ? -4.548  11.021  5.149   1.00 15.10 ? 43  PHE A CA  1 
ATOM   316  C C   . PHE A 1 43 ? -4.467  12.343  5.902   1.00 14.92 ? 43  PHE A C   1 
ATOM   317  O O   . PHE A 1 43 ? -3.779  13.279  5.491   1.00 12.26 ? 43  PHE A O   1 
ATOM   318  C CB  . PHE A 1 43 ? -3.704  9.953   5.863   1.00 11.19 ? 43  PHE A CB  1 
ATOM   319  C CG  . PHE A 1 43 ? -2.224  10.223  5.837   1.00 15.50 ? 43  PHE A CG  1 
ATOM   320  C CD1 . PHE A 1 43 ? -1.470  9.923   4.712   1.00 12.04 ? 43  PHE A CD1 1 
ATOM   321  C CD2 . PHE A 1 43 ? -1.584  10.757  6.944   1.00 8.86  ? 43  PHE A CD2 1 
ATOM   322  C CE1 . PHE A 1 43 ? -0.112  10.163  4.688   1.00 10.00 ? 43  PHE A CE1 1 
ATOM   323  C CE2 . PHE A 1 43 ? -0.226  10.995  6.925   1.00 10.58 ? 43  PHE A CE2 1 
ATOM   324  C CZ  . PHE A 1 43 ? 0.512   10.699  5.795   1.00 9.22  ? 43  PHE A CZ  1 
ATOM   325  N N   . TYR A 1 44 ? -5.188  12.400  7.029   1.00 13.37 ? 44  TYR A N   1 
ATOM   326  C CA  . TYR A 1 44 ? -5.255  13.594  7.854   1.00 16.76 ? 44  TYR A CA  1 
ATOM   327  C C   . TYR A 1 44 ? -3.966  13.774  8.657   1.00 16.90 ? 44  TYR A C   1 
ATOM   328  O O   . TYR A 1 44 ? -3.316  12.795  9.032   1.00 18.61 ? 44  TYR A O   1 
ATOM   329  C CB  . TYR A 1 44 ? -6.447  13.520  8.805   1.00 13.89 ? 44  TYR A CB  1 
ATOM   330  C CG  . TYR A 1 44 ? -7.794  13.582  8.117   1.00 13.20 ? 44  TYR A CG  1 
ATOM   331  C CD1 . TYR A 1 44 ? -8.289  14.782  7.624   1.00 11.94 ? 44  TYR A CD1 1 
ATOM   332  C CD2 . TYR A 1 44 ? -8.575  12.443  7.972   1.00 15.68 ? 44  TYR A CD2 1 
ATOM   333  C CE1 . TYR A 1 44 ? -9.518  14.844  6.998   1.00 13.49 ? 44  TYR A CE1 1 
ATOM   334  C CE2 . TYR A 1 44 ? -9.806  12.495  7.346   1.00 12.68 ? 44  TYR A CE2 1 
ATOM   335  C CZ  . TYR A 1 44 ? -10.273 13.699  6.863   1.00 13.59 ? 44  TYR A CZ  1 
ATOM   336  O OH  . TYR A 1 44 ? -11.498 13.758  6.239   1.00 18.65 ? 44  TYR A OH  1 
ATOM   337  N N   . PRO A 1 45 ? -3.576  15.016  8.928   1.00 15.08 ? 45  PRO A N   1 
ATOM   338  C CA  . PRO A 1 45 ? -2.337  15.266  9.669   1.00 13.08 ? 45  PRO A CA  1 
ATOM   339  C C   . PRO A 1 45 ? -2.535  15.109  11.172  1.00 18.40 ? 45  PRO A C   1 
ATOM   340  O O   . PRO A 1 45 ? -3.652  15.050  11.686  1.00 17.42 ? 45  PRO A O   1 
ATOM   341  C CB  . PRO A 1 45 ? -2.005  16.715  9.307   1.00 15.87 ? 45  PRO A CB  1 
ATOM   342  C CG  . PRO A 1 45 ? -3.339  17.341  9.086   1.00 14.60 ? 45  PRO A CG  1 
ATOM   343  C CD  . PRO A 1 45 ? -4.205  16.267  8.467   1.00 17.60 ? 45  PRO A CD  1 
ATOM   344  N N   . ASN A 1 46 ? -1.407  15.042  11.873  1.00 16.04 ? 46  ASN A N   1 
ATOM   345  C CA  . ASN A 1 46 ? -1.395  14.980  13.325  1.00 14.44 ? 46  ASN A CA  1 
ATOM   346  C C   . ASN A 1 46 ? -1.250  16.377  13.914  1.00 19.70 ? 46  ASN A C   1 
ATOM   347  O O   . ASN A 1 46 ? -0.624  17.260  13.322  1.00 16.35 ? 46  ASN A O   1 
ATOM   348  C CB  . ASN A 1 46 ? -0.253  14.092  13.824  1.00 16.21 ? 46  ASN A CB  1 
ATOM   349  C CG  . ASN A 1 46 ? -0.674  12.650  14.023  1.00 13.50 ? 46  ASN A CG  1 
ATOM   350  O OD1 . ASN A 1 46 ? -1.848  12.357  14.244  1.00 19.48 ? 46  ASN A OD1 1 
ATOM   351  N ND2 . ASN A 1 46 ? 0.291   11.740  13.960  1.00 14.99 ? 46  ASN A ND2 1 
ATOM   352  N N   . THR A 1 47 ? -1.834  16.568  15.093  1.00 22.35 ? 47  THR A N   1 
ATOM   353  C CA  . THR A 1 47 ? -1.701  17.830  15.805  1.00 18.50 ? 47  THR A CA  1 
ATOM   354  C C   . THR A 1 47 ? -0.406  17.841  16.611  1.00 19.96 ? 47  THR A C   1 
ATOM   355  O O   . THR A 1 47 ? 0.056   16.806  17.101  1.00 22.61 ? 47  THR A O   1 
ATOM   356  C CB  . THR A 1 47 ? -2.901  18.056  16.727  1.00 19.75 ? 47  THR A CB  1 
ATOM   357  O OG1 . THR A 1 47 ? -4.109  17.749  16.020  1.00 25.43 ? 47  THR A OG1 1 
ATOM   358  C CG2 . THR A 1 47 ? -2.961  19.504  17.189  1.00 18.14 ? 47  THR A CG2 1 
ATOM   359  N N   . ILE A 1 48 ? 0.184   19.026  16.740  1.00 22.73 ? 48  ILE A N   1 
ATOM   360  C CA  . ILE A 1 48 ? 1.469   19.194  17.405  1.00 24.97 ? 48  ILE A CA  1 
ATOM   361  C C   . ILE A 1 48 ? 1.245   19.812  18.778  1.00 22.09 ? 48  ILE A C   1 
ATOM   362  O O   . ILE A 1 48 ? 0.268   20.535  19.007  1.00 21.67 ? 48  ILE A O   1 
ATOM   363  C CB  . ILE A 1 48 ? 2.426   20.060  16.557  1.00 21.69 ? 48  ILE A CB  1 
ATOM   364  C CG1 . ILE A 1 48 ? 2.319   19.678  15.081  1.00 19.66 ? 48  ILE A CG1 1 
ATOM   365  C CG2 . ILE A 1 48 ? 3.858   19.896  17.027  1.00 32.07 ? 48  ILE A CG2 1 
ATOM   366  C CD1 . ILE A 1 48 ? 3.228   20.482  14.179  1.00 18.89 ? 48  ILE A CD1 1 
ATOM   367  N N   . LEU A 1 49 ? 2.162   19.513  19.697  1.00 25.66 ? 49  LEU A N   1 
ATOM   368  C CA  . LEU A 1 49 ? 2.142   20.044  21.061  1.00 27.74 ? 49  LEU A CA  1 
ATOM   369  C C   . LEU A 1 49 ? 0.820   19.768  21.768  1.00 37.84 ? 49  LEU A C   1 
ATOM   370  O O   . LEU A 1 49 ? 0.714   18.832  22.560  1.00 56.58 ? 49  LEU A O   1 
ATOM   371  C CB  . LEU A 1 49 ? 2.432   21.549  21.059  1.00 34.35 ? 49  LEU A CB  1 
ATOM   372  C CG  . LEU A 1 49 ? 3.861   21.974  20.709  1.00 30.62 ? 49  LEU A CG  1 
ATOM   373  C CD1 . LEU A 1 49 ? 4.000   23.488  20.746  1.00 30.43 ? 49  LEU A CD1 1 
ATOM   374  C CD2 . LEU A 1 49 ? 4.860   21.319  21.650  1.00 35.22 ? 49  LEU A CD2 1 
HETATM 375  N N   . PCA B 1 1  ? 3.847   11.360  -6.513  1.00 31.45 ? 1   PCA B N   1 
HETATM 376  C CA  . PCA B 1 1  ? 3.280   10.030  -6.706  1.00 18.22 ? 1   PCA B CA  1 
HETATM 377  C CB  . PCA B 1 1  ? 2.058   10.088  -7.616  1.00 22.29 ? 1   PCA B CB  1 
HETATM 378  C CG  . PCA B 1 1  ? 2.061   11.461  -8.257  1.00 19.28 ? 1   PCA B CG  1 
HETATM 379  C CD  . PCA B 1 1  ? 3.105   12.193  -7.460  1.00 22.09 ? 1   PCA B CD  1 
HETATM 380  O OE  . PCA B 1 1  ? 3.294   13.399  -7.601  1.00 28.09 ? 1   PCA B OE  1 
HETATM 381  C C   . PCA B 1 1  ? 4.298   9.069   -7.297  1.00 25.48 ? 1   PCA B C   1 
HETATM 382  O O   . PCA B 1 1  ? 4.965   9.387   -8.279  1.00 26.80 ? 1   PCA B O   1 
ATOM   383  N N   . THR B 1 2  ? 4.413   7.890   -6.694  1.00 24.73 ? 2   THR B N   1 
ATOM   384  C CA  . THR B 1 2  ? 5.318   6.860   -7.189  1.00 20.87 ? 2   THR B CA  1 
ATOM   385  C C   . THR B 1 2  ? 4.523   5.688   -7.754  1.00 23.06 ? 2   THR B C   1 
ATOM   386  O O   . THR B 1 2  ? 5.081   4.782   -8.374  1.00 25.77 ? 2   THR B O   1 
ATOM   387  C CB  . THR B 1 2  ? 6.259   6.351   -6.084  1.00 18.82 ? 2   THR B CB  1 
ATOM   388  O OG1 . THR B 1 2  ? 5.518   5.553   -5.153  1.00 18.14 ? 2   THR B OG1 1 
ATOM   389  C CG2 . THR B 1 2  ? 6.894   7.521   -5.346  1.00 16.43 ? 2   THR B CG2 1 
ATOM   390  N N   . GLU B 1 3  ? 3.211   5.714   -7.534  1.00 16.93 ? 3   GLU B N   1 
ATOM   391  C CA  . GLU B 1 3  ? 2.317   4.659   -7.984  1.00 16.28 ? 3   GLU B CA  1 
ATOM   392  C C   . GLU B 1 3  ? 1.178   5.257   -8.798  1.00 17.45 ? 3   GLU B C   1 
ATOM   393  O O   . GLU B 1 3  ? 0.802   6.418   -8.614  1.00 15.36 ? 3   GLU B O   1 
ATOM   394  C CB  . GLU B 1 3  ? 1.753   3.860   -6.801  1.00 19.91 ? 3   GLU B CB  1 
ATOM   395  C CG  . GLU B 1 3  ? 2.786   3.002   -6.088  1.00 22.60 ? 3   GLU B CG  1 
ATOM   396  C CD  . GLU B 1 3  ? 2.215   2.283   -4.882  1.00 32.35 ? 3   GLU B CD  1 
ATOM   397  O OE1 . GLU B 1 3  ? 1.274   2.820   -4.262  1.00 36.48 ? 3   GLU B OE1 1 
ATOM   398  O OE2 . GLU B 1 3  ? 2.704   1.182   -4.557  1.00 39.62 ? 3   GLU B OE2 1 
ATOM   399  N N   . THR B 1 4  ? 0.633   4.449   -9.703  1.00 16.19 ? 4   THR B N   1 
ATOM   400  C CA  . THR B 1 4  ? -0.457  4.871   -10.568 1.00 16.97 ? 4   THR B CA  1 
ATOM   401  C C   . THR B 1 4  ? -1.539  3.803   -10.598 1.00 12.47 ? 4   THR B C   1 
ATOM   402  O O   . THR B 1 4  ? -1.270  2.613   -10.410 1.00 17.90 ? 4   THR B O   1 
ATOM   403  C CB  . THR B 1 4  ? 0.028   5.153   -12.000 1.00 16.62 ? 4   THR B CB  1 
ATOM   404  O OG1 . THR B 1 4  ? -1.077  5.587   -12.802 1.00 16.41 ? 4   THR B OG1 1 
ATOM   405  C CG2 . THR B 1 4  ? 0.636   3.901   -12.615 1.00 12.87 ? 4   THR B CG2 1 
ATOM   406  N N   . CYS B 1 5  ? -2.771  4.244   -10.836 1.00 12.61 ? 5   CYS B N   1 
ATOM   407  C CA  . CYS B 1 5  ? -3.907  3.350   -10.988 1.00 14.08 ? 5   CYS B CA  1 
ATOM   408  C C   . CYS B 1 5  ? -4.082  2.866   -12.419 1.00 14.82 ? 5   CYS B C   1 
ATOM   409  O O   . CYS B 1 5  ? -5.060  2.169   -12.712 1.00 21.73 ? 5   CYS B O   1 
ATOM   410  C CB  . CYS B 1 5  ? -5.186  4.036   -10.506 1.00 12.30 ? 5   CYS B CB  1 
ATOM   411  S SG  . CYS B 1 5  ? -5.263  4.211   -8.715  1.00 26.64 ? 5   CYS B SG  1 
ATOM   412  N N   . THR B 1 6  ? -3.159  3.217   -13.311 1.00 13.40 ? 6   THR B N   1 
ATOM   413  C CA  . THR B 1 6  ? -3.201  2.771   -14.701 1.00 15.41 ? 6   THR B CA  1 
ATOM   414  C C   . THR B 1 6  ? -2.669  1.346   -14.764 1.00 21.02 ? 6   THR B C   1 
ATOM   415  O O   . THR B 1 6  ? -1.458  1.121   -14.828 1.00 17.13 ? 6   THR B O   1 
ATOM   416  C CB  . THR B 1 6  ? -2.387  3.705   -15.587 1.00 12.20 ? 6   THR B CB  1 
ATOM   417  O OG1 . THR B 1 6  ? -2.833  5.054   -15.398 1.00 15.15 ? 6   THR B OG1 1 
ATOM   418  C CG2 . THR B 1 6  ? -2.545  3.323   -17.053 1.00 10.67 ? 6   THR B CG2 1 
ATOM   419  N N   . VAL B 1 7  ? -3.578  0.373   -14.737 1.00 19.16 ? 7   VAL B N   1 
ATOM   420  C CA  . VAL B 1 7  ? -3.235  -1.041  -14.803 1.00 16.42 ? 7   VAL B CA  1 
ATOM   421  C C   . VAL B 1 7  ? -4.136  -1.704  -15.833 1.00 18.84 ? 7   VAL B C   1 
ATOM   422  O O   . VAL B 1 7  ? -5.334  -1.406  -15.905 1.00 23.26 ? 7   VAL B O   1 
ATOM   423  C CB  . VAL B 1 7  ? -3.382  -1.735  -13.430 1.00 19.06 ? 7   VAL B CB  1 
ATOM   424  C CG1 . VAL B 1 7  ? -2.919  -3.184  -13.507 1.00 20.12 ? 7   VAL B CG1 1 
ATOM   425  C CG2 . VAL B 1 7  ? -2.608  -0.985  -12.356 1.00 15.00 ? 7   VAL B CG2 1 
ATOM   426  N N   . ALA B 1 8  ? -3.559  -2.590  -16.640 1.00 17.55 ? 8   ALA B N   1 
ATOM   427  C CA  . ALA B 1 8  ? -4.354  -3.353  -17.588 1.00 15.30 ? 8   ALA B CA  1 
ATOM   428  C C   . ALA B 1 8  ? -5.350  -4.232  -16.837 1.00 19.90 ? 8   ALA B C   1 
ATOM   429  O O   . ALA B 1 8  ? -4.998  -4.840  -15.822 1.00 20.53 ? 8   ALA B O   1 
ATOM   430  C CB  . ALA B 1 8  ? -3.455  -4.215  -18.475 1.00 15.88 ? 8   ALA B CB  1 
ATOM   431  N N   . PRO B 1 9  ? -6.601  -4.316  -17.306 1.00 16.57 ? 9   PRO B N   1 
ATOM   432  C CA  . PRO B 1 9  ? -7.618  -5.067  -16.548 1.00 16.16 ? 9   PRO B CA  1 
ATOM   433  C C   . PRO B 1 9  ? -7.242  -6.513  -16.272 1.00 19.64 ? 9   PRO B C   1 
ATOM   434  O O   . PRO B 1 9  ? -7.470  -7.003  -15.160 1.00 20.70 ? 9   PRO B O   1 
ATOM   435  C CB  . PRO B 1 9  ? -8.860  -4.960  -17.443 1.00 16.44 ? 9   PRO B CB  1 
ATOM   436  C CG  . PRO B 1 9  ? -8.654  -3.697  -18.215 1.00 19.94 ? 9   PRO B CG  1 
ATOM   437  C CD  . PRO B 1 9  ? -7.175  -3.620  -18.470 1.00 16.35 ? 9   PRO B CD  1 
ATOM   438  N N   . ARG B 1 10 ? -6.663  -7.212  -17.249 1.00 18.74 ? 10  ARG B N   1 
ATOM   439  C CA  . ARG B 1 10 ? -6.309  -8.611  -17.045 1.00 20.54 ? 10  ARG B CA  1 
ATOM   440  C C   . ARG B 1 10 ? -5.094  -8.788  -16.141 1.00 23.62 ? 10  ARG B C   1 
ATOM   441  O O   . ARG B 1 10 ? -4.774  -9.926  -15.782 1.00 26.91 ? 10  ARG B O   1 
ATOM   442  C CB  . ARG B 1 10 ? -6.061  -9.294  -18.392 1.00 20.63 ? 10  ARG B CB  1 
ATOM   443  C CG  . ARG B 1 10 ? -4.694  -9.014  -18.992 1.00 34.93 ? 10  ARG B CG  1 
ATOM   444  C CD  . ARG B 1 10 ? -4.502  -9.770  -20.296 1.00 45.06 ? 10  ARG B CD  1 
ATOM   445  N NE  . ARG B 1 10 ? -3.091  -10.035 -20.566 1.00 57.52 ? 10  ARG B NE  1 
ATOM   446  C CZ  . ARG B 1 10 ? -2.438  -11.108 -20.129 1.00 55.83 ? 10  ARG B CZ  1 
ATOM   447  N NH1 . ARG B 1 10 ? -1.154  -11.271 -20.419 1.00 58.56 ? 10  ARG B NH1 1 
ATOM   448  N NH2 . ARG B 1 10 ? -3.071  -12.019 -19.400 1.00 45.35 ? 10  ARG B NH2 1 
ATOM   449  N N   . GLU B 1 11 ? -4.415  -7.703  -15.768 1.00 20.52 ? 11  GLU B N   1 
ATOM   450  C CA  . GLU B 1 11 ? -3.275  -7.764  -14.865 1.00 18.17 ? 11  GLU B CA  1 
ATOM   451  C C   . GLU B 1 11 ? -3.579  -7.205  -13.483 1.00 18.61 ? 11  GLU B C   1 
ATOM   452  O O   . GLU B 1 11 ? -2.685  -7.177  -12.630 1.00 20.18 ? 11  GLU B O   1 
ATOM   453  C CB  . GLU B 1 11 ? -2.078  -7.016  -15.466 1.00 18.98 ? 11  GLU B CB  1 
ATOM   454  C CG  . GLU B 1 11 ? -1.463  -7.696  -16.677 1.00 28.64 ? 11  GLU B CG  1 
ATOM   455  C CD  . GLU B 1 11 ? -0.105  -7.122  -17.037 1.00 39.46 ? 11  GLU B CD  1 
ATOM   456  O OE1 . GLU B 1 11 ? 0.047   -5.882  -17.007 1.00 42.57 ? 11  GLU B OE1 1 
ATOM   457  O OE2 . GLU B 1 11 ? 0.812   -7.913  -17.340 1.00 43.23 ? 11  GLU B OE2 1 
ATOM   458  N N   . ARG B 1 12 ? -4.810  -6.763  -13.235 1.00 16.84 ? 12  ARG B N   1 
ATOM   459  C CA  . ARG B 1 12 ? -5.164  -6.190  -11.943 1.00 17.56 ? 12  ARG B CA  1 
ATOM   460  C C   . ARG B 1 12 ? -5.281  -7.293  -10.899 1.00 23.66 ? 12  ARG B C   1 
ATOM   461  O O   . ARG B 1 12 ? -6.081  -8.222  -11.055 1.00 17.22 ? 12  ARG B O   1 
ATOM   462  C CB  . ARG B 1 12 ? -6.470  -5.405  -12.056 1.00 12.96 ? 12  ARG B CB  1 
ATOM   463  C CG  . ARG B 1 12 ? -6.393  -4.222  -13.008 1.00 16.80 ? 12  ARG B CG  1 
ATOM   464  C CD  . ARG B 1 12 ? -7.743  -3.554  -13.213 1.00 13.25 ? 12  ARG B CD  1 
ATOM   465  N NE  . ARG B 1 12 ? -7.646  -2.445  -14.159 1.00 16.05 ? 12  ARG B NE  1 
ATOM   466  C CZ  . ARG B 1 12 ? -8.682  -1.738  -14.597 1.00 16.09 ? 12  ARG B CZ  1 
ATOM   467  N NH1 . ARG B 1 12 ? -9.905  -2.022  -14.174 1.00 14.83 ? 12  ARG B NH1 1 
ATOM   468  N NH2 . ARG B 1 12 ? -8.493  -0.746  -15.457 1.00 19.34 ? 12  ARG B NH2 1 
ATOM   469  N N   . GLN B 1 13 ? -4.477  -7.201  -9.842  1.00 21.29 ? 13  GLN B N   1 
ATOM   470  C CA  . GLN B 1 13 ? -4.536  -8.153  -8.743  1.00 21.67 ? 13  GLN B CA  1 
ATOM   471  C C   . GLN B 1 13 ? -5.535  -7.680  -7.697  1.00 23.10 ? 13  GLN B C   1 
ATOM   472  O O   . GLN B 1 13 ? -5.566  -6.499  -7.344  1.00 24.14 ? 13  GLN B O   1 
ATOM   473  C CB  . GLN B 1 13 ? -3.160  -8.342  -8.103  1.00 21.51 ? 13  GLN B CB  1 
ATOM   474  C CG  . GLN B 1 13 ? -2.185  -9.140  -8.947  1.00 29.52 ? 13  GLN B CG  1 
ATOM   475  C CD  . GLN B 1 13 ? -1.150  -9.861  -8.105  1.00 47.60 ? 13  GLN B CD  1 
ATOM   476  O OE1 . GLN B 1 13 ? -1.280  -9.950  -6.883  1.00 38.41 ? 13  GLN B OE1 1 
ATOM   477  N NE2 . GLN B 1 13 ? -0.114  -10.379 -8.756  1.00 46.54 ? 13  GLN B NE2 1 
ATOM   478  N N   . ASN B 1 14 ? -6.341  -8.614  -7.200  1.00 20.57 ? 14  ASN B N   1 
ATOM   479  C CA  . ASN B 1 14 ? -7.410  -8.276  -6.269  1.00 16.11 ? 14  ASN B CA  1 
ATOM   480  C C   . ASN B 1 14 ? -6.844  -7.725  -4.968  1.00 17.08 ? 14  ASN B C   1 
ATOM   481  O O   . ASN B 1 14 ? -6.031  -8.376  -4.304  1.00 20.98 ? 14  ASN B O   1 
ATOM   482  C CB  . ASN B 1 14 ? -8.271  -9.505  -5.989  1.00 19.84 ? 14  ASN B CB  1 
ATOM   483  C CG  . ASN B 1 14 ? -9.380  -9.226  -4.996  1.00 17.05 ? 14  ASN B CG  1 
ATOM   484  O OD1 . ASN B 1 14 ? -9.936  -8.127  -4.960  1.00 19.10 ? 14  ASN B OD1 1 
ATOM   485  N ND2 . ASN B 1 14 ? -9.701  -10.219 -4.175  1.00 17.07 ? 14  ASN B ND2 1 
ATOM   486  N N   . CYS B 1 15 ? -7.285  -6.521  -4.606  1.00 15.35 ? 15  CYS B N   1 
ATOM   487  C CA  . CYS B 1 15 ? -6.921  -5.898  -3.343  1.00 16.61 ? 15  CYS B CA  1 
ATOM   488  C C   . CYS B 1 15 ? -8.063  -5.862  -2.337  1.00 15.09 ? 15  CYS B C   1 
ATOM   489  O O   . CYS B 1 15 ? -7.802  -5.774  -1.134  1.00 19.52 ? 15  CYS B O   1 
ATOM   490  C CB  . CYS B 1 15 ? -6.406  -4.471  -3.595  1.00 13.75 ? 15  CYS B CB  1 
ATOM   491  S SG  . CYS B 1 15 ? -6.138  -3.448  -2.123  1.00 16.64 ? 15  CYS B SG  1 
ATOM   492  N N   . GLY B 1 16 ? -9.311  -5.961  -2.794  1.00 18.97 ? 16  GLY B N   1 
ATOM   493  C CA  . GLY B 1 16 ? -10.460 -5.892  -1.910  1.00 16.04 ? 16  GLY B CA  1 
ATOM   494  C C   . GLY B 1 16 ? -11.159 -7.212  -1.653  1.00 15.45 ? 16  GLY B C   1 
ATOM   495  O O   . GLY B 1 16 ? -10.514 -8.208  -1.309  1.00 18.43 ? 16  GLY B O   1 
ATOM   496  N N   . PHE B 1 17 ? -12.480 -7.224  -1.808  1.00 17.59 ? 17  PHE B N   1 
ATOM   497  C CA  . PHE B 1 17 ? -13.313 -8.364  -1.449  1.00 17.07 ? 17  PHE B CA  1 
ATOM   498  C C   . PHE B 1 17 ? -14.669 -8.183  -2.123  1.00 15.85 ? 17  PHE B C   1 
ATOM   499  O O   . PHE B 1 17 ? -14.970 -7.099  -2.637  1.00 18.40 ? 17  PHE B O   1 
ATOM   500  C CB  . PHE B 1 17 ? -13.456 -8.478  0.079   1.00 16.94 ? 17  PHE B CB  1 
ATOM   501  C CG  . PHE B 1 17 ? -13.720 -7.165  0.764   1.00 19.15 ? 17  PHE B CG  1 
ATOM   502  C CD1 . PHE B 1 17 ? -15.011 -6.677  0.882   1.00 15.12 ? 17  PHE B CD1 1 
ATOM   503  C CD2 . PHE B 1 17 ? -12.679 -6.429  1.307   1.00 14.85 ? 17  PHE B CD2 1 
ATOM   504  C CE1 . PHE B 1 17 ? -15.256 -5.469  1.516   1.00 16.47 ? 17  PHE B CE1 1 
ATOM   505  C CE2 . PHE B 1 17 ? -12.917 -5.225  1.938   1.00 19.43 ? 17  PHE B CE2 1 
ATOM   506  C CZ  . PHE B 1 17 ? -14.206 -4.744  2.044   1.00 21.88 ? 17  PHE B CZ  1 
ATOM   507  N N   . PRO B 1 18 ? -15.500 -9.230  -2.165  1.00 21.43 ? 18  PRO B N   1 
ATOM   508  C CA  . PRO B 1 18 ? -16.829 -9.088  -2.787  1.00 17.47 ? 18  PRO B CA  1 
ATOM   509  C C   . PRO B 1 18 ? -17.637 -7.965  -2.155  1.00 18.31 ? 18  PRO B C   1 
ATOM   510  O O   . PRO B 1 18 ? -17.952 -7.992  -0.963  1.00 22.81 ? 18  PRO B O   1 
ATOM   511  C CB  . PRO B 1 18 ? -17.478 -10.454 -2.542  1.00 20.05 ? 18  PRO B CB  1 
ATOM   512  C CG  . PRO B 1 18 ? -16.342 -11.392 -2.480  1.00 17.66 ? 18  PRO B CG  1 
ATOM   513  C CD  . PRO B 1 18 ? -15.216 -10.636 -1.823  1.00 17.41 ? 18  PRO B CD  1 
ATOM   514  N N   . GLY B 1 19 ? -17.976 -6.970  -2.972  1.00 20.22 ? 19  GLY B N   1 
ATOM   515  C CA  . GLY B 1 19 ? -18.755 -5.840  -2.509  1.00 16.79 ? 19  GLY B CA  1 
ATOM   516  C C   . GLY B 1 19 ? -17.954 -4.719  -1.896  1.00 18.81 ? 19  GLY B C   1 
ATOM   517  O O   . GLY B 1 19 ? -18.517 -3.919  -1.138  1.00 26.36 ? 19  GLY B O   1 
ATOM   518  N N   . VAL B 1 20 ? -16.658 -4.625  -2.203  1.00 14.67 ? 20  VAL B N   1 
ATOM   519  C CA  . VAL B 1 20 ? -15.823 -3.592  -1.606  1.00 16.82 ? 20  VAL B CA  1 
ATOM   520  C C   . VAL B 1 20 ? -16.282 -2.218  -2.078  1.00 17.90 ? 20  VAL B C   1 
ATOM   521  O O   . VAL B 1 20 ? -16.658 -2.026  -3.242  1.00 13.24 ? 20  VAL B O   1 
ATOM   522  C CB  . VAL B 1 20 ? -14.342 -3.843  -1.941  1.00 18.76 ? 20  VAL B CB  1 
ATOM   523  C CG1 . VAL B 1 20 ? -14.124 -3.861  -3.451  1.00 14.27 ? 20  VAL B CG1 1 
ATOM   524  C CG2 . VAL B 1 20 ? -13.451 -2.807  -1.272  1.00 16.38 ? 20  VAL B CG2 1 
ATOM   525  N N   . THR B 1 21 ? -16.279 -1.257  -1.158  1.00 17.64 ? 21  THR B N   1 
ATOM   526  C CA  . THR B 1 21 ? -16.640 0.116   -1.463  1.00 15.97 ? 21  THR B CA  1 
ATOM   527  C C   . THR B 1 21 ? -15.399 0.924   -1.818  1.00 20.69 ? 21  THR B C   1 
ATOM   528  O O   . THR B 1 21 ? -14.278 0.551   -1.456  1.00 17.99 ? 21  THR B O   1 
ATOM   529  C CB  . THR B 1 21 ? -17.353 0.749   -0.269  1.00 16.13 ? 21  THR B CB  1 
ATOM   530  O OG1 . THR B 1 21 ? -16.476 0.764   0.863   1.00 20.76 ? 21  THR B OG1 1 
ATOM   531  C CG2 . THR B 1 21 ? -18.608 -0.037  0.080   1.00 18.66 ? 21  THR B CG2 1 
ATOM   532  N N   . PRO B 1 22 ? -15.562 2.034   -2.546  1.00 21.18 ? 22  PRO B N   1 
ATOM   533  C CA  . PRO B 1 22 ? -14.389 2.872   -2.855  1.00 13.19 ? 22  PRO B CA  1 
ATOM   534  C C   . PRO B 1 22 ? -13.665 3.377   -1.618  1.00 17.08 ? 22  PRO B C   1 
ATOM   535  O O   . PRO B 1 22 ? -12.432 3.483   -1.631  1.00 22.21 ? 22  PRO B O   1 
ATOM   536  C CB  . PRO B 1 22 ? -14.993 4.023   -3.671  1.00 11.24 ? 22  PRO B CB  1 
ATOM   537  C CG  . PRO B 1 22 ? -16.223 3.440   -4.282  1.00 15.17 ? 22  PRO B CG  1 
ATOM   538  C CD  . PRO B 1 22 ? -16.770 2.488   -3.258  1.00 11.65 ? 22  PRO B CD  1 
ATOM   539  N N   . SER B 1 23 ? -14.395 3.688   -0.545  1.00 17.54 ? 23  SER B N   1 
ATOM   540  C CA  . SER B 1 23 ? -13.744 4.144   0.680   1.00 17.92 ? 23  SER B CA  1 
ATOM   541  C C   . SER B 1 23 ? -12.928 3.027   1.320   1.00 19.52 ? 23  SER B C   1 
ATOM   542  O O   . SER B 1 23 ? -11.796 3.256   1.762   1.00 19.23 ? 23  SER B O   1 
ATOM   543  C CB  . SER B 1 23 ? -14.785 4.684   1.659   1.00 20.71 ? 23  SER B CB  1 
ATOM   544  O OG  . SER B 1 23 ? -15.778 3.714   1.933   1.00 30.67 ? 23  SER B OG  1 
ATOM   545  N N   . GLN B 1 24 ? -13.485 1.814   1.381   1.00 16.94 ? 24  GLN B N   1 
ATOM   546  C CA  . GLN B 1 24 ? -12.719 0.674   1.874   1.00 18.09 ? 24  GLN B CA  1 
ATOM   547  C C   . GLN B 1 24 ? -11.498 0.407   1.006   1.00 15.53 ? 24  GLN B C   1 
ATOM   548  O O   . GLN B 1 24 ? -10.462 -0.044  1.510   1.00 16.18 ? 24  GLN B O   1 
ATOM   549  C CB  . GLN B 1 24 ? -13.603 -0.572  1.936   1.00 22.11 ? 24  GLN B CB  1 
ATOM   550  C CG  . GLN B 1 24 ? -14.621 -0.572  3.063   1.00 18.05 ? 24  GLN B CG  1 
ATOM   551  C CD  . GLN B 1 24 ? -15.685 -1.637  2.878   1.00 22.60 ? 24  GLN B CD  1 
ATOM   552  O OE1 . GLN B 1 24 ? -16.049 -1.978  1.751   1.00 18.11 ? 24  GLN B OE1 1 
ATOM   553  N NE2 . GLN B 1 24 ? -16.188 -2.171  3.985   1.00 25.92 ? 24  GLN B NE2 1 
ATOM   554  N N   . CYS B 1 25 ? -11.601 0.676   -0.297  1.00 16.55 ? 25  CYS B N   1 
ATOM   555  C CA  . CYS B 1 25 ? -10.463 0.497   -1.189  1.00 14.91 ? 25  CYS B CA  1 
ATOM   556  C C   . CYS B 1 25 ? -9.434  1.605   -1.003  1.00 17.95 ? 25  CYS B C   1 
ATOM   557  O O   . CYS B 1 25 ? -8.225  1.351   -1.064  1.00 17.35 ? 25  CYS B O   1 
ATOM   558  C CB  . CYS B 1 25 ? -10.942 0.448   -2.641  1.00 15.85 ? 25  CYS B CB  1 
ATOM   559  S SG  . CYS B 1 25 ? -9.701  -0.140  -3.806  1.00 24.01 ? 25  CYS B SG  1 
ATOM   560  N N   . ALA B 1 26 ? -9.893  2.840   -0.787  1.00 20.18 ? 26  ALA B N   1 
ATOM   561  C CA  . ALA B 1 26 ? -8.966  3.936   -0.530  1.00 16.62 ? 26  ALA B CA  1 
ATOM   562  C C   . ALA B 1 26 ? -8.237  3.748   0.792   1.00 20.71 ? 26  ALA B C   1 
ATOM   563  O O   . ALA B 1 26 ? -7.080  4.159   0.925   1.00 16.67 ? 26  ALA B O   1 
ATOM   564  C CB  . ALA B 1 26 ? -9.708  5.270   -0.539  1.00 12.75 ? 26  ALA B CB  1 
ATOM   565  N N   . ASN B 1 27 ? -8.893  3.124   1.775   1.00 15.95 ? 27  ASN B N   1 
ATOM   566  C CA  . ASN B 1 27 ? -8.265  2.906   3.072   1.00 17.14 ? 27  ASN B CA  1 
ATOM   567  C C   . ASN B 1 27 ? -7.106  1.921   2.994   1.00 18.19 ? 27  ASN B C   1 
ATOM   568  O O   . ASN B 1 27 ? -6.229  1.946   3.863   1.00 16.03 ? 27  ASN B O   1 
ATOM   569  C CB  . ASN B 1 27 ? -9.304  2.415   4.081   1.00 16.75 ? 27  ASN B CB  1 
ATOM   570  C CG  . ASN B 1 27 ? -9.052  2.942   5.481   1.00 31.91 ? 27  ASN B CG  1 
ATOM   571  O OD1 . ASN B 1 27 ? -8.550  4.053   5.657   1.00 29.81 ? 27  ASN B OD1 1 
ATOM   572  N ND2 . ASN B 1 27 ? -9.397  2.144   6.485   1.00 34.33 ? 27  ASN B ND2 1 
ATOM   573  N N   . LYS B 1 28 ? -7.083  1.059   1.980   1.00 22.48 ? 28  LYS B N   1 
ATOM   574  C CA  . LYS B 1 28 ? -5.994  0.115   1.776   1.00 18.13 ? 28  LYS B CA  1 
ATOM   575  C C   . LYS B 1 28 ? -4.975  0.614   0.759   1.00 15.61 ? 28  LYS B C   1 
ATOM   576  O O   . LYS B 1 28 ? -4.058  -0.130  0.398   1.00 18.67 ? 28  LYS B O   1 
ATOM   577  C CB  . LYS B 1 28 ? -6.551  -1.244  1.341   1.00 14.45 ? 28  LYS B CB  1 
ATOM   578  C CG  . LYS B 1 28 ? -7.563  -1.833  2.315   1.00 20.92 ? 28  LYS B CG  1 
ATOM   579  C CD  . LYS B 1 28 ? -8.308  -3.023  1.717   1.00 23.30 ? 28  LYS B CD  1 
ATOM   580  C CE  . LYS B 1 28 ? -7.675  -4.350  2.105   1.00 23.12 ? 28  LYS B CE  1 
ATOM   581  N NZ  . LYS B 1 28 ? -6.318  -4.536  1.521   1.00 25.02 ? 28  LYS B NZ  1 
ATOM   582  N N   . GLY B 1 29 ? -5.114  1.853   0.292   1.00 10.86 ? 29  GLY B N   1 
ATOM   583  C CA  . GLY B 1 29 ? -4.186  2.403   -0.677  1.00 14.44 ? 29  GLY B CA  1 
ATOM   584  C C   . GLY B 1 29 ? -4.252  1.758   -2.041  1.00 19.29 ? 29  GLY B C   1 
ATOM   585  O O   . GLY B 1 29 ? -3.221  1.628   -2.709  1.00 19.12 ? 29  GLY B O   1 
ATOM   586  N N   . CYS B 1 30 ? -5.439  1.358   -2.479  1.00 16.79 ? 30  CYS B N   1 
ATOM   587  C CA  . CYS B 1 30 ? -5.624  0.652   -3.738  1.00 17.61 ? 30  CYS B CA  1 
ATOM   588  C C   . CYS B 1 30 ? -6.535  1.458   -4.659  1.00 18.28 ? 30  CYS B C   1 
ATOM   589  O O   . CYS B 1 30 ? -7.025  2.534   -4.306  1.00 15.66 ? 30  CYS B O   1 
ATOM   590  C CB  . CYS B 1 30 ? -6.187  -0.748  -3.488  1.00 15.44 ? 30  CYS B CB  1 
ATOM   591  S SG  . CYS B 1 30 ? -4.996  -1.910  -2.793  1.00 16.69 ? 30  CYS B SG  1 
ATOM   592  N N   . CYS B 1 31 ? -6.761  0.917   -5.852  1.00 18.41 ? 31  CYS B N   1 
ATOM   593  C CA  . CYS B 1 31 ? -7.509  1.589   -6.904  1.00 17.30 ? 31  CYS B CA  1 
ATOM   594  C C   . CYS B 1 31 ? -8.851  0.905   -7.128  1.00 19.11 ? 31  CYS B C   1 
ATOM   595  O O   . CYS B 1 31 ? -8.982  -0.312  -6.970  1.00 18.40 ? 31  CYS B O   1 
ATOM   596  C CB  . CYS B 1 31 ? -6.709  1.602   -8.207  1.00 20.51 ? 31  CYS B CB  1 
ATOM   597  S SG  . CYS B 1 31 ? -5.055  2.305   -8.044  1.00 17.60 ? 31  CYS B SG  1 
ATOM   598  N N   . PHE B 1 32 ? -9.849  1.700   -7.511  1.00 16.13 ? 32  PHE B N   1 
ATOM   599  C CA  . PHE B 1 32 ? -11.215 1.223   -7.672  1.00 18.70 ? 32  PHE B CA  1 
ATOM   600  C C   . PHE B 1 32 ? -11.690 1.429   -9.104  1.00 20.51 ? 32  PHE B C   1 
ATOM   601  O O   . PHE B 1 32 ? -11.451 2.483   -9.703  1.00 15.49 ? 32  PHE B O   1 
ATOM   602  C CB  . PHE B 1 32 ? -12.167 1.937   -6.704  1.00 17.35 ? 32  PHE B CB  1 
ATOM   603  C CG  . PHE B 1 32 ? -13.536 1.318   -6.635  1.00 17.39 ? 32  PHE B CG  1 
ATOM   604  C CD1 . PHE B 1 32 ? -13.813 0.320   -5.715  1.00 13.01 ? 32  PHE B CD1 1 
ATOM   605  C CD2 . PHE B 1 32 ? -14.546 1.733   -7.490  1.00 15.35 ? 32  PHE B CD2 1 
ATOM   606  C CE1 . PHE B 1 32 ? -15.070 -0.254  -5.650  1.00 14.87 ? 32  PHE B CE1 1 
ATOM   607  C CE2 . PHE B 1 32 ? -15.803 1.164   -7.429  1.00 15.48 ? 32  PHE B CE2 1 
ATOM   608  C CZ  . PHE B 1 32 ? -16.065 0.169   -6.506  1.00 16.60 ? 32  PHE B CZ  1 
ATOM   609  N N   . ASP B 1 33 ? -12.366 0.413   -9.642  1.00 17.16 ? 33  ASP B N   1 
ATOM   610  C CA  . ASP B 1 33 ? -12.989 0.482   -10.959 1.00 18.11 ? 33  ASP B CA  1 
ATOM   611  C C   . ASP B 1 33 ? -13.928 -0.702  -11.146 1.00 17.73 ? 33  ASP B C   1 
ATOM   612  O O   . ASP B 1 33 ? -13.474 -1.841  -11.301 1.00 19.24 ? 33  ASP B O   1 
ATOM   613  C CB  . ASP B 1 33 ? -11.933 0.496   -12.068 1.00 19.56 ? 33  ASP B CB  1 
ATOM   614  C CG  . ASP B 1 33 ? -12.541 0.606   -13.456 1.00 15.12 ? 33  ASP B CG  1 
ATOM   615  O OD1 . ASP B 1 33 ? -13.707 1.034   -13.569 1.00 17.43 ? 33  ASP B OD1 1 
ATOM   616  O OD2 . ASP B 1 33 ? -11.853 0.251   -14.437 1.00 21.82 ? 33  ASP B OD2 1 
ATOM   617  N N   . ASP B 1 34 ? -15.238 -0.446  -11.137 1.00 15.51 ? 34  ASP B N   1 
ATOM   618  C CA  . ASP B 1 34 ? -16.237 -1.487  -11.337 1.00 17.52 ? 34  ASP B CA  1 
ATOM   619  C C   . ASP B 1 34 ? -16.921 -1.385  -12.697 1.00 21.52 ? 34  ASP B C   1 
ATOM   620  O O   . ASP B 1 34 ? -17.960 -2.018  -12.915 1.00 19.79 ? 34  ASP B O   1 
ATOM   621  C CB  . ASP B 1 34 ? -17.275 -1.456  -10.213 1.00 16.60 ? 34  ASP B CB  1 
ATOM   622  C CG  . ASP B 1 34 ? -17.955 -0.105  -10.076 1.00 20.13 ? 34  ASP B CG  1 
ATOM   623  O OD1 . ASP B 1 34 ? -17.648 0.816   -10.864 1.00 19.95 ? 34  ASP B OD1 1 
ATOM   624  O OD2 . ASP B 1 34 ? -18.806 0.034   -9.173  1.00 19.58 ? 34  ASP B OD2 1 
ATOM   625  N N   . THR B 1 35 ? -16.359 -0.602  -13.615 1.00 20.44 ? 35  THR B N   1 
ATOM   626  C CA  . THR B 1 35 ? -16.899 -0.446  -14.958 1.00 18.36 ? 35  THR B CA  1 
ATOM   627  C C   . THR B 1 35 ? -16.376 -1.493  -15.932 1.00 24.26 ? 35  THR B C   1 
ATOM   628  O O   . THR B 1 35 ? -16.763 -1.478  -17.105 1.00 28.69 ? 35  THR B O   1 
ATOM   629  C CB  . THR B 1 35 ? -16.583 0.955   -15.495 1.00 22.46 ? 35  THR B CB  1 
ATOM   630  O OG1 . THR B 1 35 ? -15.169 1.089   -15.677 1.00 26.12 ? 35  THR B OG1 1 
ATOM   631  C CG2 . THR B 1 35 ? -17.061 2.020   -14.515 1.00 18.64 ? 35  THR B CG2 1 
ATOM   632  N N   . VAL B 1 36 ? -15.505 -2.394  -15.482 1.00 22.32 ? 36  VAL B N   1 
ATOM   633  C CA  . VAL B 1 36 ? -14.955 -3.460  -16.311 1.00 17.30 ? 36  VAL B CA  1 
ATOM   634  C C   . VAL B 1 36 ? -15.322 -4.791  -15.674 1.00 21.81 ? 36  VAL B C   1 
ATOM   635  O O   . VAL B 1 36 ? -15.128 -4.980  -14.467 1.00 22.66 ? 36  VAL B O   1 
ATOM   636  C CB  . VAL B 1 36 ? -13.429 -3.328  -16.469 1.00 17.97 ? 36  VAL B CB  1 
ATOM   637  C CG1 . VAL B 1 36 ? -12.894 -4.409  -17.396 1.00 15.31 ? 36  VAL B CG1 1 
ATOM   638  C CG2 . VAL B 1 36 ? -13.068 -1.947  -16.990 1.00 20.48 ? 36  VAL B CG2 1 
ATOM   639  N N   . ARG B 1 37 ? -15.853 -5.706  -16.479 1.00 22.93 ? 37  ARG B N   1 
ATOM   640  C CA  . ARG B 1 37 ? -16.308 -6.985  -15.959 1.00 17.90 ? 37  ARG B CA  1 
ATOM   641  C C   . ARG B 1 37 ? -15.151 -7.975  -15.851 1.00 19.76 ? 37  ARG B C   1 
ATOM   642  O O   . ARG B 1 37 ? -14.111 -7.837  -16.502 1.00 12.90 ? 37  ARG B O   1 
ATOM   643  C CB  . ARG B 1 37 ? -17.408 -7.569  -16.845 1.00 22.27 ? 37  ARG B CB  1 
ATOM   644  C CG  . ARG B 1 37 ? -18.641 -6.693  -16.986 1.00 20.09 ? 37  ARG B CG  1 
ATOM   645  C CD  . ARG B 1 37 ? -19.821 -7.507  -17.494 1.00 28.84 ? 37  ARG B CD  1 
ATOM   646  N NE  . ARG B 1 37 ? -20.963 -6.674  -17.859 1.00 37.36 ? 37  ARG B NE  1 
ATOM   647  C CZ  . ARG B 1 37 ? -22.136 -7.153  -18.264 1.00 34.91 ? 37  ARG B CZ  1 
ATOM   648  N NH1 . ARG B 1 37 ? -22.327 -8.462  -18.353 1.00 31.54 ? 37  ARG B NH1 1 
ATOM   649  N NH2 . ARG B 1 37 ? -23.120 -6.323  -18.579 1.00 44.27 ? 37  ARG B NH2 1 
ATOM   650  N N   . GLY B 1 38 ? -15.350 -8.988  -15.009 1.00 20.10 ? 38  GLY B N   1 
ATOM   651  C CA  . GLY B 1 38 ? -14.380 -10.051 -14.843 1.00 16.04 ? 38  GLY B CA  1 
ATOM   652  C C   . GLY B 1 38 ? -13.111 -9.670  -14.120 1.00 21.86 ? 38  GLY B C   1 
ATOM   653  O O   . GLY B 1 38 ? -12.183 -10.483 -14.065 1.00 23.15 ? 38  GLY B O   1 
ATOM   654  N N   . VAL B 1 39 ? -13.033 -8.466  -13.563 1.00 20.36 ? 39  VAL B N   1 
ATOM   655  C CA  . VAL B 1 39 ? -11.826 -8.013  -12.876 1.00 17.77 ? 39  VAL B CA  1 
ATOM   656  C C   . VAL B 1 39 ? -12.202 -7.504  -11.490 1.00 14.83 ? 39  VAL B C   1 
ATOM   657  O O   . VAL B 1 39 ? -13.333 -7.041  -11.287 1.00 16.56 ? 39  VAL B O   1 
ATOM   658  C CB  . VAL B 1 39 ? -11.096 -6.930  -13.689 1.00 16.77 ? 39  VAL B CB  1 
ATOM   659  C CG1 . VAL B 1 39 ? -10.654 -7.484  -15.034 1.00 15.62 ? 39  VAL B CG1 1 
ATOM   660  C CG2 . VAL B 1 39 ? -11.982 -5.712  -13.877 1.00 16.65 ? 39  VAL B CG2 1 
ATOM   661  N N   . PRO B 1 40 ? -11.300 -7.571  -10.510 1.00 16.95 ? 40  PRO B N   1 
ATOM   662  C CA  . PRO B 1 40 ? -11.641 -7.088  -9.166  1.00 15.82 ? 40  PRO B CA  1 
ATOM   663  C C   . PRO B 1 40 ? -11.836 -5.580  -9.144  1.00 12.77 ? 40  PRO B C   1 
ATOM   664  O O   . PRO B 1 40 ? -11.086 -4.827  -9.770  1.00 13.52 ? 40  PRO B O   1 
ATOM   665  C CB  . PRO B 1 40 ? -10.434 -7.509  -8.320  1.00 11.58 ? 40  PRO B CB  1 
ATOM   666  C CG  . PRO B 1 40 ? -9.318  -7.636  -9.295  1.00 12.76 ? 40  PRO B CG  1 
ATOM   667  C CD  . PRO B 1 40 ? -9.941  -8.135  -10.563 1.00 19.83 ? 40  PRO B CD  1 
ATOM   668  N N   . TRP B 1 41 ? -12.864 -5.148  -8.409  1.00 13.41 ? 41  TRP B N   1 
ATOM   669  C CA  . TRP B 1 41 ? -13.140 -3.720  -8.283  1.00 13.37 ? 41  TRP B CA  1 
ATOM   670  C C   . TRP B 1 41 ? -11.969 -2.997  -7.631  1.00 16.66 ? 41  TRP B C   1 
ATOM   671  O O   . TRP B 1 41 ? -11.509 -1.962  -8.125  1.00 22.02 ? 41  TRP B O   1 
ATOM   672  C CB  . TRP B 1 41 ? -14.419 -3.500  -7.472  1.00 13.95 ? 41  TRP B CB  1 
ATOM   673  C CG  . TRP B 1 41 ? -15.659 -4.070  -8.093  1.00 17.83 ? 41  TRP B CG  1 
ATOM   674  C CD1 . TRP B 1 41 ? -15.783 -4.607  -9.342  1.00 15.93 ? 41  TRP B CD1 1 
ATOM   675  C CD2 . TRP B 1 41 ? -16.957 -4.157  -7.488  1.00 16.48 ? 41  TRP B CD2 1 
ATOM   676  N NE1 . TRP B 1 41 ? -17.076 -5.023  -9.551  1.00 12.71 ? 41  TRP B NE1 1 
ATOM   677  C CE2 . TRP B 1 41 ? -17.816 -4.757  -8.429  1.00 15.50 ? 41  TRP B CE2 1 
ATOM   678  C CE3 . TRP B 1 41 ? -17.475 -3.784  -6.243  1.00 16.80 ? 41  TRP B CE3 1 
ATOM   679  C CZ2 . TRP B 1 41 ? -19.164 -4.994  -8.165  1.00 22.15 ? 41  TRP B CZ2 1 
ATOM   680  C CZ3 . TRP B 1 41 ? -18.813 -4.020  -5.983  1.00 17.92 ? 41  TRP B CZ3 1 
ATOM   681  C CH2 . TRP B 1 41 ? -19.641 -4.620  -6.938  1.00 20.22 ? 41  TRP B CH2 1 
ATOM   682  N N   . CYS B 1 42 ? -11.472 -3.535  -6.521  1.00 13.42 ? 42  CYS B N   1 
ATOM   683  C CA  . CYS B 1 42 ? -10.363 -2.944  -5.782  1.00 14.36 ? 42  CYS B CA  1 
ATOM   684  C C   . CYS B 1 42 ? -9.091  -3.709  -6.128  1.00 15.48 ? 42  CYS B C   1 
ATOM   685  O O   . CYS B 1 42 ? -8.964  -4.894  -5.803  1.00 17.67 ? 42  CYS B O   1 
ATOM   686  C CB  . CYS B 1 42 ? -10.642 -2.978  -4.282  1.00 15.58 ? 42  CYS B CB  1 
ATOM   687  S SG  . CYS B 1 42 ? -9.439  -2.086  -3.281  1.00 21.24 ? 42  CYS B SG  1 
ATOM   688  N N   . PHE B 1 43 ? -8.149  -3.033  -6.783  1.00 15.70 ? 43  PHE B N   1 
ATOM   689  C CA  . PHE B 1 43 ? -6.923  -3.667  -7.243  1.00 16.72 ? 43  PHE B CA  1 
ATOM   690  C C   . PHE B 1 43 ? -5.713  -2.832  -6.844  1.00 16.43 ? 43  PHE B C   1 
ATOM   691  O O   . PHE B 1 43 ? -5.810  -1.625  -6.612  1.00 16.93 ? 43  PHE B O   1 
ATOM   692  C CB  . PHE B 1 43 ? -6.938  -3.886  -8.764  1.00 17.20 ? 43  PHE B CB  1 
ATOM   693  C CG  . PHE B 1 43 ? -7.118  -2.625  -9.565  1.00 18.96 ? 43  PHE B CG  1 
ATOM   694  C CD1 . PHE B 1 43 ? -8.386  -2.126  -9.823  1.00 15.22 ? 43  PHE B CD1 1 
ATOM   695  C CD2 . PHE B 1 43 ? -6.021  -1.947  -10.076 1.00 15.53 ? 43  PHE B CD2 1 
ATOM   696  C CE1 . PHE B 1 43 ? -8.556  -0.969  -10.562 1.00 12.93 ? 43  PHE B CE1 1 
ATOM   697  C CE2 . PHE B 1 43 ? -6.186  -0.791  -10.817 1.00 14.69 ? 43  PHE B CE2 1 
ATOM   698  C CZ  . PHE B 1 43 ? -7.455  -0.302  -11.060 1.00 13.21 ? 43  PHE B CZ  1 
ATOM   699  N N   . TYR B 1 44 ? -4.564  -3.501  -6.771  1.00 17.31 ? 44  TYR B N   1 
ATOM   700  C CA  . TYR B 1 44 ? -3.331  -2.837  -6.382  1.00 18.63 ? 44  TYR B CA  1 
ATOM   701  C C   . TYR B 1 44 ? -2.825  -1.940  -7.511  1.00 17.25 ? 44  TYR B C   1 
ATOM   702  O O   . TYR B 1 44 ? -3.014  -2.244  -8.692  1.00 19.44 ? 44  TYR B O   1 
ATOM   703  C CB  . TYR B 1 44 ? -2.262  -3.863  -6.017  1.00 15.29 ? 44  TYR B CB  1 
ATOM   704  C CG  . TYR B 1 44 ? -2.575  -4.661  -4.774  1.00 15.95 ? 44  TYR B CG  1 
ATOM   705  C CD1 . TYR B 1 44 ? -2.301  -4.152  -3.512  1.00 15.49 ? 44  TYR B CD1 1 
ATOM   706  C CD2 . TYR B 1 44 ? -3.142  -5.926  -4.861  1.00 19.20 ? 44  TYR B CD2 1 
ATOM   707  C CE1 . TYR B 1 44 ? -2.585  -4.878  -2.371  1.00 20.33 ? 44  TYR B CE1 1 
ATOM   708  C CE2 . TYR B 1 44 ? -3.430  -6.658  -3.726  1.00 21.11 ? 44  TYR B CE2 1 
ATOM   709  C CZ  . TYR B 1 44 ? -3.150  -6.129  -2.483  1.00 20.19 ? 44  TYR B CZ  1 
ATOM   710  O OH  . TYR B 1 44 ? -3.435  -6.852  -1.348  1.00 23.51 ? 44  TYR B OH  1 
ATOM   711  N N   . PRO B 1 45 ? -2.179  -0.830  -7.174  1.00 15.04 ? 45  PRO B N   1 
ATOM   712  C CA  . PRO B 1 45 ? -1.667  0.079   -8.202  1.00 17.61 ? 45  PRO B CA  1 
ATOM   713  C C   . PRO B 1 45 ? -0.358  -0.427  -8.798  1.00 20.88 ? 45  PRO B C   1 
ATOM   714  O O   . PRO B 1 45 ? 0.305   -1.317  -8.264  1.00 14.95 ? 45  PRO B O   1 
ATOM   715  C CB  . PRO B 1 45 ? -1.456  1.387   -7.434  1.00 16.39 ? 45  PRO B CB  1 
ATOM   716  C CG  . PRO B 1 45 ? -1.140  0.939   -6.048  1.00 15.65 ? 45  PRO B CG  1 
ATOM   717  C CD  . PRO B 1 45 ? -1.964  -0.303  -5.814  1.00 15.00 ? 45  PRO B CD  1 
ATOM   718  N N   . ASN B 1 46 ? 0.002   0.164   -9.932  1.00 21.37 ? 46  ASN B N   1 
ATOM   719  C CA  . ASN B 1 46 ? 1.274   -0.113  -10.579 1.00 19.60 ? 46  ASN B CA  1 
ATOM   720  C C   . ASN B 1 46 ? 2.342   0.861   -10.088 1.00 15.29 ? 46  ASN B C   1 
ATOM   721  O O   . ASN B 1 46 ? 2.059   1.838   -9.393  1.00 16.99 ? 46  ASN B O   1 
ATOM   722  C CB  . ASN B 1 46 ? 1.135   -0.030  -12.100 1.00 19.74 ? 46  ASN B CB  1 
ATOM   723  C CG  . ASN B 1 46 ? 0.883   -1.380  -12.739 1.00 20.94 ? 46  ASN B CG  1 
ATOM   724  O OD1 . ASN B 1 46 ? 1.196   -2.420  -12.161 1.00 29.14 ? 46  ASN B OD1 1 
ATOM   725  N ND2 . ASN B 1 46 ? 0.323   -1.370  -13.942 1.00 23.61 ? 46  ASN B ND2 1 
ATOM   726  N N   . THR B 1 47 ? 3.586   0.587   -10.465 1.00 23.21 ? 47  THR B N   1 
ATOM   727  C CA  . THR B 1 47 ? 4.720   1.430   -10.117 1.00 19.78 ? 47  THR B CA  1 
ATOM   728  C C   . THR B 1 47 ? 5.196   2.187   -11.350 1.00 21.58 ? 47  THR B C   1 
ATOM   729  O O   . THR B 1 47 ? 5.273   1.623   -12.446 1.00 24.54 ? 47  THR B O   1 
ATOM   730  C CB  . THR B 1 47 ? 5.872   0.602   -9.537  1.00 21.47 ? 47  THR B CB  1 
ATOM   731  O OG1 . THR B 1 47 ? 5.362   -0.311  -8.558  1.00 33.72 ? 47  THR B OG1 1 
ATOM   732  C CG2 . THR B 1 47 ? 6.903   1.510   -8.878  1.00 25.56 ? 47  THR B CG2 1 
ATOM   733  N N   . ILE B 1 48 ? 5.513   3.466   -11.165 1.00 24.57 ? 48  ILE B N   1 
ATOM   734  C CA  . ILE B 1 48 ? 5.989   4.313   -12.251 1.00 26.68 ? 48  ILE B CA  1 
ATOM   735  C C   . ILE B 1 48 ? 7.444   3.973   -12.558 1.00 26.25 ? 48  ILE B C   1 
ATOM   736  O O   . ILE B 1 48 ? 8.175   3.455   -11.705 1.00 33.57 ? 48  ILE B O   1 
ATOM   737  C CB  . ILE B 1 48 ? 5.801   5.799   -11.876 1.00 18.14 ? 48  ILE B CB  1 
ATOM   738  C CG1 . ILE B 1 48 ? 4.339   6.064   -11.513 1.00 20.06 ? 48  ILE B CG1 1 
ATOM   739  C CG2 . ILE B 1 48 ? 6.217   6.722   -13.013 1.00 20.08 ? 48  ILE B CG2 1 
ATOM   740  C CD1 . ILE B 1 48 ? 4.044   7.507   -11.163 1.00 26.09 ? 48  ILE B CD1 1 
ATOM   741  N N   . LEU B 1 49 ? 7.858   4.243   -13.798 1.00 33.30 ? 49  LEU B N   1 
ATOM   742  C CA  . LEU B 1 49 ? 9.208   3.959   -14.290 1.00 40.43 ? 49  LEU B CA  1 
ATOM   743  C C   . LEU B 1 49 ? 9.481   2.459   -14.327 1.00 36.20 ? 49  LEU B C   1 
ATOM   744  O O   . LEU B 1 49 ? 9.930   1.928   -15.343 1.00 32.74 ? 49  LEU B O   1 
ATOM   745  C CB  . LEU B 1 49 ? 10.271  4.665   -13.438 1.00 36.04 ? 49  LEU B CB  1 
ATOM   746  C CG  . LEU B 1 49 ? 10.324  6.193   -13.482 1.00 28.33 ? 49  LEU B CG  1 
ATOM   747  C CD1 . LEU B 1 49 ? 11.220  6.720   -12.373 1.00 28.27 ? 49  LEU B CD1 1 
ATOM   748  C CD2 . LEU B 1 49 ? 10.812  6.672   -14.839 1.00 34.99 ? 49  LEU B CD2 1 
HETATM 749  N N   . PCA C 1 1  ? 2.420   -24.384 -4.636  1.00 36.21 ? 1   PCA C N   1 
HETATM 750  C CA  . PCA C 1 1  ? 2.382   -22.986 -4.223  1.00 22.98 ? 1   PCA C CA  1 
HETATM 751  C CB  . PCA C 1 1  ? 3.566   -22.653 -3.323  1.00 34.80 ? 1   PCA C CB  1 
HETATM 752  C CG  . PCA C 1 1  ? 4.552   -23.797 -3.470  1.00 32.62 ? 1   PCA C CG  1 
HETATM 753  C CD  . PCA C 1 1  ? 3.736   -24.840 -4.183  1.00 33.39 ? 1   PCA C CD  1 
HETATM 754  O OE  . PCA C 1 1  ? 4.156   -25.985 -4.345  1.00 38.44 ? 1   PCA C OE  1 
HETATM 755  C C   . PCA C 1 1  ? 2.390   -22.054 -5.423  1.00 21.55 ? 1   PCA C C   1 
HETATM 756  O O   . PCA C 1 1  ? 2.611   -22.492 -6.550  1.00 31.38 ? 1   PCA C O   1 
ATOM   757  N N   . THR C 1 2  ? 2.146   -20.770 -5.179  1.00 21.99 ? 2   THR C N   1 
ATOM   758  C CA  . THR C 1 2  ? 2.146   -19.774 -6.246  1.00 25.14 ? 2   THR C CA  1 
ATOM   759  C C   . THR C 1 2  ? 3.122   -18.641 -5.938  1.00 31.99 ? 2   THR C C   1 
ATOM   760  O O   . THR C 1 2  ? 3.492   -17.867 -6.823  1.00 24.79 ? 2   THR C O   1 
ATOM   761  C CB  . THR C 1 2  ? 0.741   -19.179 -6.468  1.00 17.96 ? 2   THR C CB  1 
ATOM   762  O OG1 . THR C 1 2  ? 0.330   -18.462 -5.297  1.00 26.28 ? 2   THR C OG1 1 
ATOM   763  C CG2 . THR C 1 2  ? -0.267  -20.282 -6.760  1.00 23.79 ? 2   THR C CG2 1 
ATOM   764  N N   . GLU C 1 3  ? 3.537   -18.553 -4.679  1.00 26.56 ? 3   GLU C N   1 
ATOM   765  C CA  . GLU C 1 3  ? 4.452   -17.519 -4.221  1.00 21.33 ? 3   GLU C CA  1 
ATOM   766  C C   . GLU C 1 3  ? 5.783   -18.136 -3.815  1.00 23.54 ? 3   GLU C C   1 
ATOM   767  O O   . GLU C 1 3  ? 5.852   -19.299 -3.406  1.00 24.07 ? 3   GLU C O   1 
ATOM   768  C CB  . GLU C 1 3  ? 3.857   -16.741 -3.044  1.00 19.28 ? 3   GLU C CB  1 
ATOM   769  C CG  . GLU C 1 3  ? 2.581   -15.995 -3.386  1.00 19.86 ? 3   GLU C CG  1 
ATOM   770  C CD  . GLU C 1 3  ? 2.796   -14.946 -4.459  1.00 29.09 ? 3   GLU C CD  1 
ATOM   771  O OE1 . GLU C 1 3  ? 3.817   -14.231 -4.393  1.00 29.96 ? 3   GLU C OE1 1 
ATOM   772  O OE2 . GLU C 1 3  ? 1.950   -14.844 -5.372  1.00 34.92 ? 3   GLU C OE2 1 
ATOM   773  N N   . THR C 1 4  ? 6.845   -17.341 -3.931  1.00 21.51 ? 4   THR C N   1 
ATOM   774  C CA  . THR C 1 4  ? 8.184   -17.780 -3.567  1.00 20.57 ? 4   THR C CA  1 
ATOM   775  C C   . THR C 1 4  ? 8.883   -16.681 -2.782  1.00 18.91 ? 4   THR C C   1 
ATOM   776  O O   . THR C 1 4  ? 8.741   -15.495 -3.092  1.00 15.30 ? 4   THR C O   1 
ATOM   777  C CB  . THR C 1 4  ? 9.017   -18.151 -4.804  1.00 17.47 ? 4   THR C CB  1 
ATOM   778  O OG1 . THR C 1 4  ? 10.360  -18.450 -4.406  1.00 18.72 ? 4   THR C OG1 1 
ATOM   779  C CG2 . THR C 1 4  ? 9.031   -17.008 -5.813  1.00 20.55 ? 4   THR C CG2 1 
ATOM   780  N N   . CYS C 1 5  ? 9.629   -17.085 -1.759  1.00 22.84 ? 5   CYS C N   1 
ATOM   781  C CA  . CYS C 1 5  ? 10.439  -16.165 -0.974  1.00 15.72 ? 5   CYS C CA  1 
ATOM   782  C C   . CYS C 1 5  ? 11.825  -15.954 -1.563  1.00 12.48 ? 5   CYS C C   1 
ATOM   783  O O   . CYS C 1 5  ? 12.622  -15.209 -0.984  1.00 19.14 ? 5   CYS C O   1 
ATOM   784  C CB  . CYS C 1 5  ? 10.559  -16.667 0.467   1.00 16.72 ? 5   CYS C CB  1 
ATOM   785  S SG  . CYS C 1 5  ? 9.024   -16.555 1.402   1.00 27.09 ? 5   CYS C SG  1 
ATOM   786  N N   . THR C 1 6  ? 12.130  -16.588 -2.695  1.00 14.67 ? 6   THR C N   1 
ATOM   787  C CA  . THR C 1 6  ? 13.432  -16.447 -3.345  1.00 21.36 ? 6   THR C CA  1 
ATOM   788  C C   . THR C 1 6  ? 13.445  -15.135 -4.125  1.00 21.24 ? 6   THR C C   1 
ATOM   789  O O   . THR C 1 6  ? 13.229  -15.083 -5.339  1.00 16.90 ? 6   THR C O   1 
ATOM   790  C CB  . THR C 1 6  ? 13.715  -17.642 -4.245  1.00 17.62 ? 6   THR C CB  1 
ATOM   791  O OG1 . THR C 1 6  ? 13.560  -18.852 -3.493  1.00 17.16 ? 6   THR C OG1 1 
ATOM   792  C CG2 . THR C 1 6  ? 15.135  -17.572 -4.789  1.00 19.13 ? 6   THR C CG2 1 
ATOM   793  N N   . VAL C 1 7  ? 13.699  -14.050 -3.400  1.00 19.81 ? 7   VAL C N   1 
ATOM   794  C CA  . VAL C 1 7  ? 13.796  -12.715 -3.970  1.00 18.19 ? 7   VAL C CA  1 
ATOM   795  C C   . VAL C 1 7  ? 15.198  -12.187 -3.709  1.00 15.13 ? 7   VAL C C   1 
ATOM   796  O O   . VAL C 1 7  ? 15.734  -12.348 -2.608  1.00 21.80 ? 7   VAL C O   1 
ATOM   797  C CB  . VAL C 1 7  ? 12.734  -11.762 -3.380  1.00 18.56 ? 7   VAL C CB  1 
ATOM   798  C CG1 . VAL C 1 7  ? 12.759  -10.420 -4.101  1.00 17.98 ? 7   VAL C CG1 1 
ATOM   799  C CG2 . VAL C 1 7  ? 11.351  -12.394 -3.452  1.00 13.61 ? 7   VAL C CG2 1 
ATOM   800  N N   . ALA C 1 8  ? 15.792  -11.570 -4.724  1.00 15.90 ? 8   ALA C N   1 
ATOM   801  C CA  . ALA C 1 8  ? 17.109  -10.978 -4.554  1.00 15.69 ? 8   ALA C CA  1 
ATOM   802  C C   . ALA C 1 8  ? 17.041  -9.863  -3.513  1.00 17.33 ? 8   ALA C C   1 
ATOM   803  O O   . ALA C 1 8  ? 16.051  -9.124  -3.460  1.00 20.77 ? 8   ALA C O   1 
ATOM   804  C CB  . ALA C 1 8  ? 17.628  -10.430 -5.883  1.00 16.06 ? 8   ALA C CB  1 
ATOM   805  N N   . PRO C 1 9  ? 18.065  -9.721  -2.665  1.00 14.60 ? 9   PRO C N   1 
ATOM   806  C CA  . PRO C 1 9  ? 18.010  -8.693  -1.611  1.00 19.51 ? 9   PRO C CA  1 
ATOM   807  C C   . PRO C 1 9  ? 17.804  -7.283  -2.136  1.00 19.45 ? 9   PRO C C   1 
ATOM   808  O O   . PRO C 1 9  ? 17.159  -6.470  -1.461  1.00 21.92 ? 9   PRO C O   1 
ATOM   809  C CB  . PRO C 1 9  ? 19.369  -8.842  -0.914  1.00 19.80 ? 9   PRO C CB  1 
ATOM   810  C CG  . PRO C 1 9  ? 19.774  -10.256 -1.178  1.00 18.33 ? 9   PRO C CG  1 
ATOM   811  C CD  . PRO C 1 9  ? 19.261  -10.572 -2.552  1.00 14.66 ? 9   PRO C CD  1 
ATOM   812  N N   . ARG C 1 10 ? 18.329  -6.966  -3.322  1.00 20.05 ? 10  ARG C N   1 
ATOM   813  C CA  . ARG C 1 10 ? 18.136  -5.638  -3.892  1.00 18.94 ? 10  ARG C CA  1 
ATOM   814  C C   . ARG C 1 10 ? 16.682  -5.375  -4.269  1.00 21.43 ? 10  ARG C C   1 
ATOM   815  O O   . ARG C 1 10 ? 16.257  -4.214  -4.283  1.00 29.23 ? 10  ARG C O   1 
ATOM   816  C CB  . ARG C 1 10 ? 19.041  -5.460  -5.116  1.00 21.59 ? 10  ARG C CB  1 
ATOM   817  C CG  . ARG C 1 10 ? 18.985  -4.077  -5.749  1.00 37.13 ? 10  ARG C CG  1 
ATOM   818  C CD  . ARG C 1 10 ? 19.797  -4.010  -7.034  1.00 48.04 ? 10  ARG C CD  1 
ATOM   819  N NE  . ARG C 1 10 ? 19.530  -2.784  -7.782  1.00 45.72 ? 10  ARG C NE  1 
ATOM   820  C CZ  . ARG C 1 10 ? 18.600  -2.673  -8.726  1.00 41.89 ? 10  ARG C CZ  1 
ATOM   821  N NH1 . ARG C 1 10 ? 17.846  -3.717  -9.041  1.00 40.11 ? 10  ARG C NH1 1 
ATOM   822  N NH2 . ARG C 1 10 ? 18.424  -1.519  -9.356  1.00 48.41 ? 10  ARG C NH2 1 
ATOM   823  N N   . GLU C 1 11 ? 15.908  -6.421  -4.553  1.00 19.18 ? 11  GLU C N   1 
ATOM   824  C CA  . GLU C 1 11 ? 14.537  -6.279  -5.024  1.00 15.37 ? 11  GLU C CA  1 
ATOM   825  C C   . GLU C 1 11 ? 13.498  -6.499  -3.932  1.00 18.74 ? 11  GLU C C   1 
ATOM   826  O O   . GLU C 1 11 ? 12.298  -6.395  -4.211  1.00 24.63 ? 11  GLU C O   1 
ATOM   827  C CB  . GLU C 1 11 ? 14.274  -7.253  -6.177  1.00 17.28 ? 11  GLU C CB  1 
ATOM   828  C CG  . GLU C 1 11 ? 15.344  -7.252  -7.257  1.00 18.19 ? 11  GLU C CG  1 
ATOM   829  C CD  . GLU C 1 11 ? 15.663  -5.858  -7.760  1.00 33.30 ? 11  GLU C CD  1 
ATOM   830  O OE1 . GLU C 1 11 ? 16.853  -5.480  -7.746  1.00 33.79 ? 11  GLU C OE1 1 
ATOM   831  O OE2 . GLU C 1 11 ? 14.725  -5.139  -8.163  1.00 35.56 ? 11  GLU C OE2 1 
ATOM   832  N N   . ARG C 1 12 ? 13.917  -6.801  -2.707  1.00 16.94 ? 12  ARG C N   1 
ATOM   833  C CA  . ARG C 1 12 ? 12.969  -7.109  -1.642  1.00 16.29 ? 12  ARG C CA  1 
ATOM   834  C C   . ARG C 1 12 ? 12.257  -5.840  -1.186  1.00 21.00 ? 12  ARG C C   1 
ATOM   835  O O   . ARG C 1 12 ? 12.901  -4.869  -0.774  1.00 14.87 ? 12  ARG C O   1 
ATOM   836  C CB  . ARG C 1 12 ? 13.688  -7.783  -0.477  1.00 13.33 ? 12  ARG C CB  1 
ATOM   837  C CG  . ARG C 1 12 ? 14.210  -9.168  -0.823  1.00 19.65 ? 12  ARG C CG  1 
ATOM   838  C CD  . ARG C 1 12 ? 15.027  -9.783  0.303   1.00 14.02 ? 12  ARG C CD  1 
ATOM   839  N NE  . ARG C 1 12 ? 15.655  -11.031 -0.124  1.00 12.33 ? 12  ARG C NE  1 
ATOM   840  C CZ  . ARG C 1 12 ? 16.470  -11.761 0.632   1.00 17.26 ? 12  ARG C CZ  1 
ATOM   841  N NH1 . ARG C 1 12 ? 16.763  -11.369 1.866   1.00 13.92 ? 12  ARG C NH1 1 
ATOM   842  N NH2 . ARG C 1 12 ? 16.994  -12.880 0.152   1.00 12.08 ? 12  ARG C NH2 1 
ATOM   843  N N   . GLN C 1 13 ? 10.928  -5.850  -1.265  1.00 21.78 ? 13  GLN C N   1 
ATOM   844  C CA  . GLN C 1 13 ? 10.102  -4.717  -0.871  1.00 15.38 ? 13  GLN C CA  1 
ATOM   845  C C   . GLN C 1 13 ? 9.599   -4.921  0.551   1.00 14.76 ? 13  GLN C C   1 
ATOM   846  O O   . GLN C 1 13 ? 9.134   -6.011  0.898   1.00 16.61 ? 13  GLN C O   1 
ATOM   847  C CB  . GLN C 1 13 ? 8.924   -4.543  -1.829  1.00 17.84 ? 13  GLN C CB  1 
ATOM   848  C CG  . GLN C 1 13 ? 9.324   -4.372  -3.286  1.00 21.30 ? 13  GLN C CG  1 
ATOM   849  C CD  . GLN C 1 13 ? 8.152   -3.996  -4.167  1.00 33.38 ? 13  GLN C CD  1 
ATOM   850  O OE1 . GLN C 1 13 ? 7.167   -3.423  -3.698  1.00 31.29 ? 13  GLN C OE1 1 
ATOM   851  N NE2 . GLN C 1 13 ? 8.249   -4.319  -5.452  1.00 39.25 ? 13  GLN C NE2 1 
ATOM   852  N N   . ASN C 1 14 ? 9.679   -3.867  1.360   1.00 19.42 ? 14  ASN C N   1 
ATOM   853  C CA  . ASN C 1 14 ? 9.350   -3.966  2.777   1.00 17.00 ? 14  ASN C CA  1 
ATOM   854  C C   . ASN C 1 14 ? 7.889   -4.341  2.979   1.00 15.80 ? 14  ASN C C   1 
ATOM   855  O O   . ASN C 1 14 ? 6.985   -3.642  2.514   1.00 15.59 ? 14  ASN C O   1 
ATOM   856  C CB  . ASN C 1 14 ? 9.654   -2.643  3.477   1.00 14.41 ? 14  ASN C CB  1 
ATOM   857  C CG  . ASN C 1 14 ? 9.227   -2.645  4.932   1.00 18.93 ? 14  ASN C CG  1 
ATOM   858  O OD1 . ASN C 1 14 ? 9.362   -3.650  5.632   1.00 23.26 ? 14  ASN C OD1 1 
ATOM   859  N ND2 . ASN C 1 14 ? 8.699   -1.517  5.395   1.00 16.63 ? 14  ASN C ND2 1 
ATOM   860  N N   . CYS C 1 15 ? 7.664   -5.451  3.683   1.00 15.10 ? 15  CYS C N   1 
ATOM   861  C CA  . CYS C 1 15 ? 6.332   -5.876  4.080   1.00 17.37 ? 15  CYS C CA  1 
ATOM   862  C C   . CYS C 1 15 ? 6.049   -5.629  5.555   1.00 20.88 ? 15  CYS C C   1 
ATOM   863  O O   . CYS C 1 15 ? 4.879   -5.616  5.953   1.00 22.59 ? 15  CYS C O   1 
ATOM   864  C CB  . CYS C 1 15 ? 6.138   -7.367  3.748   1.00 17.35 ? 15  CYS C CB  1 
ATOM   865  S SG  . CYS C 1 15 ? 4.609   -8.131  4.345   1.00 22.65 ? 15  CYS C SG  1 
ATOM   866  N N   . GLY C 1 16 ? 7.079   -5.402  6.369   1.00 17.89 ? 16  GLY C N   1 
ATOM   867  C CA  . GLY C 1 16 ? 6.893   -5.240  7.797   1.00 16.07 ? 16  GLY C CA  1 
ATOM   868  C C   . GLY C 1 16 ? 7.198   -3.858  8.338   1.00 14.78 ? 16  GLY C C   1 
ATOM   869  O O   . GLY C 1 16 ? 6.756   -2.849  7.781   1.00 19.38 ? 16  GLY C O   1 
ATOM   870  N N   . PHE C 1 17 ? 7.958   -3.809  9.426   1.00 18.09 ? 17  PHE C N   1 
ATOM   871  C CA  . PHE C 1 17 ? 8.194   -2.580  10.172  1.00 16.73 ? 17  PHE C CA  1 
ATOM   872  C C   . PHE C 1 17 ? 9.414   -2.794  11.059  1.00 16.14 ? 17  PHE C C   1 
ATOM   873  O O   . PHE C 1 17 ? 9.880   -3.931  11.219  1.00 17.05 ? 17  PHE C O   1 
ATOM   874  C CB  . PHE C 1 17 ? 6.958   -2.193  11.006  1.00 16.94 ? 17  PHE C CB  1 
ATOM   875  C CG  . PHE C 1 17 ? 6.311   -3.354  11.703  1.00 15.74 ? 17  PHE C CG  1 
ATOM   876  C CD1 . PHE C 1 17 ? 6.781   -3.796  12.928  1.00 16.22 ? 17  PHE C CD1 1 
ATOM   877  C CD2 . PHE C 1 17 ? 5.230   -4.004  11.131  1.00 17.06 ? 17  PHE C CD2 1 
ATOM   878  C CE1 . PHE C 1 17 ? 6.185   -4.866  13.568  1.00 15.68 ? 17  PHE C CE1 1 
ATOM   879  C CE2 . PHE C 1 17 ? 4.629   -5.071  11.767  1.00 21.90 ? 17  PHE C CE2 1 
ATOM   880  C CZ  . PHE C 1 17 ? 5.107   -5.503  12.986  1.00 16.12 ? 17  PHE C CZ  1 
ATOM   881  N N   . PRO C 1 18 ? 9.973   -1.723  11.631  1.00 22.40 ? 18  PRO C N   1 
ATOM   882  C CA  . PRO C 1 18 ? 11.134  -1.889  12.516  1.00 16.06 ? 18  PRO C CA  1 
ATOM   883  C C   . PRO C 1 18 ? 10.829  -2.824  13.678  1.00 17.01 ? 18  PRO C C   1 
ATOM   884  O O   . PRO C 1 18 ? 9.877   -2.620  14.432  1.00 16.38 ? 18  PRO C O   1 
ATOM   885  C CB  . PRO C 1 18 ? 11.414  -0.462  12.999  1.00 15.28 ? 18  PRO C CB  1 
ATOM   886  C CG  . PRO C 1 18 ? 10.913  0.398   11.906  1.00 16.48 ? 18  PRO C CG  1 
ATOM   887  C CD  . PRO C 1 18 ? 9.697   -0.300  11.361  1.00 16.84 ? 18  PRO C CD  1 
ATOM   888  N N   . GLY C 1 19 ? 11.653  -3.861  13.811  1.00 17.52 ? 19  GLY C N   1 
ATOM   889  C CA  . GLY C 1 19 ? 11.468  -4.835  14.866  1.00 12.82 ? 19  GLY C CA  1 
ATOM   890  C C   . GLY C 1 19 ? 10.440  -5.901  14.575  1.00 13.34 ? 19  GLY C C   1 
ATOM   891  O O   . GLY C 1 19 ? 9.934   -6.526  15.512  1.00 15.09 ? 19  GLY C O   1 
ATOM   892  N N   . VAL C 1 20 ? 10.117  -6.134  13.301  1.00 16.55 ? 20  VAL C N   1 
ATOM   893  C CA  . VAL C 1 20 ? 9.121   -7.140  12.958  1.00 12.18 ? 20  VAL C CA  1 
ATOM   894  C C   . VAL C 1 20 ? 9.652   -8.525  13.303  1.00 12.35 ? 20  VAL C C   1 
ATOM   895  O O   . VAL C 1 20 ? 10.844  -8.819  13.139  1.00 15.39 ? 20  VAL C O   1 
ATOM   896  C CB  . VAL C 1 20 ? 8.739   -7.029  11.470  1.00 16.52 ? 20  VAL C CB  1 
ATOM   897  C CG1 . VAL C 1 20 ? 9.961   -7.211  10.581  1.00 11.33 ? 20  VAL C CG1 1 
ATOM   898  C CG2 . VAL C 1 20 ? 7.645   -8.030  11.111  1.00 12.22 ? 20  VAL C CG2 1 
ATOM   899  N N   . THR C 1 21 ? 8.768   -9.376  13.805  1.00 14.27 ? 21  THR C N   1 
ATOM   900  C CA  . THR C 1 21 ? 9.085   -10.742 14.178  1.00 14.30 ? 21  THR C CA  1 
ATOM   901  C C   . THR C 1 21 ? 8.645   -11.706 13.085  1.00 18.07 ? 21  THR C C   1 
ATOM   902  O O   . THR C 1 21 ? 7.818   -11.361 12.236  1.00 17.27 ? 21  THR C O   1 
ATOM   903  C CB  . THR C 1 21 ? 8.400   -11.105 15.502  1.00 15.26 ? 21  THR C CB  1 
ATOM   904  O OG1 . THR C 1 21 ? 6.977   -11.085 15.331  1.00 19.24 ? 21  THR C OG1 1 
ATOM   905  C CG2 . THR C 1 21 ? 8.786   -10.115 16.588  1.00 13.78 ? 21  THR C CG2 1 
ATOM   906  N N   . PRO C 1 22 ? 9.199   -12.926 13.057  1.00 19.88 ? 22  PRO C N   1 
ATOM   907  C CA  . PRO C 1 22 ? 8.728   -13.908 12.064  1.00 13.22 ? 22  PRO C CA  1 
ATOM   908  C C   . PRO C 1 22 ? 7.242   -14.204 12.165  1.00 18.32 ? 22  PRO C C   1 
ATOM   909  O O   . PRO C 1 22 ? 6.593   -14.445 11.140  1.00 21.60 ? 22  PRO C O   1 
ATOM   910  C CB  . PRO C 1 22 ? 9.580   -15.145 12.375  1.00 14.70 ? 22  PRO C CB  1 
ATOM   911  C CG  . PRO C 1 22 ? 10.824  -14.594 12.981  1.00 22.68 ? 22  PRO C CG  1 
ATOM   912  C CD  . PRO C 1 22 ? 10.382  -13.408 13.790  1.00 16.46 ? 22  PRO C CD  1 
ATOM   913  N N   . SER C 1 23 ? 6.679   -14.183 13.376  1.00 19.71 ? 23  SER C N   1 
ATOM   914  C CA  . SER C 1 23 ? 5.248   -14.424 13.534  1.00 13.16 ? 23  SER C CA  1 
ATOM   915  C C   . SER C 1 23 ? 4.430   -13.316 12.883  1.00 17.52 ? 23  SER C C   1 
ATOM   916  O O   . SER C 1 23 ? 3.489   -13.585 12.126  1.00 20.13 ? 23  SER C O   1 
ATOM   917  C CB  . SER C 1 23 ? 4.903   -14.550 15.017  1.00 19.20 ? 23  SER C CB  1 
ATOM   918  O OG  . SER C 1 23 ? 5.669   -15.571 15.632  1.00 29.64 ? 23  SER C OG  1 
ATOM   919  N N   . GLN C 1 24 ? 4.774   -12.058 13.172  1.00 20.33 ? 24  GLN C N   1 
ATOM   920  C CA  . GLN C 1 24 ? 4.087   -10.936 12.540  1.00 13.64 ? 24  GLN C CA  1 
ATOM   921  C C   . GLN C 1 24 ? 4.268   -10.964 11.028  1.00 15.40 ? 24  GLN C C   1 
ATOM   922  O O   . GLN C 1 24 ? 3.352   -10.609 10.278  1.00 17.29 ? 24  GLN C O   1 
ATOM   923  C CB  . GLN C 1 24 ? 4.598   -9.616  13.116  1.00 11.99 ? 24  GLN C CB  1 
ATOM   924  C CG  . GLN C 1 24 ? 4.273   -9.405  14.585  1.00 13.76 ? 24  GLN C CG  1 
ATOM   925  C CD  . GLN C 1 24 ? 5.043   -8.248  15.187  1.00 14.77 ? 24  GLN C CD  1 
ATOM   926  O OE1 . GLN C 1 24 ? 6.148   -7.931  14.750  1.00 19.12 ? 24  GLN C OE1 1 
ATOM   927  N NE2 . GLN C 1 24 ? 4.461   -7.609  16.195  1.00 16.40 ? 24  GLN C NE2 1 
ATOM   928  N N   . CYS C 1 25 ? 5.446   -11.380 10.562  1.00 12.58 ? 25  CYS C N   1 
ATOM   929  C CA  . CYS C 1 25 ? 5.675   -11.475 9.127   1.00 11.84 ? 25  CYS C CA  1 
ATOM   930  C C   . CYS C 1 25 ? 4.893   -12.631 8.517   1.00 19.89 ? 25  CYS C C   1 
ATOM   931  O O   . CYS C 1 25 ? 4.483   -12.556 7.353   1.00 18.18 ? 25  CYS C O   1 
ATOM   932  C CB  . CYS C 1 25 ? 7.169   -11.627 8.847   1.00 13.33 ? 25  CYS C CB  1 
ATOM   933  S SG  . CYS C 1 25 ? 7.629   -11.347 7.129   1.00 22.88 ? 25  CYS C SG  1 
ATOM   934  N N   . ALA C 1 26 ? 4.674   -13.700 9.287   1.00 18.43 ? 26  ALA C N   1 
ATOM   935  C CA  . ALA C 1 26 ? 3.871   -14.818 8.811   1.00 17.09 ? 26  ALA C CA  1 
ATOM   936  C C   . ALA C 1 26 ? 2.384   -14.487 8.802   1.00 15.97 ? 26  ALA C C   1 
ATOM   937  O O   . ALA C 1 26 ? 1.647   -15.001 7.954   1.00 17.67 ? 26  ALA C O   1 
ATOM   938  C CB  . ALA C 1 26 ? 4.131   -16.058 9.669   1.00 16.89 ? 26  ALA C CB  1 
ATOM   939  N N   . ASN C 1 27 ? 1.925   -13.649 9.737   1.00 16.23 ? 27  ASN C N   1 
ATOM   940  C CA  . ASN C 1 27 ? 0.522   -13.248 9.743   1.00 15.37 ? 27  ASN C CA  1 
ATOM   941  C C   . ASN C 1 27 ? 0.158   -12.471 8.485   1.00 18.87 ? 27  ASN C C   1 
ATOM   942  O O   . ASN C 1 27 ? -0.982  -12.550 8.014   1.00 23.45 ? 27  ASN C O   1 
ATOM   943  C CB  . ASN C 1 27 ? 0.213   -12.408 10.984  1.00 18.37 ? 27  ASN C CB  1 
ATOM   944  C CG  . ASN C 1 27 ? 0.375   -13.186 12.272  1.00 20.57 ? 27  ASN C CG  1 
ATOM   945  O OD1 . ASN C 1 27 ? 0.358   -14.416 12.277  1.00 23.96 ? 27  ASN C OD1 1 
ATOM   946  N ND2 . ASN C 1 27 ? 0.524   -12.467 13.379  1.00 23.10 ? 27  ASN C ND2 1 
ATOM   947  N N   . LYS C 1 28 ? 1.106   -11.721 7.930   1.00 19.96 ? 28  LYS C N   1 
ATOM   948  C CA  . LYS C 1 28 ? 0.892   -10.957 6.711   1.00 17.60 ? 28  LYS C CA  1 
ATOM   949  C C   . LYS C 1 28 ? 1.188   -11.763 5.452   1.00 17.51 ? 28  LYS C C   1 
ATOM   950  O O   . LYS C 1 28 ? 1.117   -11.209 4.350   1.00 20.31 ? 28  LYS C O   1 
ATOM   951  C CB  . LYS C 1 28 ? 1.756   -9.689  6.733   1.00 15.74 ? 28  LYS C CB  1 
ATOM   952  C CG  . LYS C 1 28 ? 1.582   -8.854  7.992   1.00 22.09 ? 28  LYS C CG  1 
ATOM   953  C CD  . LYS C 1 28 ? 2.570   -7.695  8.064   1.00 25.14 ? 28  LYS C CD  1 
ATOM   954  C CE  . LYS C 1 28 ? 2.026   -6.435  7.400   1.00 25.33 ? 28  LYS C CE  1 
ATOM   955  N NZ  . LYS C 1 28 ? 1.951   -6.540  5.917   1.00 22.30 ? 28  LYS C NZ  1 
ATOM   956  N N   . GLY C 1 29 ? 1.512   -13.045 5.589   1.00 15.16 ? 29  GLY C N   1 
ATOM   957  C CA  . GLY C 1 29 ? 1.842   -13.875 4.443   1.00 14.11 ? 29  GLY C CA  1 
ATOM   958  C C   . GLY C 1 29 ? 3.083   -13.436 3.696   1.00 18.00 ? 29  GLY C C   1 
ATOM   959  O O   . GLY C 1 29 ? 3.110   -13.491 2.460   1.00 17.07 ? 29  GLY C O   1 
ATOM   960  N N   . CYS C 1 30 ? 4.113   -13.007 4.413   1.00 19.21 ? 30  CYS C N   1 
ATOM   961  C CA  . CYS C 1 30 ? 5.331   -12.480 3.816   1.00 18.37 ? 30  CYS C CA  1 
ATOM   962  C C   . CYS C 1 30 ? 6.528   -13.330 4.231   1.00 16.62 ? 30  CYS C C   1 
ATOM   963  O O   . CYS C 1 30 ? 6.399   -14.325 4.946   1.00 17.62 ? 30  CYS C O   1 
ATOM   964  C CB  . CYS C 1 30 ? 5.530   -11.013 4.205   1.00 17.08 ? 30  CYS C CB  1 
ATOM   965  S SG  . CYS C 1 30 ? 4.474   -9.863  3.294   1.00 18.27 ? 30  CYS C SG  1 
ATOM   966  N N   . CYS C 1 31 ? 7.706   -12.919 3.770   1.00 19.01 ? 31  CYS C N   1 
ATOM   967  C CA  . CYS C 1 31 ? 8.942   -13.665 3.958   1.00 19.61 ? 31  CYS C CA  1 
ATOM   968  C C   . CYS C 1 31 ? 9.865   -12.934 4.925   1.00 16.65 ? 31  CYS C C   1 
ATOM   969  O O   . CYS C 1 31 ? 9.889   -11.703 4.965   1.00 18.91 ? 31  CYS C O   1 
ATOM   970  C CB  . CYS C 1 31 ? 9.649   -13.871 2.620   1.00 22.28 ? 31  CYS C CB  1 
ATOM   971  S SG  . CYS C 1 31 ? 8.590   -14.574 1.337   1.00 24.80 ? 31  CYS C SG  1 
ATOM   972  N N   . PHE C 1 32 ? 10.636  -13.698 5.700   1.00 14.08 ? 32  PHE C N   1 
ATOM   973  C CA  . PHE C 1 32 ? 11.491  -13.139 6.741   1.00 17.86 ? 32  PHE C CA  1 
ATOM   974  C C   . PHE C 1 32 ? 12.945  -13.530 6.505   1.00 18.92 ? 32  PHE C C   1 
ATOM   975  O O   . PHE C 1 32 ? 13.241  -14.695 6.213   1.00 18.68 ? 32  PHE C O   1 
ATOM   976  C CB  . PHE C 1 32 ? 11.033  -13.606 8.130   1.00 14.73 ? 32  PHE C CB  1 
ATOM   977  C CG  . PHE C 1 32 ? 11.711  -12.889 9.262   1.00 13.59 ? 32  PHE C CG  1 
ATOM   978  C CD1 . PHE C 1 32 ? 11.191  -11.704 9.763   1.00 13.24 ? 32  PHE C CD1 1 
ATOM   979  C CD2 . PHE C 1 32 ? 12.868  -13.399 9.827   1.00 13.25 ? 32  PHE C CD2 1 
ATOM   980  C CE1 . PHE C 1 32 ? 11.815  -11.046 10.804  1.00 16.72 ? 32  PHE C CE1 1 
ATOM   981  C CE2 . PHE C 1 32 ? 13.493  -12.746 10.865  1.00 14.14 ? 32  PHE C CE2 1 
ATOM   982  C CZ  . PHE C 1 32 ? 12.967  -11.569 11.354  1.00 14.45 ? 32  PHE C CZ  1 
ATOM   983  N N   . ASP C 1 33 ? 13.845  -12.549 6.638   1.00 16.87 ? 33  ASP C N   1 
ATOM   984  C CA  . ASP C 1 33 ? 15.289  -12.750 6.523   1.00 16.19 ? 33  ASP C CA  1 
ATOM   985  C C   . ASP C 1 33 ? 16.046  -11.535 7.052   1.00 17.30 ? 33  ASP C C   1 
ATOM   986  O O   . ASP C 1 33 ? 16.170  -10.529 6.346   1.00 18.63 ? 33  ASP C O   1 
ATOM   987  C CB  . ASP C 1 33 ? 15.698  -13.007 5.064   1.00 14.62 ? 33  ASP C CB  1 
ATOM   988  C CG  . ASP C 1 33 ? 17.183  -13.298 4.912   1.00 17.65 ? 33  ASP C CG  1 
ATOM   989  O OD1 . ASP C 1 33 ? 17.853  -13.548 5.932   1.00 16.01 ? 33  ASP C OD1 1 
ATOM   990  O OD2 . ASP C 1 33 ? 17.682  -13.275 3.769   1.00 22.10 ? 33  ASP C OD2 1 
ATOM   991  N N   . ASP C 1 34 ? 16.593  -11.624 8.264   1.00 15.04 ? 34  ASP C N   1 
ATOM   992  C CA  . ASP C 1 34 ? 17.260  -10.493 8.897   1.00 19.26 ? 34  ASP C CA  1 
ATOM   993  C C   . ASP C 1 34 ? 18.783  -10.571 8.816   1.00 14.32 ? 34  ASP C C   1 
ATOM   994  O O   . ASP C 1 34 ? 19.471  -9.871  9.567   1.00 19.11 ? 34  ASP C O   1 
ATOM   995  C CB  . ASP C 1 34 ? 16.818  -10.368 10.358  1.00 15.43 ? 34  ASP C CB  1 
ATOM   996  C CG  . ASP C 1 34 ? 17.203  -11.574 11.203  1.00 15.78 ? 34  ASP C CG  1 
ATOM   997  O OD1 . ASP C 1 34 ? 17.729  -12.561 10.650  1.00 18.59 ? 34  ASP C OD1 1 
ATOM   998  O OD2 . ASP C 1 34 ? 16.980  -11.531 12.431  1.00 12.36 ? 34  ASP C OD2 1 
ATOM   999  N N   . THR C 1 35 ? 19.323  -11.399 7.925   1.00 18.43 ? 35  THR C N   1 
ATOM   1000 C CA  . THR C 1 35 ? 20.759  -11.618 7.829   1.00 17.02 ? 35  THR C CA  1 
ATOM   1001 C C   . THR C 1 35 ? 21.391  -10.867 6.662   1.00 22.27 ? 35  THR C C   1 
ATOM   1002 O O   . THR C 1 35 ? 22.502  -11.209 6.241   1.00 24.43 ? 35  THR C O   1 
ATOM   1003 C CB  . THR C 1 35 ? 21.051  -13.113 7.713   1.00 22.01 ? 35  THR C CB  1 
ATOM   1004 O OG1 . THR C 1 35 ? 20.528  -13.602 6.473   1.00 27.80 ? 35  THR C OG1 1 
ATOM   1005 C CG2 . THR C 1 35 ? 20.399  -13.868 8.862   1.00 22.83 ? 35  THR C CG2 1 
ATOM   1006 N N   . VAL C 1 36 ? 20.712  -9.853  6.131   1.00 23.74 ? 36  VAL C N   1 
ATOM   1007 C CA  . VAL C 1 36 ? 21.223  -9.043  5.030   1.00 20.15 ? 36  VAL C CA  1 
ATOM   1008 C C   . VAL C 1 36 ? 21.057  -7.578  5.408   1.00 25.16 ? 36  VAL C C   1 
ATOM   1009 O O   . VAL C 1 36 ? 19.929  -7.110  5.608   1.00 23.97 ? 36  VAL C O   1 
ATOM   1010 C CB  . VAL C 1 36 ? 20.504  -9.344  3.703   1.00 24.50 ? 36  VAL C CB  1 
ATOM   1011 C CG1 . VAL C 1 36 ? 21.113  -8.528  2.574   1.00 21.28 ? 36  VAL C CG1 1 
ATOM   1012 C CG2 . VAL C 1 36 ? 20.560  -10.831 3.383   1.00 21.23 ? 36  VAL C CG2 1 
ATOM   1013 N N   . ARG C 1 37 ? 22.172  -6.860  5.510   1.00 23.88 ? 37  ARG C N   1 
ATOM   1014 C CA  . ARG C 1 37 ? 22.131  -5.449  5.864   1.00 27.78 ? 37  ARG C CA  1 
ATOM   1015 C C   . ARG C 1 37 ? 21.586  -4.615  4.709   1.00 27.63 ? 37  ARG C C   1 
ATOM   1016 O O   . ARG C 1 37 ? 21.802  -4.920  3.534   1.00 32.78 ? 37  ARG C O   1 
ATOM   1017 C CB  . ARG C 1 37 ? 23.526  -4.956  6.253   1.00 29.30 ? 37  ARG C CB  1 
ATOM   1018 C CG  . ARG C 1 37 ? 23.968  -5.381  7.648   1.00 41.49 ? 37  ARG C CG  1 
ATOM   1019 C CD  . ARG C 1 37 ? 25.398  -4.952  7.945   1.00 49.40 ? 37  ARG C CD  1 
ATOM   1020 N NE  . ARG C 1 37 ? 26.327  -6.080  7.923   1.00 49.65 ? 37  ARG C NE  1 
ATOM   1021 C CZ  . ARG C 1 37 ? 27.172  -6.340  6.930   1.00 44.95 ? 37  ARG C CZ  1 
ATOM   1022 N NH1 . ARG C 1 37 ? 27.217  -5.546  5.869   1.00 53.22 ? 37  ARG C NH1 1 
ATOM   1023 N NH2 . ARG C 1 37 ? 27.975  -7.392  7.001   1.00 36.38 ? 37  ARG C NH2 1 
ATOM   1024 N N   . GLY C 1 38 ? 20.867  -3.549  5.059   1.00 17.55 ? 38  GLY C N   1 
ATOM   1025 C CA  . GLY C 1 38 ? 20.316  -2.643  4.076   1.00 15.80 ? 38  GLY C CA  1 
ATOM   1026 C C   . GLY C 1 38 ? 19.027  -3.091  3.422   1.00 23.16 ? 38  GLY C C   1 
ATOM   1027 O O   . GLY C 1 38 ? 18.491  -2.353  2.587   1.00 26.27 ? 38  GLY C O   1 
ATOM   1028 N N   . VAL C 1 39 ? 18.514  -4.269  3.764   1.00 17.52 ? 39  VAL C N   1 
ATOM   1029 C CA  . VAL C 1 39 ? 17.267  -4.762  3.182   1.00 17.77 ? 39  VAL C CA  1 
ATOM   1030 C C   . VAL C 1 39 ? 16.277  -5.041  4.309   1.00 16.09 ? 39  VAL C C   1 
ATOM   1031 O O   . VAL C 1 39 ? 16.693  -5.321  5.443   1.00 13.43 ? 39  VAL C O   1 
ATOM   1032 C CB  . VAL C 1 39 ? 17.504  -6.015  2.320   1.00 19.63 ? 39  VAL C CB  1 
ATOM   1033 C CG1 . VAL C 1 39 ? 18.724  -5.831  1.424   1.00 15.45 ? 39  VAL C CG1 1 
ATOM   1034 C CG2 . VAL C 1 39 ? 17.648  -7.251  3.190   1.00 24.53 ? 39  VAL C CG2 1 
ATOM   1035 N N   . PRO C 1 40 ? 14.972  -4.965  4.054   1.00 14.73 ? 40  PRO C N   1 
ATOM   1036 C CA  . PRO C 1 40 ? 13.999  -5.191  5.128   1.00 12.04 ? 40  PRO C CA  1 
ATOM   1037 C C   . PRO C 1 40 ? 13.955  -6.646  5.565   1.00 13.93 ? 40  PRO C C   1 
ATOM   1038 O O   . PRO C 1 40 ? 14.146  -7.569  4.769   1.00 14.81 ? 40  PRO C O   1 
ATOM   1039 C CB  . PRO C 1 40 ? 12.670  -4.762  4.497   1.00 10.33 ? 40  PRO C CB  1 
ATOM   1040 C CG  . PRO C 1 40 ? 12.882  -4.931  3.032   1.00 13.69 ? 40  PRO C CG  1 
ATOM   1041 C CD  . PRO C 1 40 ? 14.320  -4.583  2.789   1.00 14.14 ? 40  PRO C CD  1 
ATOM   1042 N N   . TRP C 1 41 ? 13.694  -6.839  6.860   1.00 11.89 ? 41  TRP C N   1 
ATOM   1043 C CA  . TRP C 1 41 ? 13.572  -8.188  7.405   1.00 12.85 ? 41  TRP C CA  1 
ATOM   1044 C C   . TRP C 1 41 ? 12.373  -8.911  6.806   1.00 13.24 ? 41  TRP C C   1 
ATOM   1045 O O   . TRP C 1 41 ? 12.491  -10.045 6.326   1.00 14.89 ? 41  TRP C O   1 
ATOM   1046 C CB  . TRP C 1 41 ? 13.452  -8.136  8.929   1.00 13.44 ? 41  TRP C CB  1 
ATOM   1047 C CG  . TRP C 1 41 ? 14.622  -7.513  9.637   1.00 17.17 ? 41  TRP C CG  1 
ATOM   1048 C CD1 . TRP C 1 41 ? 15.779  -7.056  9.075   1.00 16.35 ? 41  TRP C CD1 1 
ATOM   1049 C CD2 . TRP C 1 41 ? 14.742  -7.281  11.045  1.00 13.16 ? 41  TRP C CD2 1 
ATOM   1050 N NE1 . TRP C 1 41 ? 16.612  -6.554  10.046  1.00 13.29 ? 41  TRP C NE1 1 
ATOM   1051 C CE2 . TRP C 1 41 ? 15.997  -6.681  11.264  1.00 14.01 ? 41  TRP C CE2 1 
ATOM   1052 C CE3 . TRP C 1 41 ? 13.909  -7.523  12.143  1.00 10.76 ? 41  TRP C CE3 1 
ATOM   1053 C CZ2 . TRP C 1 41 ? 16.439  -6.317  12.535  1.00 17.76 ? 41  TRP C CZ2 1 
ATOM   1054 C CZ3 . TRP C 1 41 ? 14.350  -7.164  13.404  1.00 10.98 ? 41  TRP C CZ3 1 
ATOM   1055 C CH2 . TRP C 1 41 ? 15.602  -6.567  13.589  1.00 15.40 ? 41  TRP C CH2 1 
ATOM   1056 N N   . CYS C 1 42 ? 11.209  -8.268  6.825   1.00 11.70 ? 42  CYS C N   1 
ATOM   1057 C CA  . CYS C 1 42 ? 9.969   -8.839  6.317   1.00 14.88 ? 42  CYS C CA  1 
ATOM   1058 C C   . CYS C 1 42 ? 9.680   -8.244  4.946   1.00 15.48 ? 42  CYS C C   1 
ATOM   1059 O O   . CYS C 1 42 ? 9.434   -7.040  4.831   1.00 16.20 ? 42  CYS C O   1 
ATOM   1060 C CB  . CYS C 1 42 ? 8.817   -8.568  7.282   1.00 13.60 ? 42  CYS C CB  1 
ATOM   1061 S SG  . CYS C 1 42 ? 7.265   -9.369  6.837   1.00 21.44 ? 42  CYS C SG  1 
ATOM   1062 N N   . PHE C 1 43 ? 9.706   -9.085  3.913   1.00 15.33 ? 43  PHE C N   1 
ATOM   1063 C CA  . PHE C 1 43 ? 9.551   -8.627  2.541   1.00 17.63 ? 43  PHE C CA  1 
ATOM   1064 C C   . PHE C 1 43 ? 8.495   -9.451  1.817   1.00 13.22 ? 43  PHE C C   1 
ATOM   1065 O O   . PHE C 1 43 ? 8.165   -10.571 2.215   1.00 13.96 ? 43  PHE C O   1 
ATOM   1066 C CB  . PHE C 1 43 ? 10.884  -8.680  1.774   1.00 12.67 ? 43  PHE C CB  1 
ATOM   1067 C CG  . PHE C 1 43 ? 11.520  -10.043 1.740   1.00 15.28 ? 43  PHE C CG  1 
ATOM   1068 C CD1 . PHE C 1 43 ? 12.292  -10.491 2.801   1.00 14.21 ? 43  PHE C CD1 1 
ATOM   1069 C CD2 . PHE C 1 43 ? 11.360  -10.872 0.641   1.00 13.02 ? 43  PHE C CD2 1 
ATOM   1070 C CE1 . PHE C 1 43 ? 12.881  -11.744 2.772   1.00 12.26 ? 43  PHE C CE1 1 
ATOM   1071 C CE2 . PHE C 1 43 ? 11.950  -12.124 0.605   1.00 14.48 ? 43  PHE C CE2 1 
ATOM   1072 C CZ  . PHE C 1 43 ? 12.712  -12.560 1.671   1.00 11.38 ? 43  PHE C CZ  1 
ATOM   1073 N N   . TYR C 1 44 ? 7.967   -8.872  0.730   1.00 19.06 ? 44  TYR C N   1 
ATOM   1074 C CA  . TYR C 1 44 ? 6.914   -9.496  -0.060  1.00 17.43 ? 44  TYR C CA  1 
ATOM   1075 C C   . TYR C 1 44 ? 7.488   -10.592 -0.954  1.00 18.86 ? 44  TYR C C   1 
ATOM   1076 O O   . TYR C 1 44 ? 8.616   -10.474 -1.440  1.00 18.84 ? 44  TYR C O   1 
ATOM   1077 C CB  . TYR C 1 44 ? 6.196   -8.459  -0.922  1.00 16.11 ? 44  TYR C CB  1 
ATOM   1078 C CG  . TYR C 1 44 ? 5.351   -7.480  -0.141  1.00 18.73 ? 44  TYR C CG  1 
ATOM   1079 C CD1 . TYR C 1 44 ? 4.133   -7.865  0.403   1.00 19.42 ? 44  TYR C CD1 1 
ATOM   1080 C CD2 . TYR C 1 44 ? 5.764   -6.168  0.044   1.00 22.07 ? 44  TYR C CD2 1 
ATOM   1081 C CE1 . TYR C 1 44 ? 3.354   -6.974  1.116   1.00 20.86 ? 44  TYR C CE1 1 
ATOM   1082 C CE2 . TYR C 1 44 ? 4.991   -5.267  0.754   1.00 29.90 ? 44  TYR C CE2 1 
ATOM   1083 C CZ  . TYR C 1 44 ? 3.787   -5.677  1.288   1.00 24.82 ? 44  TYR C CZ  1 
ATOM   1084 O OH  . TYR C 1 44 ? 3.015   -4.784  1.996   1.00 29.26 ? 44  TYR C OH  1 
ATOM   1085 N N   . PRO C 1 45 ? 6.737   -11.662 -1.186  1.00 15.76 ? 45  PRO C N   1 
ATOM   1086 C CA  . PRO C 1 45 ? 7.194   -12.718 -2.092  1.00 14.09 ? 45  PRO C CA  1 
ATOM   1087 C C   . PRO C 1 45 ? 6.936   -12.350 -3.548  1.00 15.44 ? 45  PRO C C   1 
ATOM   1088 O O   . PRO C 1 45 ? 6.227   -11.394 -3.868  1.00 13.29 ? 45  PRO C O   1 
ATOM   1089 C CB  . PRO C 1 45 ? 6.349   -13.923 -1.671  1.00 21.62 ? 45  PRO C CB  1 
ATOM   1090 C CG  . PRO C 1 45 ? 5.074   -13.310 -1.191  1.00 18.72 ? 45  PRO C CG  1 
ATOM   1091 C CD  . PRO C 1 45 ? 5.459   -12.005 -0.536  1.00 13.59 ? 45  PRO C CD  1 
ATOM   1092 N N   . ASN C 1 46 ? 7.539   -13.131 -4.436  1.00 17.41 ? 46  ASN C N   1 
ATOM   1093 C CA  . ASN C 1 46 ? 7.307   -13.024 -5.868  1.00 19.05 ? 46  ASN C CA  1 
ATOM   1094 C C   . ASN C 1 46 ? 6.464   -14.200 -6.342  1.00 22.45 ? 46  ASN C C   1 
ATOM   1095 O O   . ASN C 1 46 ? 6.300   -15.203 -5.644  1.00 22.94 ? 46  ASN C O   1 
ATOM   1096 C CB  . ASN C 1 46 ? 8.630   -12.971 -6.642  1.00 20.48 ? 46  ASN C CB  1 
ATOM   1097 C CG  . ASN C 1 46 ? 9.361   -11.655 -6.464  1.00 23.39 ? 46  ASN C CG  1 
ATOM   1098 O OD1 . ASN C 1 46 ? 8.753   -10.628 -6.166  1.00 25.51 ? 46  ASN C OD1 1 
ATOM   1099 N ND2 . ASN C 1 46 ? 10.674  -11.678 -6.654  1.00 27.08 ? 46  ASN C ND2 1 
ATOM   1100 N N   . THR C 1 47 ? 5.924   -14.063 -7.549  1.00 30.29 ? 47  THR C N   1 
ATOM   1101 C CA  . THR C 1 47 ? 5.141   -15.129 -8.153  1.00 36.15 ? 47  THR C CA  1 
ATOM   1102 C C   . THR C 1 47 ? 6.062   -16.184 -8.756  1.00 32.31 ? 47  THR C C   1 
ATOM   1103 O O   . THR C 1 47 ? 7.129   -15.874 -9.295  1.00 36.53 ? 47  THR C O   1 
ATOM   1104 C CB  . THR C 1 47 ? 4.206   -14.568 -9.228  1.00 30.50 ? 47  THR C CB  1 
ATOM   1105 O OG1 . THR C 1 47 ? 3.497   -13.440 -8.703  1.00 34.76 ? 47  THR C OG1 1 
ATOM   1106 C CG2 . THR C 1 47 ? 3.199   -15.618 -9.671  1.00 35.77 ? 47  THR C CG2 1 
ATOM   1107 N N   . ILE C 1 48 ? 5.644   -17.441 -8.650  1.00 33.67 ? 48  ILE C N   1 
ATOM   1108 C CA  . ILE C 1 48 ? 6.420   -18.552 -9.187  1.00 33.00 ? 48  ILE C CA  1 
ATOM   1109 C C   . ILE C 1 48 ? 6.291   -18.613 -10.705 1.00 37.66 ? 48  ILE C C   1 
ATOM   1110 O O   . ILE C 1 48 ? 5.564   -17.825 -11.310 1.00 45.35 ? 48  ILE C O   1 
ATOM   1111 C CB  . ILE C 1 48 ? 5.990   -19.884 -8.551  1.00 33.43 ? 48  ILE C CB  1 
ATOM   1112 C CG1 . ILE C 1 48 ? 6.236   -19.856 -7.041  1.00 29.95 ? 48  ILE C CG1 1 
ATOM   1113 C CG2 . ILE C 1 48 ? 6.732   -21.043 -9.197  1.00 32.52 ? 48  ILE C CG2 1 
ATOM   1114 C CD1 . ILE C 1 48 ? 5.792   -21.114 -6.327  1.00 32.00 ? 48  ILE C CD1 1 
HETATM 1115 O O   . HOH D 2 .  ? 0.027   7.053   3.777   1.00 17.74 ? 101 HOH A O   1 
HETATM 1116 O O   . HOH D 2 .  ? -1.002  19.225  3.161   1.00 16.10 ? 102 HOH A O   1 
HETATM 1117 O O   . HOH D 2 .  ? -1.998  9.813   -7.108  1.00 22.54 ? 103 HOH A O   1 
HETATM 1118 O O   . HOH D 2 .  ? -12.692 7.931   0.277   1.00 20.94 ? 104 HOH A O   1 
HETATM 1119 O O   . HOH D 2 .  ? -3.948  3.396   8.027   1.00 20.07 ? 105 HOH A O   1 
HETATM 1120 O O   . HOH D 2 .  ? -9.363  5.835   7.419   1.00 22.72 ? 106 HOH A O   1 
HETATM 1121 O O   . HOH D 2 .  ? -2.614  14.423  16.432  1.00 23.71 ? 107 HOH A O   1 
HETATM 1122 O O   . HOH D 2 .  ? -4.661  10.677  9.906   1.00 19.32 ? 108 HOH A O   1 
HETATM 1123 O O   . HOH D 2 .  ? -7.996  11.115  -8.921  1.00 20.29 ? 109 HOH A O   1 
HETATM 1124 O O   . HOH D 2 .  ? -1.158  -4.393  0.661   1.00 32.18 ? 110 HOH A O   1 
HETATM 1125 O O   . HOH D 2 .  ? 7.459   12.021  9.274   1.00 21.25 ? 111 HOH A O   1 
HETATM 1126 O O   . HOH D 2 .  ? -2.767  16.641  -10.350 1.00 23.29 ? 112 HOH A O   1 
HETATM 1127 O O   . HOH D 2 .  ? -7.980  18.755  6.367   1.00 25.56 ? 113 HOH A O   1 
HETATM 1128 O O   . HOH D 2 .  ? -5.123  16.348  -9.862  1.00 20.50 ? 114 HOH A O   1 
HETATM 1129 O O   . HOH D 2 .  ? -4.117  22.121  -6.555  1.00 25.34 ? 115 HOH A O   1 
HETATM 1130 O O   . HOH D 2 .  ? -5.623  5.783   -0.990  1.00 13.44 ? 116 HOH A O   1 
HETATM 1131 O O   . HOH D 2 .  ? -2.158  21.568  1.681   1.00 8.60  ? 117 HOH A O   1 
HETATM 1132 O O   . HOH D 2 .  ? -0.791  16.515  -8.376  1.00 21.58 ? 118 HOH A O   1 
HETATM 1133 O O   . HOH D 2 .  ? 1.143   28.464  12.156  1.00 24.26 ? 119 HOH A O   1 
HETATM 1134 O O   . HOH D 2 .  ? -6.388  8.074   -0.108  1.00 13.39 ? 120 HOH A O   1 
HETATM 1135 O O   . HOH D 2 .  ? -6.130  7.229   14.295  1.00 21.64 ? 121 HOH A O   1 
HETATM 1136 O O   . HOH D 2 .  ? 2.246   2.194   12.093  1.00 21.67 ? 122 HOH A O   1 
HETATM 1137 O O   . HOH D 2 .  ? -0.336  -6.561  1.977   1.00 24.75 ? 123 HOH A O   1 
HETATM 1138 O O   . HOH D 2 .  ? 4.647   18.086  7.830   1.00 13.89 ? 124 HOH A O   1 
HETATM 1139 O O   . HOH D 2 .  ? 5.590   7.386   10.114  1.00 16.44 ? 125 HOH A O   1 
HETATM 1140 O O   . HOH D 2 .  ? -3.228  8.979   -9.102  1.00 22.13 ? 126 HOH A O   1 
HETATM 1141 O O   . HOH D 2 .  ? -9.448  18.468  -4.095  1.00 30.88 ? 127 HOH A O   1 
HETATM 1142 O O   . HOH D 2 .  ? -4.673  14.566  15.448  1.00 20.34 ? 128 HOH A O   1 
HETATM 1143 O O   . HOH D 2 .  ? -6.710  15.849  15.317  1.00 25.52 ? 129 HOH A O   1 
HETATM 1144 O O   . HOH D 2 .  ? 2.801   14.852  2.960   1.00 15.15 ? 130 HOH A O   1 
HETATM 1145 O O   . HOH D 2 .  ? 5.523   9.600   8.582   1.00 17.89 ? 131 HOH A O   1 
HETATM 1146 O O   . HOH D 2 .  ? -3.169  -0.639  8.491   1.00 21.85 ? 132 HOH A O   1 
HETATM 1147 O O   . HOH D 2 .  ? -4.946  11.273  12.121  1.00 21.26 ? 133 HOH A O   1 
HETATM 1148 O O   . HOH D 2 .  ? -13.928 12.809  -4.784  1.00 30.52 ? 134 HOH A O   1 
HETATM 1149 O O   . HOH E 2 .  ? 4.072   15.142  -5.941  1.00 25.61 ? 101 HOH B O   1 
HETATM 1150 O O   . HOH E 2 .  ? 10.210  2.224   -10.737 1.00 26.81 ? 102 HOH B O   1 
HETATM 1151 O O   . HOH E 2 .  ? -3.222  6.756   -10.545 1.00 13.40 ? 103 HOH B O   1 
HETATM 1152 O O   . HOH E 2 .  ? -2.081  -1.588  -0.422  1.00 25.86 ? 104 HOH B O   1 
HETATM 1153 O O   . HOH E 2 .  ? -18.157 2.757   2.317   1.00 33.94 ? 105 HOH B O   1 
HETATM 1154 O O   . HOH E 2 .  ? -0.062  7.851   -6.625  1.00 16.10 ? 106 HOH B O   1 
HETATM 1155 O O   . HOH E 2 .  ? -18.805 -0.905  -4.239  1.00 19.12 ? 107 HOH B O   1 
HETATM 1156 O O   . HOH E 2 .  ? -7.652  -8.752  -13.082 1.00 14.44 ? 108 HOH B O   1 
HETATM 1157 O O   . HOH E 2 .  ? -18.249 -3.834  1.483   1.00 16.30 ? 109 HOH B O   1 
HETATM 1158 O O   . HOH E 2 .  ? -5.837  4.903   -3.807  1.00 14.33 ? 110 HOH B O   1 
HETATM 1159 O O   . HOH E 2 .  ? -10.953 -3.138  -11.949 1.00 18.11 ? 111 HOH B O   1 
HETATM 1160 O O   . HOH E 2 .  ? 3.918   0.986   -2.144  1.00 17.83 ? 112 HOH B O   1 
HETATM 1161 O O   . HOH E 2 .  ? -11.956 -5.909  -5.254  1.00 15.99 ? 113 HOH B O   1 
HETATM 1162 O O   . HOH E 2 .  ? -4.368  -14.300 -20.202 1.00 40.32 ? 114 HOH B O   1 
HETATM 1163 O O   . HOH E 2 .  ? -10.385 0.897   -16.666 1.00 23.45 ? 115 HOH B O   1 
HETATM 1164 O O   . HOH E 2 .  ? -2.945  -4.876  -9.807  1.00 24.31 ? 116 HOH B O   1 
HETATM 1165 O O   . HOH E 2 .  ? -4.062  -10.092 -5.332  1.00 25.40 ? 117 HOH B O   1 
HETATM 1166 O O   . HOH E 2 .  ? -5.910  -11.279 -8.047  1.00 21.16 ? 118 HOH B O   1 
HETATM 1167 O O   . HOH E 2 .  ? -6.379  -6.376  -19.953 1.00 19.08 ? 119 HOH B O   1 
HETATM 1168 O O   . HOH E 2 .  ? -13.871 -7.233  -6.741  1.00 14.04 ? 120 HOH B O   1 
HETATM 1169 O O   . HOH E 2 .  ? -0.092  1.682   -1.883  1.00 21.93 ? 121 HOH B O   1 
HETATM 1170 O O   . HOH E 2 .  ? 6.082   10.670  -10.785 1.00 27.55 ? 122 HOH B O   1 
HETATM 1171 O O   . HOH E 2 .  ? -6.868  1.847   -15.408 1.00 14.89 ? 123 HOH B O   1 
HETATM 1172 O O   . HOH E 2 .  ? 3.164   -1.167  -6.505  1.00 22.32 ? 124 HOH B O   1 
HETATM 1173 O O   . HOH E 2 .  ? -9.052  4.538   -8.963  1.00 13.28 ? 125 HOH B O   1 
HETATM 1174 O O   . HOH E 2 .  ? 1.353   -2.729  -5.513  1.00 22.52 ? 126 HOH B O   1 
HETATM 1175 O O   . HOH E 2 .  ? -6.256  -12.911 -19.384 1.00 38.73 ? 127 HOH B O   1 
HETATM 1176 O O   . HOH E 2 .  ? -6.098  1.357   -17.653 1.00 17.71 ? 128 HOH B O   1 
HETATM 1177 O O   . HOH E 2 .  ? -19.651 -6.113  1.374   1.00 19.10 ? 129 HOH B O   1 
HETATM 1178 O O   . HOH E 2 .  ? -17.681 5.105   -0.628  1.00 16.83 ? 130 HOH B O   1 
HETATM 1179 O O   . HOH E 2 .  ? -8.522  2.702   -13.527 1.00 17.50 ? 131 HOH B O   1 
HETATM 1180 O O   . HOH E 2 .  ? -14.196 7.092   -1.732  1.00 23.65 ? 132 HOH B O   1 
HETATM 1181 O O   . HOH E 2 .  ? -0.691  -4.908  -10.202 1.00 18.77 ? 133 HOH B O   1 
HETATM 1182 O O   . HOH E 2 .  ? -20.716 0.286   -2.684  1.00 31.45 ? 134 HOH B O   1 
HETATM 1183 O O   . HOH F 2 .  ? 12.903  -3.841  -9.217  1.00 33.92 ? 101 HOH C O   1 
HETATM 1184 O O   . HOH F 2 .  ? 17.766  -8.644  6.199   1.00 20.39 ? 102 HOH C O   1 
HETATM 1185 O O   . HOH F 2 .  ? 4.440   -20.102 -1.539  1.00 20.39 ? 103 HOH C O   1 
HETATM 1186 O O   . HOH F 2 .  ? 7.974   -14.735 16.128  1.00 17.37 ? 104 HOH C O   1 
HETATM 1187 O O   . HOH F 2 .  ? 5.899   -11.349 17.646  1.00 23.31 ? 105 HOH C O   1 
HETATM 1188 O O   . HOH F 2 .  ? 15.765  -4.391  -0.761  1.00 15.92 ? 106 HOH C O   1 
HETATM 1189 O O   . HOH F 2 .  ? 16.527  -14.542 9.440   1.00 13.78 ? 107 HOH C O   1 
HETATM 1190 O O   . HOH F 2 .  ? 15.455  -9.651  3.853   1.00 15.60 ? 108 HOH C O   1 
HETATM 1191 O O   . HOH F 2 .  ? 12.640  -9.859  14.842  1.00 20.18 ? 109 HOH C O   1 
HETATM 1192 O O   . HOH F 2 .  ? 1.057   -10.256 1.838   1.00 16.72 ? 110 HOH C O   1 
HETATM 1193 O O   . HOH F 2 .  ? 7.652   -6.339  16.923  1.00 22.83 ? 111 HOH C O   1 
HETATM 1194 O O   . HOH F 2 .  ? 10.774  -5.156  7.407   1.00 10.57 ? 112 HOH C O   1 
HETATM 1195 O O   . HOH F 2 .  ? 15.024  -10.202 13.837  1.00 19.40 ? 113 HOH C O   1 
HETATM 1196 O O   . HOH F 2 .  ? 9.439   -8.253  -2.896  1.00 19.03 ? 114 HOH C O   1 
HETATM 1197 O O   . HOH F 2 .  ? 20.465  -8.355  -4.652  1.00 23.97 ? 115 HOH C O   1 
HETATM 1198 O O   . HOH F 2 .  ? 4.730   -16.716 4.590   1.00 14.45 ? 116 HOH C O   1 
HETATM 1199 O O   . HOH F 2 .  ? 19.186  0.540   2.057   1.00 29.72 ? 117 HOH C O   1 
HETATM 1200 O O   . HOH F 2 .  ? 11.931  -1.836  0.549   1.00 22.30 ? 118 HOH C O   1 
HETATM 1201 O O   . HOH F 2 .  ? 9.146   -20.075 -0.822  1.00 23.94 ? 119 HOH C O   1 
HETATM 1202 O O   . HOH F 2 .  ? 6.569   -17.880 13.567  1.00 28.25 ? 120 HOH C O   1 
HETATM 1203 O O   . HOH F 2 .  ? 11.304  -16.516 4.225   1.00 19.36 ? 121 HOH C O   1 
HETATM 1204 O O   . HOH F 2 .  ? 20.328  -6.672  9.295   1.00 24.74 ? 122 HOH C O   1 
HETATM 1205 O O   . HOH F 2 .  ? 0.952   -13.380 -0.081  1.00 21.66 ? 123 HOH C O   1 
HETATM 1206 O O   . HOH F 2 .  ? 3.188   -10.062 -3.359  1.00 24.04 ? 124 HOH C O   1 
HETATM 1207 O O   . HOH F 2 .  ? 8.038   -3.605  17.126  1.00 24.03 ? 125 HOH C O   1 
HETATM 1208 O O   . HOH F 2 .  ? 25.220  -8.657  4.571   1.00 34.25 ? 126 HOH C O   1 
HETATM 1209 O O   . HOH F 2 .  ? 15.448  -15.881 2.177   1.00 23.79 ? 127 HOH C O   1 
HETATM 1210 O O   . HOH F 2 .  ? 9.822   -1.068  -1.224  1.00 28.11 ? 128 HOH C O   1 
# 
